data_3UTS
#
_entry.id   3UTS
#
_cell.length_a   93.680
_cell.length_b   84.590
_cell.length_c   126.280
_cell.angle_alpha   90.000
_cell.angle_beta   90.030
_cell.angle_gamma   90.000
#
_symmetry.space_group_name_H-M   'P 1 21 1'
#
loop_
_entity.id
_entity.type
_entity.pdbx_description
1 polymer 'HLA class I histocompatibility antigen, A-2 alpha chain'
2 polymer Beta-2-microglobulin
3 polymer Insulin
4 polymer '1E6 TCR Alpha Chain'
5 polymer '1E6 TCR Beta Chain'
6 non-polymer 'SULFATE ION'
7 non-polymer GLYCEROL
8 water water
#
loop_
_entity_poly.entity_id
_entity_poly.type
_entity_poly.pdbx_seq_one_letter_code
_entity_poly.pdbx_strand_id
1 'polypeptide(L)'
;GSHSMRYFFTSVSRPGRGEPRFIAVGYVDDTQFVRFDSDAASQRMEPRAPWIEQEGPEYWDGETRKVKAHSQTHRVDLGT
LRGYYNQSEAGSHTVQRMYGCDVGSDWRFLRGYHQYAYDGKDYIALKEDLRSWTAADMAAQTTKHKWEAAHVAEQLRAYL
EGTCVEWLRRYLENGKETLQRTDAPKTHMTHHAVSDHEATLRCWALSFYPAEITLTWQRDGEDQTQDTELVETRPAGDGT
FQKWAAVVVPSGQEQRYTCHVQHEGLPKPLTLRWEP
;
A,F
2 'polypeptide(L)'
;MIQRTPKIQVYSRHPAENGKSNFLNCYVSGFHPSDIEVDLLKNGERIEKVEHSDLSFSKDWSFYLLYYTEFTPTEKDEYA
CRVNHVTLSQPKIVKWDRDM
;
B,G
3 'polypeptide(L)' ALWGPDPAAA C,H
4 'polypeptide(L)'
;KEVEQDPGPLSVPEGAIVSLNCTYSNSAFQYFMWYRQYSRKGPELLMYTYSSGNKEDGRFTAQVDKSSKYISLFIRDSQP
SDSATYLCAMRGDSSYKLIFGSGTRLLVRPDIQNPDPAVYQLRDSKSSDKSVCLFTDFDSQTNVSQSKDSDVYITDKCVL
DMRSMDFKSNSAVAWSNKSDFACANAFNNSIIPEDTFFPSP
;
D,I
5 'polypeptide(L)'
;DAGVIQSPRHEVTEMGQQVTLRCKPISGHDYLFWYRQTMMRGLELLIYFNNNVPIDDSGMPEDRFSAKMPNASFSTLKIQ
PSEPRDSAVYFCASSLWEKLAKNIQYFGAGTRLSVLEDLKNVFPPEVAVFEPSEAEISHTQKATLVCLATGFYPDHVELS
WWVNGKEVHSGVCTDPQPLKEQPALNDSRYALSSRLRVSATFWQDPRNHFRCQVQFYGLSENDEWTQDRAKPVTQIVSAE
AWGRAD
;
E,J
#
loop_
_chem_comp.id
_chem_comp.type
_chem_comp.name
_chem_comp.formula
GOL non-polymer GLYCEROL 'C3 H8 O3'
SO4 non-polymer 'SULFATE ION' 'O4 S -2'
#
# COMPACT_ATOMS: atom_id res chain seq x y z
N GLY A 1 -1.70 35.51 -36.22
CA GLY A 1 -0.41 35.12 -36.86
C GLY A 1 0.15 33.82 -36.32
N SER A 2 -0.14 33.53 -35.05
CA SER A 2 0.32 32.33 -34.37
C SER A 2 -0.82 31.27 -34.34
N HIS A 3 -0.49 29.98 -34.57
CA HIS A 3 -1.51 28.90 -34.60
C HIS A 3 -1.19 27.75 -33.62
N SER A 4 -2.15 26.82 -33.44
CA SER A 4 -1.94 25.69 -32.54
C SER A 4 -2.81 24.49 -32.84
N MET A 5 -2.36 23.33 -32.36
CA MET A 5 -3.11 22.08 -32.49
C MET A 5 -3.10 21.41 -31.17
N ARG A 6 -4.30 21.09 -30.67
CA ARG A 6 -4.43 20.45 -29.36
C ARG A 6 -5.43 19.30 -29.32
N TYR A 7 -5.12 18.30 -28.50
CA TYR A 7 -5.98 17.16 -28.27
C TYR A 7 -6.41 17.08 -26.80
N PHE A 8 -7.71 16.96 -26.58
CA PHE A 8 -8.25 16.85 -25.23
C PHE A 8 -8.89 15.49 -25.06
N PHE A 9 -8.47 14.76 -24.04
CA PHE A 9 -8.99 13.42 -23.77
C PHE A 9 -9.63 13.35 -22.38
N THR A 10 -10.76 12.65 -22.27
CA THR A 10 -11.44 12.55 -20.98
C THR A 10 -11.83 11.13 -20.72
N SER A 11 -11.48 10.62 -19.53
CA SER A 11 -11.85 9.25 -19.16
C SER A 11 -12.47 9.20 -17.76
N VAL A 12 -13.70 8.70 -17.69
CA VAL A 12 -14.39 8.62 -16.44
C VAL A 12 -14.85 7.18 -16.12
N SER A 13 -14.46 6.70 -14.94
CA SER A 13 -14.84 5.38 -14.50
C SER A 13 -16.30 5.38 -14.16
N ARG A 14 -16.99 4.30 -14.60
CA ARG A 14 -18.38 4.08 -14.32
C ARG A 14 -18.49 2.75 -13.61
N PRO A 15 -18.06 2.72 -12.35
CA PRO A 15 -18.03 1.55 -11.43
C PRO A 15 -19.16 0.55 -11.56
N GLY A 16 -20.37 1.02 -11.83
CA GLY A 16 -21.53 0.11 -11.93
C GLY A 16 -22.00 -0.29 -13.32
N ARG A 17 -21.19 -0.05 -14.35
CA ARG A 17 -21.59 -0.42 -15.73
C ARG A 17 -20.45 -0.48 -16.77
N GLY A 18 -19.91 -1.70 -16.93
CA GLY A 18 -18.85 -1.99 -17.91
C GLY A 18 -17.80 -0.92 -18.09
N GLU A 19 -17.31 -0.78 -19.31
CA GLU A 19 -16.30 0.19 -19.62
C GLU A 19 -16.58 1.61 -19.12
N PRO A 20 -15.52 2.37 -18.92
CA PRO A 20 -15.60 3.74 -18.57
C PRO A 20 -15.74 4.59 -19.84
N ARG A 21 -16.38 5.74 -19.70
CA ARG A 21 -16.58 6.64 -20.79
C ARG A 21 -15.26 7.20 -21.23
N PHE A 22 -15.06 7.29 -22.55
CA PHE A 22 -13.84 7.89 -23.09
C PHE A 22 -14.14 8.80 -24.24
N ILE A 23 -13.83 10.08 -24.09
CA ILE A 23 -14.06 11.08 -25.16
C ILE A 23 -12.78 11.78 -25.59
N ALA A 24 -12.52 11.80 -26.88
CA ALA A 24 -11.34 12.48 -27.41
C ALA A 24 -11.76 13.47 -28.44
N VAL A 25 -11.14 14.65 -28.40
CA VAL A 25 -11.41 15.70 -29.37
C VAL A 25 -10.10 16.34 -29.82
N GLY A 26 -10.07 16.82 -31.06
CA GLY A 26 -8.91 17.50 -31.60
C GLY A 26 -9.34 18.90 -32.02
N TYR A 27 -8.42 19.84 -31.90
CA TYR A 27 -8.67 21.23 -32.26
C TYR A 27 -7.48 21.87 -32.94
N VAL A 28 -7.76 22.63 -33.98
CA VAL A 28 -6.77 23.45 -34.60
C VAL A 28 -7.26 24.84 -34.21
N ASP A 29 -6.54 25.49 -33.30
CA ASP A 29 -6.93 26.79 -32.75
C ASP A 29 -8.21 26.67 -31.94
N ASP A 30 -9.28 27.29 -32.39
CA ASP A 30 -10.56 27.25 -31.71
C ASP A 30 -11.57 26.45 -32.55
N THR A 31 -11.10 25.84 -33.63
CA THR A 31 -11.97 25.05 -34.47
C THR A 31 -11.62 23.57 -34.40
N GLN A 32 -12.65 22.78 -34.10
CA GLN A 32 -12.55 21.34 -33.91
C GLN A 32 -12.58 20.57 -35.21
N PHE A 33 -11.77 19.51 -35.31
CA PHE A 33 -11.71 18.69 -36.53
C PHE A 33 -11.94 17.16 -36.34
N VAL A 34 -11.75 16.62 -35.14
CA VAL A 34 -11.96 15.17 -34.91
C VAL A 34 -12.62 14.85 -33.59
N ARG A 35 -13.17 13.66 -33.47
CA ARG A 35 -13.78 13.22 -32.23
C ARG A 35 -13.94 11.73 -32.18
N PHE A 36 -13.86 11.20 -30.96
CA PHE A 36 -14.07 9.77 -30.69
C PHE A 36 -14.88 9.63 -29.40
N ASP A 37 -15.94 8.82 -29.44
CA ASP A 37 -16.77 8.61 -28.27
C ASP A 37 -16.94 7.14 -28.00
N SER A 38 -16.35 6.66 -26.92
CA SER A 38 -16.44 5.26 -26.55
C SER A 38 -17.86 4.73 -26.68
N ASP A 39 -18.84 5.57 -26.35
CA ASP A 39 -20.25 5.17 -26.40
C ASP A 39 -20.96 5.49 -27.72
N ALA A 40 -20.19 5.65 -28.78
CA ALA A 40 -20.75 5.86 -30.12
C ALA A 40 -20.60 4.53 -30.84
N ALA A 41 -21.60 4.16 -31.63
CA ALA A 41 -21.60 2.87 -32.37
C ALA A 41 -20.41 2.74 -33.30
N SER A 42 -20.00 3.87 -33.86
CA SER A 42 -18.90 3.97 -34.81
C SER A 42 -17.62 3.31 -34.35
N GLN A 43 -17.19 3.64 -33.15
CA GLN A 43 -15.92 3.12 -32.65
C GLN A 43 -14.84 3.48 -33.68
N ARG A 44 -14.97 4.68 -34.25
CA ARG A 44 -14.01 5.19 -35.23
C ARG A 44 -13.76 6.64 -34.91
N MET A 45 -12.56 7.13 -35.18
CA MET A 45 -12.29 8.54 -35.04
C MET A 45 -13.14 9.14 -36.18
N GLU A 46 -13.92 10.18 -35.88
CA GLU A 46 -14.82 10.77 -36.88
C GLU A 46 -14.41 12.19 -37.23
N PRO A 47 -14.71 12.63 -38.48
CA PRO A 47 -14.40 13.98 -38.90
C PRO A 47 -15.46 14.93 -38.36
N ARG A 48 -15.05 16.14 -37.99
CA ARG A 48 -15.97 17.16 -37.47
C ARG A 48 -15.82 18.53 -38.14
N ALA A 49 -15.02 18.57 -39.21
CA ALA A 49 -14.81 19.80 -39.99
C ALA A 49 -14.58 19.40 -41.46
N PRO A 50 -15.21 20.10 -42.39
CA PRO A 50 -15.10 19.72 -43.79
C PRO A 50 -13.66 19.54 -44.32
N TRP A 51 -12.76 20.42 -43.92
CA TRP A 51 -11.39 20.36 -44.44
C TRP A 51 -10.57 19.12 -44.07
N ILE A 52 -11.09 18.27 -43.18
CA ILE A 52 -10.39 17.04 -42.78
C ILE A 52 -11.02 15.81 -43.43
N GLU A 53 -12.29 15.92 -43.84
CA GLU A 53 -12.96 14.81 -44.53
C GLU A 53 -12.06 14.28 -45.62
N GLN A 54 -11.39 15.21 -46.31
CA GLN A 54 -10.47 14.92 -47.42
C GLN A 54 -9.58 13.68 -47.21
N GLU A 55 -9.00 13.53 -46.01
CA GLU A 55 -8.06 12.43 -45.72
C GLU A 55 -8.58 11.03 -46.02
N GLY A 56 -7.74 10.23 -46.67
CA GLY A 56 -8.10 8.85 -47.04
C GLY A 56 -8.19 7.85 -45.89
N PRO A 57 -8.51 6.59 -46.22
CA PRO A 57 -8.64 5.48 -45.27
C PRO A 57 -7.42 5.19 -44.37
N GLU A 58 -6.21 5.48 -44.86
CA GLU A 58 -4.97 5.21 -44.08
C GLU A 58 -4.89 6.14 -42.89
N TYR A 59 -5.37 7.36 -43.07
CA TYR A 59 -5.35 8.34 -42.02
C TYR A 59 -6.36 7.98 -40.92
N TRP A 60 -7.57 7.59 -41.32
CA TRP A 60 -8.62 7.27 -40.35
C TRP A 60 -8.35 5.99 -39.57
N ASP A 61 -7.80 4.98 -40.24
CA ASP A 61 -7.47 3.70 -39.57
C ASP A 61 -6.33 3.94 -38.58
N GLY A 62 -5.47 4.90 -38.90
CA GLY A 62 -4.33 5.20 -38.05
C GLY A 62 -4.72 5.90 -36.80
N GLU A 63 -5.58 6.92 -36.92
CA GLU A 63 -6.03 7.67 -35.78
C GLU A 63 -6.94 6.81 -34.93
N THR A 64 -7.82 6.05 -35.59
CA THR A 64 -8.73 5.18 -34.90
C THR A 64 -7.96 4.23 -34.04
N ARG A 65 -6.96 3.63 -34.64
CA ARG A 65 -6.09 2.71 -33.96
C ARG A 65 -5.40 3.44 -32.78
N LYS A 66 -4.80 4.59 -33.07
CA LYS A 66 -4.12 5.36 -32.02
C LYS A 66 -5.06 5.75 -30.87
N VAL A 67 -6.20 6.34 -31.20
CA VAL A 67 -7.16 6.75 -30.17
C VAL A 67 -7.66 5.55 -29.37
N LYS A 68 -7.80 4.37 -30.01
CA LYS A 68 -8.20 3.17 -29.25
C LYS A 68 -7.10 2.84 -28.26
N ALA A 69 -5.84 2.98 -28.70
CA ALA A 69 -4.68 2.76 -27.80
C ALA A 69 -4.77 3.78 -26.64
N HIS A 70 -5.21 5.00 -26.93
CA HIS A 70 -5.40 5.99 -25.87
C HIS A 70 -6.49 5.51 -24.86
N SER A 71 -7.63 5.08 -25.40
CA SER A 71 -8.74 4.62 -24.61
C SER A 71 -8.33 3.49 -23.66
N GLN A 72 -7.35 2.69 -24.07
CA GLN A 72 -6.87 1.58 -23.25
C GLN A 72 -5.97 2.04 -22.12
N THR A 73 -4.94 2.82 -22.45
CA THR A 73 -4.03 3.35 -21.46
C THR A 73 -4.80 4.00 -20.31
N HIS A 74 -5.74 4.87 -20.65
CA HIS A 74 -6.56 5.51 -19.65
C HIS A 74 -7.33 4.49 -18.82
N ARG A 75 -7.94 3.50 -19.47
CA ARG A 75 -8.66 2.48 -18.78
C ARG A 75 -7.74 1.83 -17.73
N VAL A 76 -6.51 1.49 -18.11
CA VAL A 76 -5.54 0.94 -17.16
C VAL A 76 -5.20 2.00 -16.07
N ASP A 77 -4.94 3.24 -16.49
CA ASP A 77 -4.57 4.30 -15.57
C ASP A 77 -5.57 4.45 -14.40
N LEU A 78 -6.87 4.50 -14.71
CA LEU A 78 -7.90 4.60 -13.67
C LEU A 78 -7.70 3.56 -12.59
N GLY A 79 -7.21 2.39 -12.97
CA GLY A 79 -6.95 1.34 -11.98
C GLY A 79 -5.68 1.70 -11.22
N THR A 80 -4.64 2.03 -11.95
CA THR A 80 -3.40 2.38 -11.34
C THR A 80 -3.57 3.52 -10.33
N LEU A 81 -4.22 4.60 -10.77
CA LEU A 81 -4.45 5.75 -9.91
C LEU A 81 -5.37 5.44 -8.75
N ARG A 82 -6.36 4.60 -8.95
CA ARG A 82 -7.24 4.20 -7.85
C ARG A 82 -6.35 3.61 -6.73
N GLY A 83 -5.33 2.86 -7.13
CA GLY A 83 -4.38 2.26 -6.21
C GLY A 83 -3.41 3.28 -5.58
N TYR A 84 -2.77 4.11 -6.40
CA TYR A 84 -1.84 5.08 -5.84
C TYR A 84 -2.48 5.90 -4.75
N TYR A 85 -3.76 6.27 -4.94
CA TYR A 85 -4.50 7.07 -3.93
C TYR A 85 -5.27 6.18 -2.94
N ASN A 86 -5.16 4.88 -3.15
CA ASN A 86 -5.77 3.93 -2.27
C ASN A 86 -7.24 4.29 -2.08
N GLN A 87 -7.98 4.28 -3.18
CA GLN A 87 -9.38 4.61 -3.19
C GLN A 87 -10.22 3.39 -3.40
N SER A 88 -11.47 3.47 -2.99
CA SER A 88 -12.40 2.38 -3.13
C SER A 88 -12.77 2.24 -4.58
N GLU A 89 -13.38 1.13 -4.92
CA GLU A 89 -13.81 0.85 -6.29
C GLU A 89 -15.27 1.25 -6.52
N ALA A 90 -15.85 1.93 -5.55
CA ALA A 90 -17.26 2.28 -5.62
C ALA A 90 -17.55 3.58 -6.33
N GLY A 91 -16.65 4.54 -6.23
CA GLY A 91 -16.91 5.87 -6.80
C GLY A 91 -16.26 6.13 -8.12
N SER A 92 -16.90 7.01 -8.88
CA SER A 92 -16.37 7.39 -10.19
C SER A 92 -15.22 8.36 -10.04
N HIS A 93 -14.29 8.30 -10.97
CA HIS A 93 -13.19 9.22 -10.99
C HIS A 93 -12.88 9.58 -12.41
N THR A 94 -12.23 10.72 -12.60
CA THR A 94 -11.94 11.24 -13.94
C THR A 94 -10.49 11.50 -14.21
N VAL A 95 -9.96 11.01 -15.32
CA VAL A 95 -8.60 11.38 -15.73
C VAL A 95 -8.76 12.18 -16.99
N GLN A 96 -7.95 13.23 -17.13
CA GLN A 96 -7.95 14.12 -18.27
C GLN A 96 -6.52 14.29 -18.75
N ARG A 97 -6.34 14.28 -20.08
CA ARG A 97 -5.03 14.48 -20.70
C ARG A 97 -5.17 15.45 -21.82
N MET A 98 -4.22 16.38 -21.93
CA MET A 98 -4.24 17.38 -22.99
C MET A 98 -2.84 17.61 -23.54
N TYR A 99 -2.67 17.47 -24.86
CA TYR A 99 -1.35 17.74 -25.49
C TYR A 99 -1.46 18.39 -26.85
N GLY A 100 -0.39 19.03 -27.28
CA GLY A 100 -0.38 19.71 -28.57
C GLY A 100 0.79 20.67 -28.72
N CYS A 101 0.84 21.35 -29.87
CA CYS A 101 1.92 22.28 -30.15
C CYS A 101 1.47 23.57 -30.76
N ASP A 102 2.20 24.63 -30.43
CA ASP A 102 1.95 25.96 -30.94
C ASP A 102 3.08 26.34 -31.91
N VAL A 103 2.69 26.94 -33.04
CA VAL A 103 3.66 27.42 -34.04
C VAL A 103 3.48 28.92 -34.19
N GLY A 104 4.54 29.61 -34.58
CA GLY A 104 4.52 31.07 -34.72
C GLY A 104 3.95 31.52 -36.05
N SER A 105 4.17 32.79 -36.38
CA SER A 105 3.68 33.37 -37.64
C SER A 105 4.47 32.83 -38.83
N ASP A 106 5.72 32.46 -38.56
CA ASP A 106 6.56 31.86 -39.58
C ASP A 106 6.16 30.39 -39.73
N TRP A 107 5.40 29.89 -38.73
CA TRP A 107 4.86 28.50 -38.68
C TRP A 107 5.85 27.47 -38.16
N ARG A 108 6.96 27.94 -37.58
CA ARG A 108 7.93 27.05 -37.00
C ARG A 108 7.47 26.72 -35.59
N PHE A 109 8.15 25.78 -34.96
CA PHE A 109 7.83 25.36 -33.62
C PHE A 109 8.12 26.47 -32.60
N LEU A 110 7.15 26.71 -31.70
CA LEU A 110 7.31 27.71 -30.62
C LEU A 110 7.38 27.01 -29.28
N ARG A 111 6.41 26.14 -29.03
CA ARG A 111 6.37 25.37 -27.77
C ARG A 111 5.49 24.13 -27.88
N GLY A 112 5.74 23.17 -27.02
CA GLY A 112 4.96 21.92 -26.97
C GLY A 112 4.53 21.67 -25.55
N TYR A 113 3.43 20.93 -25.38
CA TYR A 113 2.93 20.64 -24.04
C TYR A 113 2.19 19.29 -23.89
N HIS A 114 2.07 18.86 -22.63
CA HIS A 114 1.39 17.61 -22.27
C HIS A 114 1.05 17.68 -20.80
N GLN A 115 -0.23 17.90 -20.51
CA GLN A 115 -0.73 18.01 -19.16
C GLN A 115 -1.68 16.84 -18.85
N TYR A 116 -1.56 16.30 -17.63
CA TYR A 116 -2.35 15.12 -17.18
C TYR A 116 -3.00 15.44 -15.83
N ALA A 117 -4.31 15.35 -15.74
CA ALA A 117 -5.01 15.69 -14.50
C ALA A 117 -5.80 14.51 -13.94
N TYR A 118 -6.06 14.54 -12.63
CA TYR A 118 -6.87 13.52 -11.95
C TYR A 118 -7.91 14.22 -11.07
N ASP A 119 -9.16 13.76 -11.18
CA ASP A 119 -10.26 14.33 -10.45
C ASP A 119 -10.24 15.87 -10.51
N GLY A 120 -10.00 16.39 -11.72
CA GLY A 120 -9.99 17.83 -11.98
C GLY A 120 -8.83 18.57 -11.37
N LYS A 121 -7.71 17.88 -11.15
CA LYS A 121 -6.52 18.49 -10.54
C LYS A 121 -5.23 18.06 -11.22
N ASP A 122 -4.29 18.98 -11.32
CA ASP A 122 -3.01 18.69 -11.93
C ASP A 122 -2.44 17.40 -11.36
N TYR A 123 -1.92 16.53 -12.22
CA TYR A 123 -1.32 15.30 -11.74
C TYR A 123 0.15 15.26 -12.12
N ILE A 124 0.43 15.33 -13.40
CA ILE A 124 1.82 15.38 -13.85
C ILE A 124 1.84 16.18 -15.12
N ALA A 125 2.94 16.89 -15.37
CA ALA A 125 3.05 17.74 -16.56
C ALA A 125 4.45 17.80 -17.12
N LEU A 126 4.55 17.81 -18.44
CA LEU A 126 5.83 17.92 -19.14
C LEU A 126 6.26 19.36 -19.05
N LYS A 127 7.47 19.59 -18.52
CA LYS A 127 7.96 20.96 -18.32
C LYS A 127 8.26 21.71 -19.62
N GLU A 128 8.55 22.99 -19.48
CA GLU A 128 8.86 23.86 -20.61
C GLU A 128 9.89 23.23 -21.57
N ASP A 129 11.00 22.77 -21.00
CA ASP A 129 12.11 22.20 -21.77
C ASP A 129 11.80 20.89 -22.51
N LEU A 130 10.68 20.26 -22.19
CA LEU A 130 10.28 18.98 -22.82
C LEU A 130 11.27 17.82 -22.53
N ARG A 131 12.00 17.94 -21.43
CA ARG A 131 12.94 16.92 -21.01
C ARG A 131 12.65 16.47 -19.59
N SER A 132 11.85 17.24 -18.86
CA SER A 132 11.55 16.94 -17.48
C SER A 132 10.08 17.03 -17.18
N TRP A 133 9.70 16.44 -16.03
CA TRP A 133 8.31 16.42 -15.59
C TRP A 133 8.10 17.15 -14.26
N THR A 134 6.87 17.58 -14.03
CA THR A 134 6.48 18.20 -12.79
C THR A 134 5.38 17.33 -12.18
N ALA A 135 5.59 16.88 -10.94
CA ALA A 135 4.63 16.06 -10.20
C ALA A 135 3.85 16.93 -9.23
N ALA A 136 2.53 16.96 -9.38
CA ALA A 136 1.66 17.77 -8.50
C ALA A 136 1.71 17.32 -7.02
N ASP A 137 1.75 15.99 -6.80
CA ASP A 137 1.82 15.38 -5.44
C ASP A 137 2.72 14.14 -5.45
N MET A 138 2.79 13.43 -4.32
CA MET A 138 3.67 12.23 -4.22
C MET A 138 3.18 11.07 -5.12
N ALA A 139 1.86 10.97 -5.31
CA ALA A 139 1.30 9.92 -6.18
C ALA A 139 1.88 9.99 -7.59
N ALA A 140 2.04 11.19 -8.13
CA ALA A 140 2.56 11.37 -9.48
C ALA A 140 4.05 11.12 -9.53
N GLN A 141 4.73 11.33 -8.39
CA GLN A 141 6.18 11.08 -8.27
C GLN A 141 6.46 9.64 -8.73
N THR A 142 5.55 8.73 -8.41
CA THR A 142 5.67 7.36 -8.86
C THR A 142 5.61 7.29 -10.39
N THR A 143 4.68 8.02 -11.00
CA THR A 143 4.57 8.03 -12.46
C THR A 143 5.75 8.82 -13.05
N LYS A 144 6.18 9.86 -12.35
CA LYS A 144 7.29 10.69 -12.80
C LYS A 144 8.53 9.82 -13.01
N HIS A 145 8.87 9.01 -12.01
CA HIS A 145 10.04 8.11 -12.07
C HIS A 145 9.89 7.03 -13.15
N LYS A 146 8.70 6.46 -13.19
CA LYS A 146 8.40 5.43 -14.15
C LYS A 146 8.62 5.97 -15.57
N TRP A 147 8.05 7.13 -15.85
CA TRP A 147 8.17 7.77 -17.16
C TRP A 147 9.61 8.14 -17.51
N GLU A 148 10.37 8.61 -16.53
CA GLU A 148 11.76 8.96 -16.84
C GLU A 148 12.59 7.70 -17.13
N ALA A 149 12.28 6.60 -16.46
CA ALA A 149 12.97 5.32 -16.75
C ALA A 149 12.52 4.77 -18.14
N ALA A 150 11.31 5.11 -18.57
CA ALA A 150 10.81 4.67 -19.87
C ALA A 150 11.16 5.70 -20.94
N HIS A 151 11.96 6.70 -20.57
CA HIS A 151 12.38 7.75 -21.50
C HIS A 151 11.18 8.30 -22.26
N VAL A 152 10.04 8.41 -21.57
CA VAL A 152 8.77 8.89 -22.18
C VAL A 152 8.83 10.33 -22.70
N ALA A 153 9.65 11.17 -22.08
CA ALA A 153 9.78 12.55 -22.52
C ALA A 153 10.35 12.62 -23.97
N GLU A 154 11.35 11.81 -24.29
CA GLU A 154 11.93 11.82 -25.62
C GLU A 154 10.87 11.60 -26.68
N GLN A 155 10.02 10.60 -26.48
CA GLN A 155 9.00 10.26 -27.48
C GLN A 155 8.02 11.39 -27.69
N LEU A 156 7.56 12.00 -26.60
CA LEU A 156 6.68 13.16 -26.74
C LEU A 156 7.42 14.30 -27.42
N ARG A 157 8.58 14.62 -26.87
CA ARG A 157 9.44 15.69 -27.38
C ARG A 157 9.63 15.52 -28.87
N ALA A 158 9.86 14.28 -29.32
CA ALA A 158 10.00 14.00 -30.74
C ALA A 158 8.68 14.30 -31.44
N TYR A 159 7.58 13.88 -30.84
CA TYR A 159 6.26 14.08 -31.41
C TYR A 159 5.90 15.55 -31.56
N LEU A 160 5.95 16.26 -30.45
CA LEU A 160 5.57 17.65 -30.42
C LEU A 160 6.39 18.48 -31.42
N GLU A 161 7.71 18.53 -31.23
CA GLU A 161 8.59 19.31 -32.12
C GLU A 161 8.54 18.84 -33.57
N GLY A 162 8.11 17.59 -33.77
CA GLY A 162 8.08 17.02 -35.09
C GLY A 162 6.71 16.84 -35.69
N THR A 163 6.17 15.65 -35.51
CA THR A 163 4.90 15.27 -36.10
C THR A 163 3.72 16.27 -35.88
N CYS A 164 3.41 16.65 -34.64
CA CYS A 164 2.23 17.52 -34.46
C CYS A 164 2.38 18.82 -35.19
N VAL A 165 3.60 19.34 -35.26
CA VAL A 165 3.84 20.57 -35.99
C VAL A 165 3.63 20.31 -37.48
N GLU A 166 4.22 19.26 -38.00
CA GLU A 166 4.10 18.96 -39.42
C GLU A 166 2.63 18.71 -39.84
N TRP A 167 1.82 18.18 -38.94
CA TRP A 167 0.41 17.96 -39.26
C TRP A 167 -0.32 19.26 -39.12
N LEU A 168 0.11 20.07 -38.16
CA LEU A 168 -0.48 21.36 -37.96
C LEU A 168 -0.29 22.16 -39.24
N ARG A 169 0.91 22.08 -39.84
CA ARG A 169 1.15 22.75 -41.11
C ARG A 169 0.21 22.24 -42.18
N ARG A 170 0.04 20.92 -42.24
CA ARG A 170 -0.80 20.33 -43.26
C ARG A 170 -2.24 20.83 -43.14
N TYR A 171 -2.82 20.71 -41.96
CA TYR A 171 -4.18 21.15 -41.76
C TYR A 171 -4.36 22.63 -42.11
N LEU A 172 -3.33 23.42 -41.87
CA LEU A 172 -3.37 24.85 -42.16
C LEU A 172 -3.42 25.11 -43.65
N GLU A 173 -2.97 24.15 -44.46
CA GLU A 173 -3.05 24.27 -45.92
C GLU A 173 -4.44 23.87 -46.42
N ASN A 174 -4.83 22.64 -46.11
CA ASN A 174 -6.11 22.10 -46.56
C ASN A 174 -7.36 22.92 -46.25
N GLY A 175 -7.36 23.63 -45.12
CA GLY A 175 -8.54 24.43 -44.73
C GLY A 175 -8.31 25.93 -44.54
N LYS A 176 -7.48 26.52 -45.39
CA LYS A 176 -7.16 27.95 -45.27
C LYS A 176 -8.41 28.84 -45.16
N GLU A 177 -9.35 28.68 -46.11
CA GLU A 177 -10.59 29.49 -46.14
C GLU A 177 -11.12 29.78 -44.75
N THR A 178 -10.97 28.79 -43.86
CA THR A 178 -11.50 28.88 -42.51
C THR A 178 -10.45 29.05 -41.40
N LEU A 179 -9.30 28.41 -41.52
CA LEU A 179 -8.29 28.46 -40.43
C LEU A 179 -7.52 29.78 -40.29
N GLN A 180 -7.29 30.48 -41.39
CA GLN A 180 -6.53 31.75 -41.33
C GLN A 180 -7.46 32.95 -41.35
N ARG A 181 -8.76 32.70 -41.30
CA ARG A 181 -9.73 33.77 -41.32
C ARG A 181 -9.75 34.43 -39.97
N THR A 182 -10.24 35.66 -39.96
CA THR A 182 -10.40 36.41 -38.73
C THR A 182 -11.68 37.19 -38.94
N ASP A 183 -12.54 37.17 -37.94
CA ASP A 183 -13.81 37.90 -38.01
C ASP A 183 -13.88 38.90 -36.85
N ALA A 184 -13.86 40.19 -37.18
CA ALA A 184 -14.01 41.22 -36.17
C ALA A 184 -15.42 41.09 -35.60
N PRO A 185 -15.60 41.42 -34.32
CA PRO A 185 -16.91 41.30 -33.70
C PRO A 185 -17.93 42.31 -34.20
N LYS A 186 -19.19 41.92 -34.24
CA LYS A 186 -20.27 42.84 -34.57
C LYS A 186 -20.73 43.37 -33.22
N THR A 187 -20.20 44.52 -32.81
CA THR A 187 -20.47 45.07 -31.48
C THR A 187 -21.57 46.12 -31.40
N HIS A 188 -22.31 46.09 -30.28
CA HIS A 188 -23.37 47.05 -29.99
C HIS A 188 -23.56 47.11 -28.48
N MET A 189 -24.41 48.03 -28.02
CA MET A 189 -24.64 48.20 -26.58
C MET A 189 -26.15 48.38 -26.27
N THR A 190 -26.54 48.00 -25.04
CA THR A 190 -27.92 48.12 -24.59
C THR A 190 -27.98 48.78 -23.23
N HIS A 191 -29.11 49.42 -22.96
CA HIS A 191 -29.35 50.11 -21.70
C HIS A 191 -30.65 49.64 -21.11
N HIS A 192 -30.60 49.08 -19.91
CA HIS A 192 -31.80 48.62 -19.21
C HIS A 192 -32.02 49.37 -17.90
N ALA A 193 -33.13 50.10 -17.81
CA ALA A 193 -33.49 50.88 -16.63
C ALA A 193 -33.77 49.99 -15.42
N VAL A 194 -33.30 50.42 -14.25
CA VAL A 194 -33.53 49.70 -13.00
C VAL A 194 -33.71 50.71 -11.83
N SER A 195 -34.59 50.39 -10.89
CA SER A 195 -34.78 51.20 -9.67
C SER A 195 -35.38 52.60 -9.87
N ASP A 196 -35.37 53.10 -11.12
CA ASP A 196 -35.85 54.46 -11.42
C ASP A 196 -34.81 55.49 -10.90
N HIS A 197 -33.61 55.01 -10.56
CA HIS A 197 -32.52 55.89 -10.11
C HIS A 197 -31.12 55.29 -10.43
N GLU A 198 -31.11 54.07 -10.95
CA GLU A 198 -29.87 53.37 -11.31
C GLU A 198 -30.12 52.60 -12.65
N ALA A 199 -29.08 52.04 -13.26
CA ALA A 199 -29.26 51.33 -14.54
C ALA A 199 -28.07 50.43 -14.93
N THR A 200 -28.34 49.50 -15.85
CA THR A 200 -27.35 48.50 -16.31
C THR A 200 -26.95 48.69 -17.77
N LEU A 201 -25.65 48.83 -18.02
CA LEU A 201 -25.13 48.96 -19.38
C LEU A 201 -24.45 47.66 -19.79
N ARG A 202 -24.94 47.02 -20.83
CA ARG A 202 -24.33 45.78 -21.29
C ARG A 202 -23.64 45.99 -22.62
N CYS A 203 -22.38 45.60 -22.70
CA CYS A 203 -21.60 45.72 -23.91
C CYS A 203 -21.51 44.36 -24.61
N TRP A 204 -21.95 44.30 -25.86
CA TRP A 204 -21.95 43.04 -26.65
C TRP A 204 -20.89 42.95 -27.75
N ALA A 205 -20.46 41.72 -28.03
CA ALA A 205 -19.49 41.42 -29.08
C ALA A 205 -19.87 40.07 -29.67
N LEU A 206 -20.38 40.07 -30.91
CA LEU A 206 -20.87 38.84 -31.55
C LEU A 206 -20.14 38.47 -32.85
N SER A 207 -20.43 37.27 -33.35
CA SER A 207 -19.86 36.75 -34.60
C SER A 207 -18.39 37.05 -34.80
N PHE A 208 -17.54 36.61 -33.86
CA PHE A 208 -16.11 36.84 -33.98
C PHE A 208 -15.30 35.56 -33.84
N TYR A 209 -14.11 35.57 -34.44
CA TYR A 209 -13.18 34.46 -34.43
C TYR A 209 -11.78 35.02 -34.72
N PRO A 210 -10.74 34.48 -34.05
CA PRO A 210 -10.76 33.42 -33.04
C PRO A 210 -11.56 33.79 -31.79
N ALA A 211 -11.51 32.92 -30.79
CA ALA A 211 -12.25 33.13 -29.55
C ALA A 211 -11.55 34.10 -28.61
N GLU A 212 -10.31 34.47 -28.93
CA GLU A 212 -9.55 35.38 -28.09
C GLU A 212 -10.10 36.80 -28.28
N ILE A 213 -10.70 37.35 -27.22
CA ILE A 213 -11.25 38.70 -27.25
C ILE A 213 -11.08 39.34 -25.90
N THR A 214 -11.23 40.66 -25.85
CA THR A 214 -11.13 41.39 -24.60
C THR A 214 -12.25 42.42 -24.53
N LEU A 215 -12.69 42.71 -23.31
CA LEU A 215 -13.70 43.72 -23.08
C LEU A 215 -13.41 44.37 -21.76
N THR A 216 -13.42 45.69 -21.76
CA THR A 216 -13.14 46.44 -20.56
C THR A 216 -14.06 47.64 -20.47
N TRP A 217 -14.48 47.94 -19.25
CA TRP A 217 -15.27 49.10 -19.00
C TRP A 217 -14.41 50.14 -18.36
N GLN A 218 -14.62 51.39 -18.77
CA GLN A 218 -13.88 52.51 -18.20
C GLN A 218 -14.88 53.51 -17.68
N ARG A 219 -14.51 54.21 -16.61
CA ARG A 219 -15.36 55.23 -16.02
C ARG A 219 -14.54 56.50 -16.00
N ASP A 220 -14.91 57.47 -16.83
CA ASP A 220 -14.18 58.73 -16.92
C ASP A 220 -12.70 58.47 -17.15
N GLY A 221 -12.40 57.58 -18.08
CA GLY A 221 -11.03 57.26 -18.44
C GLY A 221 -10.27 56.41 -17.44
N GLU A 222 -11.00 55.67 -16.60
CA GLU A 222 -10.34 54.76 -15.65
C GLU A 222 -11.05 53.42 -15.61
N ASP A 223 -10.25 52.35 -15.57
CA ASP A 223 -10.76 50.97 -15.59
C ASP A 223 -11.69 50.62 -14.42
N GLN A 224 -12.94 50.29 -14.75
CA GLN A 224 -13.95 49.92 -13.77
C GLN A 224 -13.98 48.39 -13.66
N THR A 225 -13.31 47.84 -12.64
CA THR A 225 -13.22 46.36 -12.47
C THR A 225 -14.33 45.77 -11.56
N GLN A 226 -14.74 46.51 -10.52
CA GLN A 226 -15.80 46.04 -9.62
C GLN A 226 -17.19 46.53 -10.08
N ASP A 227 -18.24 45.83 -9.65
CA ASP A 227 -19.65 46.14 -10.00
C ASP A 227 -19.91 45.91 -11.51
N THR A 228 -19.01 45.16 -12.14
CA THR A 228 -19.10 44.85 -13.55
C THR A 228 -19.19 43.34 -13.75
N GLU A 229 -20.10 42.93 -14.63
CA GLU A 229 -20.31 41.53 -14.91
C GLU A 229 -19.65 41.19 -16.24
N LEU A 230 -19.14 39.96 -16.35
CA LEU A 230 -18.45 39.47 -17.55
C LEU A 230 -18.61 37.98 -17.64
N VAL A 231 -19.22 37.50 -18.72
CA VAL A 231 -19.45 36.05 -18.90
C VAL A 231 -18.41 35.39 -19.80
N GLU A 232 -18.14 34.12 -19.55
CA GLU A 232 -17.16 33.37 -20.35
C GLU A 232 -17.54 33.37 -21.82
N THR A 233 -16.57 33.68 -22.69
CA THR A 233 -16.78 33.68 -24.13
C THR A 233 -17.55 32.44 -24.48
N ARG A 234 -18.65 32.60 -25.19
CA ARG A 234 -19.51 31.49 -25.54
C ARG A 234 -19.55 31.28 -27.06
N PRO A 235 -19.73 30.01 -27.50
CA PRO A 235 -19.78 29.70 -28.92
C PRO A 235 -21.14 29.94 -29.52
N ALA A 236 -21.16 30.50 -30.73
CA ALA A 236 -22.41 30.74 -31.44
C ALA A 236 -22.98 29.41 -31.91
N GLY A 237 -22.08 28.49 -32.30
CA GLY A 237 -22.46 27.17 -32.80
C GLY A 237 -22.28 27.10 -34.32
N ASP A 238 -21.62 28.11 -34.88
CA ASP A 238 -21.34 28.17 -36.33
C ASP A 238 -19.90 28.58 -36.61
N GLY A 239 -19.02 28.31 -35.64
CA GLY A 239 -17.61 28.68 -35.77
C GLY A 239 -17.26 30.06 -35.23
N THR A 240 -18.26 30.93 -35.06
CA THR A 240 -18.02 32.25 -34.50
C THR A 240 -18.33 32.19 -33.03
N PHE A 241 -17.91 33.20 -32.28
CA PHE A 241 -18.15 33.24 -30.83
C PHE A 241 -18.92 34.49 -30.39
N GLN A 242 -19.31 34.51 -29.12
CA GLN A 242 -20.07 35.63 -28.53
C GLN A 242 -19.57 35.94 -27.09
N LYS A 243 -19.59 37.21 -26.71
CA LYS A 243 -19.17 37.61 -25.35
C LYS A 243 -19.69 39.01 -25.03
N TRP A 244 -20.10 39.22 -23.78
CA TRP A 244 -20.58 40.53 -23.34
C TRP A 244 -20.04 40.95 -21.97
N ALA A 245 -20.35 42.18 -21.58
CA ALA A 245 -19.92 42.71 -20.31
C ALA A 245 -20.91 43.80 -19.87
N ALA A 246 -21.26 43.81 -18.60
CA ALA A 246 -22.17 44.78 -18.08
C ALA A 246 -21.60 45.49 -16.86
N VAL A 247 -22.12 46.68 -16.60
CA VAL A 247 -21.73 47.47 -15.45
C VAL A 247 -22.99 48.10 -14.89
N VAL A 248 -23.01 48.31 -13.58
CA VAL A 248 -24.16 48.93 -12.92
C VAL A 248 -23.83 50.38 -12.58
N VAL A 249 -24.51 51.31 -13.23
CA VAL A 249 -24.25 52.73 -13.02
C VAL A 249 -25.45 53.52 -12.46
N PRO A 250 -25.17 54.58 -11.66
CA PRO A 250 -26.25 55.42 -11.17
C PRO A 250 -26.85 56.22 -12.34
N SER A 251 -28.15 56.48 -12.29
CA SER A 251 -28.82 57.18 -13.38
C SER A 251 -28.33 58.60 -13.58
N GLY A 252 -28.20 58.97 -14.86
CA GLY A 252 -27.72 60.29 -15.25
C GLY A 252 -26.21 60.33 -15.38
N GLN A 253 -25.56 59.18 -15.18
CA GLN A 253 -24.10 59.10 -15.27
C GLN A 253 -23.64 58.17 -16.41
N GLU A 254 -24.55 57.75 -17.28
CA GLU A 254 -24.22 56.83 -18.39
C GLU A 254 -23.13 57.33 -19.37
N GLN A 255 -22.86 58.64 -19.37
CA GLN A 255 -21.82 59.21 -20.27
C GLN A 255 -20.43 59.18 -19.67
N ARG A 256 -20.34 58.74 -18.44
CA ARG A 256 -19.06 58.58 -17.79
C ARG A 256 -18.43 57.24 -18.19
N TYR A 257 -19.26 56.31 -18.65
CA TYR A 257 -18.81 54.95 -18.97
C TYR A 257 -18.60 54.71 -20.45
N THR A 258 -17.50 54.00 -20.74
CA THR A 258 -17.10 53.66 -22.10
C THR A 258 -16.59 52.21 -22.19
N CYS A 259 -17.17 51.43 -23.10
CA CYS A 259 -16.81 50.03 -23.30
C CYS A 259 -15.72 49.92 -24.35
N HIS A 260 -14.72 49.07 -24.07
CA HIS A 260 -13.59 48.89 -24.98
C HIS A 260 -13.43 47.44 -25.39
N VAL A 261 -12.96 47.24 -26.63
CA VAL A 261 -12.80 45.90 -27.19
C VAL A 261 -11.48 45.75 -27.94
N GLN A 262 -10.85 44.59 -27.80
CA GLN A 262 -9.60 44.28 -28.51
C GLN A 262 -9.81 42.95 -29.20
N HIS A 263 -9.35 42.83 -30.45
CA HIS A 263 -9.50 41.59 -31.22
C HIS A 263 -8.75 41.70 -32.53
N GLU A 264 -8.04 40.64 -32.90
CA GLU A 264 -7.26 40.62 -34.15
C GLU A 264 -8.09 41.11 -35.33
N GLY A 265 -9.39 40.87 -35.27
CA GLY A 265 -10.30 41.25 -36.33
C GLY A 265 -10.42 42.74 -36.57
N LEU A 266 -10.52 43.51 -35.50
CA LEU A 266 -10.67 44.97 -35.65
C LEU A 266 -9.33 45.66 -35.92
N PRO A 267 -9.25 46.42 -37.03
CA PRO A 267 -8.03 47.14 -37.40
C PRO A 267 -7.61 48.12 -36.31
N LYS A 268 -8.60 48.74 -35.67
CA LYS A 268 -8.36 49.67 -34.58
C LYS A 268 -9.20 49.21 -33.39
N PRO A 269 -8.63 49.28 -32.17
CA PRO A 269 -9.42 48.89 -30.99
C PRO A 269 -10.60 49.84 -30.79
N LEU A 270 -11.80 49.29 -30.62
CA LEU A 270 -13.01 50.11 -30.45
C LEU A 270 -13.23 50.70 -29.08
N THR A 271 -14.13 51.68 -29.05
CA THR A 271 -14.55 52.36 -27.84
C THR A 271 -16.06 52.64 -28.05
N LEU A 272 -16.89 52.23 -27.10
CA LEU A 272 -18.34 52.39 -27.25
C LEU A 272 -18.99 53.12 -26.09
N ARG A 273 -19.82 54.09 -26.43
CA ARG A 273 -20.55 54.87 -25.45
C ARG A 273 -22.03 54.76 -25.79
N TRP A 274 -22.89 55.03 -24.81
CA TRP A 274 -24.33 54.99 -25.03
C TRP A 274 -24.77 56.32 -25.65
N GLU A 275 -25.25 56.30 -26.90
CA GLU A 275 -25.64 57.53 -27.61
C GLU A 275 -27.14 57.89 -27.55
N PRO A 276 -28.01 57.03 -28.13
CA PRO A 276 -29.44 57.42 -28.09
C PRO A 276 -30.01 57.41 -26.67
N MET B 1 -11.02 15.51 -3.29
CA MET B 1 -12.10 15.59 -4.33
C MET B 1 -12.66 17.02 -4.37
N ILE B 2 -12.49 17.70 -5.51
CA ILE B 2 -12.98 19.08 -5.67
C ILE B 2 -14.03 19.17 -6.82
N GLN B 3 -15.10 19.92 -6.58
CA GLN B 3 -16.17 20.05 -7.54
C GLN B 3 -16.53 21.49 -7.83
N ARG B 4 -16.74 21.78 -9.11
CA ARG B 4 -17.09 23.12 -9.56
C ARG B 4 -18.49 23.16 -10.17
N THR B 5 -19.26 24.18 -9.83
CA THR B 5 -20.61 24.32 -10.31
C THR B 5 -20.61 24.88 -11.74
N PRO B 6 -21.56 24.44 -12.57
CA PRO B 6 -21.63 24.91 -13.93
C PRO B 6 -22.13 26.33 -14.07
N LYS B 7 -21.67 27.03 -15.10
CA LYS B 7 -22.12 28.38 -15.39
C LYS B 7 -22.97 28.31 -16.68
N ILE B 8 -24.25 28.61 -16.53
CA ILE B 8 -25.23 28.50 -17.62
C ILE B 8 -25.55 29.80 -18.32
N GLN B 9 -25.71 29.72 -19.64
CA GLN B 9 -26.08 30.85 -20.47
C GLN B 9 -27.04 30.37 -21.53
N VAL B 10 -28.19 31.01 -21.62
CA VAL B 10 -29.15 30.66 -22.65
C VAL B 10 -29.11 31.76 -23.67
N TYR B 11 -28.95 31.41 -24.92
CA TYR B 11 -28.90 32.42 -25.95
C TYR B 11 -29.25 31.87 -27.30
N SER B 12 -29.22 32.73 -28.31
CA SER B 12 -29.50 32.34 -29.66
C SER B 12 -28.22 32.43 -30.46
N ARG B 13 -28.14 31.62 -31.52
CA ARG B 13 -26.98 31.63 -32.39
C ARG B 13 -26.87 32.98 -33.10
N HIS B 14 -27.95 33.42 -33.72
CA HIS B 14 -27.96 34.69 -34.44
C HIS B 14 -28.97 35.62 -33.81
N PRO B 15 -28.79 36.94 -34.03
CA PRO B 15 -29.74 37.93 -33.51
C PRO B 15 -31.14 37.41 -33.73
N ALA B 16 -31.97 37.45 -32.69
CA ALA B 16 -33.31 36.90 -32.78
C ALA B 16 -34.30 37.83 -33.48
N GLU B 17 -34.93 37.31 -34.53
CA GLU B 17 -36.02 38.02 -35.25
C GLU B 17 -37.18 37.01 -35.36
N ASN B 18 -38.39 37.45 -35.05
CA ASN B 18 -39.55 36.54 -35.08
C ASN B 18 -39.93 36.01 -36.45
N GLY B 19 -39.88 34.68 -36.60
CA GLY B 19 -40.23 34.00 -37.84
C GLY B 19 -39.06 33.67 -38.75
N LYS B 20 -37.85 33.71 -38.21
CA LYS B 20 -36.66 33.39 -38.99
C LYS B 20 -35.93 32.30 -38.24
N SER B 21 -35.83 31.11 -38.86
CA SER B 21 -35.16 29.96 -38.24
C SER B 21 -33.81 30.32 -37.63
N ASN B 22 -33.51 29.65 -36.53
CA ASN B 22 -32.31 29.91 -35.80
C ASN B 22 -32.04 28.69 -34.93
N PHE B 23 -31.07 28.80 -34.04
CA PHE B 23 -30.74 27.75 -33.12
C PHE B 23 -30.71 28.35 -31.74
N LEU B 24 -31.28 27.62 -30.78
CA LEU B 24 -31.32 28.06 -29.37
C LEU B 24 -30.19 27.37 -28.67
N ASN B 25 -29.40 28.12 -27.91
CA ASN B 25 -28.22 27.54 -27.22
C ASN B 25 -28.21 27.67 -25.71
N CYS B 26 -27.78 26.60 -25.06
CA CYS B 26 -27.62 26.56 -23.64
C CYS B 26 -26.18 26.05 -23.39
N TYR B 27 -25.29 26.99 -23.05
CA TYR B 27 -23.87 26.70 -22.84
C TYR B 27 -23.52 26.63 -21.34
N VAL B 28 -23.25 25.42 -20.87
CA VAL B 28 -22.86 25.19 -19.49
C VAL B 28 -21.34 25.06 -19.49
N SER B 29 -20.69 25.61 -18.49
CA SER B 29 -19.25 25.60 -18.46
C SER B 29 -18.68 25.78 -17.07
N GLY B 30 -17.40 25.46 -16.93
CA GLY B 30 -16.67 25.61 -15.68
C GLY B 30 -16.98 24.56 -14.64
N PHE B 31 -17.66 23.50 -15.04
CA PHE B 31 -18.07 22.46 -14.08
C PHE B 31 -17.17 21.25 -13.97
N HIS B 32 -17.35 20.51 -12.89
CA HIS B 32 -16.61 19.30 -12.65
C HIS B 32 -17.30 18.60 -11.49
N PRO B 33 -17.53 17.28 -11.59
CA PRO B 33 -17.20 16.34 -12.67
C PRO B 33 -18.06 16.55 -13.92
N SER B 34 -17.77 15.78 -14.97
CA SER B 34 -18.43 15.92 -16.29
C SER B 34 -19.85 15.45 -16.35
N ASP B 35 -20.21 14.56 -15.45
CA ASP B 35 -21.53 14.00 -15.48
C ASP B 35 -22.51 15.18 -15.35
N ILE B 36 -23.44 15.33 -16.29
CA ILE B 36 -24.40 16.45 -16.21
C ILE B 36 -25.69 16.17 -16.96
N GLU B 37 -26.75 16.89 -16.58
CA GLU B 37 -28.08 16.74 -17.18
C GLU B 37 -28.58 18.12 -17.65
N VAL B 38 -28.67 18.32 -18.97
CA VAL B 38 -29.12 19.60 -19.56
C VAL B 38 -30.30 19.39 -20.49
N ASP B 39 -31.34 20.18 -20.33
CA ASP B 39 -32.53 20.08 -21.17
C ASP B 39 -32.97 21.47 -21.64
N LEU B 40 -33.50 21.55 -22.86
CA LEU B 40 -33.99 22.81 -23.40
C LEU B 40 -35.47 22.79 -23.34
N LEU B 41 -36.06 23.89 -22.84
CA LEU B 41 -37.49 23.98 -22.65
C LEU B 41 -38.20 24.97 -23.58
N LYS B 42 -39.38 24.56 -24.05
CA LYS B 42 -40.23 25.43 -24.90
C LYS B 42 -41.55 25.65 -24.17
N ASN B 43 -41.77 26.88 -23.70
CA ASN B 43 -42.97 27.22 -22.92
C ASN B 43 -43.13 26.26 -21.71
N GLY B 44 -42.00 25.76 -21.19
CA GLY B 44 -42.02 24.83 -20.05
C GLY B 44 -41.84 23.36 -20.43
N GLU B 45 -42.38 22.95 -21.57
CA GLU B 45 -42.26 21.55 -22.05
C GLU B 45 -40.81 21.31 -22.54
N ARG B 46 -40.33 20.06 -22.49
CA ARG B 46 -38.96 19.77 -22.96
C ARG B 46 -38.95 19.33 -24.42
N ILE B 47 -37.89 19.71 -25.11
CA ILE B 47 -37.70 19.41 -26.51
C ILE B 47 -36.96 18.05 -26.68
N GLU B 48 -37.54 17.16 -27.50
CA GLU B 48 -37.02 15.79 -27.70
C GLU B 48 -35.69 15.73 -28.47
N LYS B 49 -35.67 16.31 -29.66
CA LYS B 49 -34.44 16.28 -30.48
C LYS B 49 -33.53 17.47 -30.18
N VAL B 50 -32.47 17.20 -29.40
CA VAL B 50 -31.52 18.23 -28.99
C VAL B 50 -30.09 17.76 -29.13
N GLU B 51 -29.35 18.33 -30.07
CA GLU B 51 -27.94 17.95 -30.29
C GLU B 51 -27.05 18.62 -29.25
N HIS B 52 -25.88 18.02 -28.99
CA HIS B 52 -24.90 18.59 -28.04
C HIS B 52 -23.48 18.31 -28.47
N SER B 53 -22.57 19.18 -28.06
CA SER B 53 -21.17 19.09 -28.45
C SER B 53 -20.42 17.94 -27.80
N ASP B 54 -19.21 17.70 -28.30
CA ASP B 54 -18.34 16.67 -27.77
C ASP B 54 -17.62 17.25 -26.56
N LEU B 55 -17.74 16.57 -25.44
CA LEU B 55 -17.13 17.03 -24.20
C LEU B 55 -15.71 17.52 -24.42
N SER B 56 -15.41 18.69 -23.88
CA SER B 56 -14.05 19.25 -23.93
C SER B 56 -13.77 20.00 -22.62
N PHE B 57 -12.55 20.44 -22.44
CA PHE B 57 -12.23 21.19 -21.24
C PHE B 57 -11.27 22.31 -21.49
N SER B 58 -11.38 23.33 -20.65
CA SER B 58 -10.52 24.49 -20.71
C SER B 58 -9.29 24.31 -19.82
N LYS B 59 -8.31 25.19 -20.00
CA LYS B 59 -6.99 25.15 -19.27
C LYS B 59 -7.07 24.75 -17.78
N ASP B 60 -8.12 25.15 -17.05
CA ASP B 60 -8.25 24.79 -15.60
C ASP B 60 -8.90 23.42 -15.37
N TRP B 61 -9.02 22.61 -16.42
CA TRP B 61 -9.57 21.24 -16.35
C TRP B 61 -11.09 21.13 -16.28
N SER B 62 -11.79 22.24 -16.03
CA SER B 62 -13.25 22.21 -15.95
C SER B 62 -13.86 21.98 -17.35
N PHE B 63 -14.99 21.27 -17.40
CA PHE B 63 -15.64 20.95 -18.68
C PHE B 63 -16.61 21.99 -19.23
N TYR B 64 -16.81 21.93 -20.52
CA TYR B 64 -17.81 22.74 -21.16
C TYR B 64 -18.50 21.94 -22.27
N LEU B 65 -19.82 22.17 -22.38
CA LEU B 65 -20.67 21.57 -23.42
C LEU B 65 -21.64 22.65 -23.98
N LEU B 66 -22.19 22.36 -25.16
CA LEU B 66 -23.16 23.23 -25.78
C LEU B 66 -24.29 22.36 -26.24
N TYR B 67 -25.51 22.73 -25.91
CA TYR B 67 -26.70 22.00 -26.34
C TYR B 67 -27.46 22.96 -27.20
N TYR B 68 -28.00 22.47 -28.31
CA TYR B 68 -28.70 23.33 -29.23
C TYR B 68 -29.74 22.60 -30.01
N THR B 69 -30.67 23.35 -30.59
CA THR B 69 -31.74 22.78 -31.40
C THR B 69 -32.31 23.82 -32.39
N GLU B 70 -32.67 23.38 -33.60
CA GLU B 70 -33.27 24.29 -34.57
C GLU B 70 -34.56 24.80 -34.02
N PHE B 71 -34.86 26.05 -34.29
CA PHE B 71 -36.13 26.63 -33.86
C PHE B 71 -36.30 27.96 -34.55
N THR B 72 -37.54 28.38 -34.70
CA THR B 72 -37.84 29.66 -35.29
C THR B 72 -38.64 30.42 -34.22
N PRO B 73 -38.01 31.42 -33.58
CA PRO B 73 -38.72 32.17 -32.55
C PRO B 73 -39.94 32.93 -33.09
N THR B 74 -40.89 33.17 -32.21
CA THR B 74 -42.08 33.90 -32.54
C THR B 74 -42.42 34.74 -31.35
N GLU B 75 -43.42 35.58 -31.49
CA GLU B 75 -43.86 36.41 -30.40
C GLU B 75 -44.63 35.56 -29.39
N LYS B 76 -45.21 34.45 -29.85
CA LYS B 76 -46.05 33.58 -29.01
C LYS B 76 -45.37 32.34 -28.36
N ASP B 77 -44.04 32.33 -28.21
CA ASP B 77 -43.32 31.18 -27.56
C ASP B 77 -42.12 31.64 -26.64
N GLU B 78 -42.03 31.03 -25.45
CA GLU B 78 -40.94 31.32 -24.47
C GLU B 78 -40.01 30.12 -24.34
N TYR B 79 -38.73 30.37 -24.09
CA TYR B 79 -37.75 29.30 -23.98
C TYR B 79 -36.87 29.40 -22.73
N ALA B 80 -36.43 28.24 -22.23
CA ALA B 80 -35.57 28.15 -21.07
C ALA B 80 -34.65 26.93 -21.18
N CYS B 81 -33.71 26.83 -20.24
CA CYS B 81 -32.80 25.70 -20.16
C CYS B 81 -32.82 25.19 -18.73
N ARG B 82 -32.78 23.87 -18.56
CA ARG B 82 -32.78 23.24 -17.24
C ARG B 82 -31.53 22.38 -17.09
N VAL B 83 -30.69 22.72 -16.12
CA VAL B 83 -29.42 22.06 -15.89
C VAL B 83 -29.32 21.50 -14.49
N ASN B 84 -28.83 20.27 -14.38
CA ASN B 84 -28.65 19.60 -13.09
C ASN B 84 -27.25 19.00 -12.99
N HIS B 85 -26.67 19.06 -11.81
CA HIS B 85 -25.33 18.60 -11.60
C HIS B 85 -25.23 18.15 -10.13
N VAL B 86 -24.21 17.41 -9.80
CA VAL B 86 -24.06 16.94 -8.44
C VAL B 86 -23.76 18.13 -7.49
N THR B 87 -23.26 19.23 -8.05
CA THR B 87 -22.95 20.43 -7.27
C THR B 87 -24.22 21.24 -6.94
N LEU B 88 -25.29 20.97 -7.68
CA LEU B 88 -26.53 21.68 -7.47
C LEU B 88 -27.42 20.85 -6.58
N SER B 89 -28.04 21.51 -5.60
CA SER B 89 -28.95 20.85 -4.67
C SER B 89 -30.29 20.55 -5.37
N GLN B 90 -30.55 21.25 -6.46
CA GLN B 90 -31.75 21.05 -7.23
C GLN B 90 -31.49 21.53 -8.66
N PRO B 91 -32.27 21.05 -9.60
CA PRO B 91 -32.08 21.53 -10.97
C PRO B 91 -32.37 23.03 -11.06
N LYS B 92 -31.68 23.72 -11.96
CA LYS B 92 -31.84 25.16 -12.12
C LYS B 92 -32.41 25.48 -13.49
N ILE B 93 -33.41 26.35 -13.53
CA ILE B 93 -34.06 26.71 -14.79
C ILE B 93 -33.66 28.14 -15.17
N VAL B 94 -33.30 28.35 -16.43
CA VAL B 94 -32.85 29.66 -16.86
C VAL B 94 -33.56 30.07 -18.15
N LYS B 95 -34.53 30.98 -18.03
CA LYS B 95 -35.33 31.46 -19.18
C LYS B 95 -34.48 32.22 -20.20
N TRP B 96 -34.87 32.10 -21.47
CA TRP B 96 -34.15 32.79 -22.56
C TRP B 96 -34.67 34.18 -22.77
N ASP B 97 -33.92 35.16 -22.27
CA ASP B 97 -34.28 36.54 -22.43
C ASP B 97 -33.69 37.02 -23.75
N ARG B 98 -34.59 37.29 -24.71
CA ARG B 98 -34.19 37.74 -26.03
C ARG B 98 -33.24 38.94 -25.96
N ASP B 99 -33.63 39.95 -25.17
CA ASP B 99 -32.83 41.19 -24.97
C ASP B 99 -31.52 40.93 -24.18
N MET B 100 -31.34 39.68 -23.73
CA MET B 100 -30.18 39.29 -22.91
C MET B 100 -29.89 37.77 -23.05
N ALA C 1 -2.53 15.01 -36.47
CA ALA C 1 -2.20 13.59 -36.23
C ALA C 1 -2.02 13.38 -34.76
N LEU C 2 -2.44 12.20 -34.29
CA LEU C 2 -2.39 11.85 -32.89
C LEU C 2 -1.03 11.23 -32.58
N TRP C 3 -0.65 11.26 -31.30
CA TRP C 3 0.62 10.66 -30.85
C TRP C 3 0.42 9.17 -30.80
N GLY C 4 1.42 8.42 -31.19
CA GLY C 4 1.29 6.96 -31.22
C GLY C 4 2.60 6.23 -31.39
N PRO C 5 2.53 4.89 -31.54
CA PRO C 5 1.29 4.12 -31.57
C PRO C 5 0.45 4.25 -30.31
N ASP C 6 1.09 4.26 -29.16
CA ASP C 6 0.36 4.38 -27.92
C ASP C 6 1.10 5.20 -26.89
N PRO C 7 0.39 5.69 -25.89
CA PRO C 7 1.04 6.45 -24.88
C PRO C 7 1.50 5.53 -23.78
N ALA C 8 2.39 6.05 -22.93
CA ALA C 8 2.93 5.28 -21.82
C ALA C 8 1.90 5.18 -20.72
N ALA C 9 1.92 4.06 -20.02
CA ALA C 9 1.03 3.83 -18.91
C ALA C 9 1.55 4.64 -17.75
N ALA C 10 0.63 5.16 -16.93
CA ALA C 10 1.02 5.91 -15.74
C ALA C 10 1.26 4.92 -14.58
N LYS D 1 2.17 0.64 -48.83
CA LYS D 1 2.86 -0.12 -47.74
C LYS D 1 3.83 -1.14 -48.35
N GLU D 2 4.58 -0.72 -49.36
CA GLU D 2 5.52 -1.61 -50.06
C GLU D 2 6.97 -1.20 -49.77
N VAL D 3 7.82 -2.20 -49.65
CA VAL D 3 9.23 -1.99 -49.40
C VAL D 3 9.98 -2.84 -50.41
N GLU D 4 10.91 -2.23 -51.12
CA GLU D 4 11.65 -2.92 -52.19
C GLU D 4 13.11 -3.13 -51.78
N GLN D 5 13.61 -4.34 -52.02
CA GLN D 5 15.01 -4.69 -51.68
C GLN D 5 15.49 -5.76 -52.62
N ASP D 6 16.68 -5.57 -53.19
CA ASP D 6 17.27 -6.56 -54.12
C ASP D 6 17.78 -7.77 -53.32
N PRO D 7 17.45 -8.98 -53.77
CA PRO D 7 17.75 -10.23 -53.08
C PRO D 7 19.17 -10.70 -53.14
N GLY D 8 19.98 -10.10 -54.03
CA GLY D 8 21.33 -10.54 -54.23
C GLY D 8 21.29 -11.86 -54.96
N PRO D 9 22.17 -12.80 -54.61
CA PRO D 9 23.19 -12.68 -53.59
C PRO D 9 24.31 -11.78 -54.07
N LEU D 10 24.89 -11.02 -53.17
CA LEU D 10 25.96 -10.15 -53.56
C LEU D 10 27.23 -10.57 -52.82
N SER D 11 28.32 -10.71 -53.56
CA SER D 11 29.58 -11.14 -52.99
C SER D 11 30.61 -10.04 -53.01
N VAL D 12 31.40 -10.00 -51.95
CA VAL D 12 32.48 -9.04 -51.82
C VAL D 12 33.59 -9.72 -51.04
N PRO D 13 34.83 -9.40 -51.37
CA PRO D 13 35.96 -10.01 -50.72
C PRO D 13 36.18 -9.49 -49.30
N GLU D 14 36.56 -10.40 -48.41
CA GLU D 14 36.85 -10.07 -47.02
C GLU D 14 37.63 -8.77 -46.94
N GLY D 15 37.15 -7.85 -46.10
CA GLY D 15 37.85 -6.58 -45.87
C GLY D 15 37.28 -5.38 -46.60
N ALA D 16 36.45 -5.62 -47.60
CA ALA D 16 35.88 -4.52 -48.38
C ALA D 16 34.62 -3.96 -47.71
N ILE D 17 34.11 -2.84 -48.23
CA ILE D 17 32.91 -2.24 -47.69
C ILE D 17 31.76 -2.60 -48.59
N VAL D 18 30.66 -3.03 -48.02
CA VAL D 18 29.50 -3.39 -48.82
C VAL D 18 28.25 -2.66 -48.40
N SER D 19 27.47 -2.28 -49.39
CA SER D 19 26.25 -1.53 -49.18
C SER D 19 25.01 -2.36 -49.47
N LEU D 20 24.07 -2.30 -48.56
CA LEU D 20 22.80 -2.97 -48.69
C LEU D 20 21.82 -1.86 -48.68
N ASN D 21 20.67 -2.05 -49.28
CA ASN D 21 19.70 -0.98 -49.28
C ASN D 21 18.29 -1.38 -49.68
N CYS D 22 17.32 -0.58 -49.23
CA CYS D 22 15.92 -0.76 -49.55
C CYS D 22 15.32 0.56 -49.94
N THR D 23 14.16 0.49 -50.55
CA THR D 23 13.44 1.69 -50.95
C THR D 23 11.96 1.48 -50.58
N TYR D 24 11.22 2.56 -50.40
CA TYR D 24 9.81 2.45 -50.01
C TYR D 24 8.97 3.53 -50.70
N SER D 25 7.65 3.40 -50.67
CA SER D 25 6.79 4.37 -51.36
C SER D 25 5.64 4.86 -50.50
N ASN D 26 5.85 4.89 -49.20
CA ASN D 26 4.84 5.38 -48.27
C ASN D 26 5.50 6.38 -47.32
N SER D 27 5.12 7.65 -47.46
CA SER D 27 5.70 8.72 -46.64
C SER D 27 5.37 8.57 -45.14
N ALA D 28 4.42 7.71 -44.81
CA ALA D 28 4.04 7.47 -43.46
C ALA D 28 5.17 6.78 -42.63
N PHE D 29 6.13 6.12 -43.32
CA PHE D 29 7.22 5.46 -42.59
C PHE D 29 8.17 6.49 -41.98
N GLN D 30 8.62 6.22 -40.76
CA GLN D 30 9.54 7.09 -40.07
C GLN D 30 10.44 6.36 -39.08
N TYR D 31 10.41 5.05 -39.13
CA TYR D 31 11.28 4.20 -38.29
C TYR D 31 11.93 3.17 -39.21
N PHE D 32 13.25 3.13 -39.23
CA PHE D 32 13.93 2.26 -40.12
C PHE D 32 15.01 1.48 -39.42
N MET D 33 14.92 0.14 -39.50
CA MET D 33 15.92 -0.72 -38.89
C MET D 33 16.38 -1.84 -39.80
N TRP D 34 17.51 -2.46 -39.43
CA TRP D 34 18.10 -3.56 -40.18
C TRP D 34 18.32 -4.75 -39.30
N TYR D 35 17.90 -5.91 -39.79
CA TYR D 35 18.05 -7.17 -39.08
C TYR D 35 19.09 -8.02 -39.80
N ARG D 36 19.66 -8.97 -39.09
CA ARG D 36 20.63 -9.91 -39.66
C ARG D 36 20.12 -11.30 -39.32
N GLN D 37 20.00 -12.15 -40.34
CA GLN D 37 19.47 -13.49 -40.15
C GLN D 37 20.38 -14.54 -40.76
N TYR D 38 20.84 -15.45 -39.92
CA TYR D 38 21.66 -16.55 -40.37
C TYR D 38 20.73 -17.71 -40.71
N SER D 39 21.10 -18.49 -41.74
CA SER D 39 20.26 -19.60 -42.20
C SER D 39 19.80 -20.50 -41.05
N ARG D 40 18.53 -20.88 -41.09
CA ARG D 40 17.88 -21.72 -40.06
C ARG D 40 17.87 -21.14 -38.63
N LYS D 41 18.23 -19.85 -38.50
CA LYS D 41 18.21 -19.15 -37.20
C LYS D 41 17.38 -17.89 -37.30
N GLY D 42 17.15 -17.23 -36.17
CA GLY D 42 16.30 -16.02 -36.11
C GLY D 42 17.00 -14.70 -36.47
N PRO D 43 16.21 -13.61 -36.57
CA PRO D 43 16.69 -12.28 -36.92
C PRO D 43 17.20 -11.46 -35.72
N GLU D 44 18.34 -10.79 -35.90
CA GLU D 44 18.96 -10.00 -34.84
C GLU D 44 19.04 -8.51 -35.24
N LEU D 45 18.42 -7.63 -34.45
CA LEU D 45 18.46 -6.20 -34.72
C LEU D 45 19.90 -5.70 -34.74
N LEU D 46 20.25 -4.89 -35.73
CA LEU D 46 21.60 -4.34 -35.88
C LEU D 46 21.62 -2.86 -35.65
N MET D 47 20.93 -2.13 -36.52
CA MET D 47 20.84 -0.66 -36.49
C MET D 47 19.39 -0.24 -36.56
N TYR D 48 19.09 0.89 -35.94
CA TYR D 48 17.76 1.45 -35.99
C TYR D 48 17.91 2.97 -36.10
N THR D 49 17.01 3.60 -36.84
CA THR D 49 17.05 5.05 -37.01
C THR D 49 15.65 5.62 -37.07
N TYR D 50 15.57 6.93 -36.82
CA TYR D 50 14.30 7.66 -36.82
C TYR D 50 14.39 8.88 -37.76
N SER D 51 13.51 8.91 -38.76
CA SER D 51 13.49 9.97 -39.81
C SER D 51 14.81 9.91 -40.61
N SER D 52 15.32 11.06 -41.05
CA SER D 52 16.58 11.11 -41.82
C SER D 52 17.81 11.12 -40.92
N GLY D 53 18.97 10.78 -41.49
CA GLY D 53 20.23 10.79 -40.75
C GLY D 53 21.16 9.62 -40.99
N ASN D 54 22.39 9.74 -40.48
CA ASN D 54 23.41 8.70 -40.61
C ASN D 54 23.89 8.27 -39.21
N LYS D 55 23.68 7.01 -38.87
CA LYS D 55 24.08 6.49 -37.56
C LYS D 55 25.24 5.53 -37.66
N GLU D 56 26.30 5.82 -36.90
CA GLU D 56 27.45 4.90 -36.84
C GLU D 56 27.38 4.09 -35.56
N ASP D 57 27.82 2.84 -35.66
CA ASP D 57 27.80 1.90 -34.56
C ASP D 57 28.91 0.89 -34.86
N GLY D 58 30.16 1.31 -34.65
CA GLY D 58 31.32 0.48 -34.93
C GLY D 58 31.50 0.23 -36.42
N ARG D 59 31.40 -1.02 -36.81
CA ARG D 59 31.55 -1.41 -38.22
C ARG D 59 30.30 -1.14 -39.10
N PHE D 60 29.17 -0.88 -38.48
CA PHE D 60 27.93 -0.62 -39.21
C PHE D 60 27.58 0.88 -39.27
N THR D 61 26.93 1.27 -40.37
CA THR D 61 26.49 2.64 -40.59
C THR D 61 25.14 2.61 -41.29
N ALA D 62 24.09 3.08 -40.60
CA ALA D 62 22.76 3.13 -41.20
C ALA D 62 22.50 4.54 -41.74
N GLN D 63 21.85 4.62 -42.90
CA GLN D 63 21.53 5.90 -43.55
C GLN D 63 20.10 5.91 -44.00
N VAL D 64 19.50 7.08 -44.05
CA VAL D 64 18.11 7.21 -44.48
C VAL D 64 17.85 8.55 -45.11
N ASP D 65 17.51 8.52 -46.40
CA ASP D 65 17.19 9.75 -47.15
C ASP D 65 15.68 9.74 -47.40
N LYS D 66 14.93 10.38 -46.50
CA LYS D 66 13.47 10.46 -46.64
C LYS D 66 13.01 11.10 -47.94
N SER D 67 13.76 12.06 -48.44
CA SER D 67 13.40 12.70 -49.73
C SER D 67 13.28 11.62 -50.80
N SER D 68 14.32 10.77 -50.86
CA SER D 68 14.39 9.72 -51.86
C SER D 68 13.68 8.43 -51.49
N LYS D 69 13.16 8.35 -50.25
CA LYS D 69 12.55 7.09 -49.80
C LYS D 69 13.60 5.95 -49.98
N TYR D 70 14.83 6.20 -49.55
CA TYR D 70 15.94 5.25 -49.76
C TYR D 70 16.78 5.06 -48.50
N ILE D 71 16.97 3.81 -48.10
CA ILE D 71 17.71 3.49 -46.90
C ILE D 71 18.86 2.62 -47.21
N SER D 72 19.97 2.81 -46.51
CA SER D 72 21.12 1.99 -46.73
C SER D 72 21.87 1.63 -45.45
N LEU D 73 22.58 0.50 -45.50
CA LEU D 73 23.38 0.00 -44.39
C LEU D 73 24.75 -0.32 -44.95
N PHE D 74 25.79 0.27 -44.36
CA PHE D 74 27.16 0.02 -44.78
C PHE D 74 27.90 -0.84 -43.76
N ILE D 75 28.62 -1.84 -44.26
CA ILE D 75 29.40 -2.71 -43.41
C ILE D 75 30.85 -2.55 -43.82
N ARG D 76 31.68 -2.05 -42.91
CA ARG D 76 33.10 -1.83 -43.21
C ARG D 76 33.94 -2.99 -42.73
N ASP D 77 35.07 -3.20 -43.39
CA ASP D 77 35.97 -4.31 -43.03
C ASP D 77 35.18 -5.61 -42.98
N SER D 78 34.48 -5.92 -44.06
CA SER D 78 33.69 -7.14 -44.11
C SER D 78 34.48 -8.35 -43.68
N GLN D 79 33.84 -9.18 -42.85
CA GLN D 79 34.43 -10.43 -42.36
C GLN D 79 33.50 -11.53 -42.82
N PRO D 80 34.04 -12.72 -43.10
CA PRO D 80 33.19 -13.85 -43.55
C PRO D 80 32.04 -14.12 -42.54
N SER D 81 32.30 -13.87 -41.27
CA SER D 81 31.30 -14.03 -40.24
C SER D 81 30.07 -13.13 -40.48
N ASP D 82 30.22 -12.11 -41.32
CA ASP D 82 29.13 -11.17 -41.63
C ASP D 82 28.20 -11.75 -42.69
N SER D 83 28.60 -12.86 -43.30
CA SER D 83 27.79 -13.51 -44.33
C SER D 83 26.46 -13.93 -43.70
N ALA D 84 25.36 -13.52 -44.32
CA ALA D 84 24.01 -13.85 -43.83
C ALA D 84 22.98 -13.14 -44.67
N THR D 85 21.72 -13.21 -44.26
CA THR D 85 20.67 -12.50 -44.98
C THR D 85 20.33 -11.26 -44.18
N TYR D 86 20.23 -10.13 -44.88
CA TYR D 86 19.95 -8.85 -44.26
C TYR D 86 18.57 -8.39 -44.66
N LEU D 87 17.78 -7.99 -43.67
CA LEU D 87 16.41 -7.53 -43.92
C LEU D 87 16.27 -6.11 -43.42
N CYS D 88 15.49 -5.30 -44.12
CA CYS D 88 15.20 -3.98 -43.61
C CYS D 88 13.79 -4.07 -43.10
N ALA D 89 13.40 -3.10 -42.31
CA ALA D 89 12.07 -3.06 -41.74
C ALA D 89 11.73 -1.65 -41.37
N MET D 90 10.47 -1.31 -41.48
CA MET D 90 10.07 0.04 -41.14
C MET D 90 8.62 0.12 -40.67
N ARG D 91 8.23 1.26 -40.15
CA ARG D 91 6.85 1.48 -39.75
C ARG D 91 6.57 2.95 -39.58
N GLY D 92 5.33 3.27 -39.27
CA GLY D 92 4.91 4.63 -38.99
C GLY D 92 4.65 4.75 -37.51
N ASP D 93 3.89 5.78 -37.11
CA ASP D 93 3.58 6.02 -35.70
C ASP D 93 2.21 5.47 -35.30
N SER D 94 1.64 4.66 -36.18
CA SER D 94 0.28 4.15 -36.00
C SER D 94 0.17 2.77 -35.37
N SER D 95 1.18 1.96 -35.58
CA SER D 95 1.16 0.60 -35.10
C SER D 95 2.59 0.10 -34.93
N TYR D 96 2.77 -0.87 -34.07
CA TYR D 96 4.09 -1.45 -33.90
C TYR D 96 4.36 -2.47 -34.97
N LYS D 97 3.42 -2.61 -35.90
CA LYS D 97 3.56 -3.54 -37.01
C LYS D 97 4.69 -3.12 -37.92
N LEU D 98 5.71 -3.95 -37.99
CA LEU D 98 6.84 -3.74 -38.85
C LEU D 98 6.60 -4.36 -40.20
N ILE D 99 7.08 -3.70 -41.25
CA ILE D 99 7.01 -4.22 -42.62
C ILE D 99 8.44 -4.52 -43.06
N PHE D 100 8.69 -5.75 -43.49
CA PHE D 100 10.06 -6.18 -43.90
C PHE D 100 10.32 -6.26 -45.40
N GLY D 101 11.59 -6.25 -45.74
CA GLY D 101 12.00 -6.43 -47.09
C GLY D 101 12.13 -7.92 -47.33
N SER D 102 12.22 -8.31 -48.59
CA SER D 102 12.35 -9.70 -48.93
C SER D 102 13.72 -10.17 -48.47
N GLY D 103 14.65 -9.22 -48.28
CA GLY D 103 15.99 -9.51 -47.80
C GLY D 103 17.03 -9.67 -48.90
N THR D 104 18.27 -9.23 -48.61
CA THR D 104 19.40 -9.34 -49.56
C THR D 104 20.44 -10.30 -48.98
N ARG D 105 20.76 -11.35 -49.71
CA ARG D 105 21.75 -12.29 -49.20
C ARG D 105 23.16 -11.73 -49.41
N LEU D 106 24.00 -11.82 -48.38
CA LEU D 106 25.37 -11.32 -48.42
C LEU D 106 26.30 -12.45 -48.19
N LEU D 107 27.42 -12.41 -48.88
CA LEU D 107 28.39 -13.45 -48.78
C LEU D 107 29.74 -12.79 -48.95
N VAL D 108 30.47 -12.71 -47.85
CA VAL D 108 31.78 -12.11 -47.84
C VAL D 108 32.79 -13.22 -47.94
N ARG D 109 33.51 -13.25 -49.06
CA ARG D 109 34.48 -14.29 -49.35
C ARG D 109 35.75 -14.13 -48.52
N PRO D 110 36.26 -15.23 -47.95
CA PRO D 110 37.48 -15.22 -47.10
C PRO D 110 38.82 -15.14 -47.84
N ASP D 111 39.87 -14.75 -47.10
CA ASP D 111 41.22 -14.67 -47.67
C ASP D 111 41.99 -15.95 -47.53
N ILE D 112 42.34 -16.48 -48.69
CA ILE D 112 43.08 -17.71 -48.80
C ILE D 112 44.45 -17.29 -49.35
N GLN D 113 45.45 -17.31 -48.47
CA GLN D 113 46.79 -16.85 -48.82
C GLN D 113 47.61 -17.91 -49.54
N ASN D 114 47.41 -19.16 -49.16
CA ASN D 114 48.13 -20.27 -49.78
C ASN D 114 47.17 -21.23 -50.43
N PRO D 115 46.58 -20.82 -51.56
CA PRO D 115 45.64 -21.71 -52.27
C PRO D 115 46.33 -22.91 -52.92
N ASP D 116 45.78 -24.11 -52.68
CA ASP D 116 46.33 -25.33 -53.24
C ASP D 116 45.21 -26.15 -53.86
N PRO D 117 44.53 -25.58 -54.87
CA PRO D 117 43.38 -26.25 -55.52
C PRO D 117 43.65 -27.67 -56.03
N ALA D 118 42.82 -28.61 -55.60
CA ALA D 118 42.96 -30.03 -55.95
C ALA D 118 41.62 -30.74 -55.84
N VAL D 119 41.47 -31.83 -56.58
CA VAL D 119 40.24 -32.64 -56.52
C VAL D 119 40.61 -34.01 -56.05
N TYR D 120 39.98 -34.47 -54.98
CA TYR D 120 40.28 -35.77 -54.40
C TYR D 120 39.08 -36.73 -54.41
N GLN D 121 39.39 -38.03 -54.45
CA GLN D 121 38.39 -39.05 -54.38
C GLN D 121 38.43 -39.66 -52.98
N LEU D 122 37.34 -39.52 -52.24
CA LEU D 122 37.26 -40.05 -50.88
C LEU D 122 36.51 -41.38 -50.83
N ARG D 123 37.15 -42.36 -50.26
CA ARG D 123 36.57 -43.69 -50.09
C ARG D 123 35.54 -43.67 -48.94
N ASP D 124 34.51 -44.50 -49.05
CA ASP D 124 33.48 -44.61 -47.99
C ASP D 124 34.04 -45.38 -46.79
N SER D 125 33.67 -44.93 -45.59
CA SER D 125 34.14 -45.54 -44.32
C SER D 125 33.96 -47.06 -44.22
N LYS D 126 32.73 -47.54 -44.35
CA LYS D 126 32.43 -48.97 -44.24
C LYS D 126 32.04 -49.63 -45.55
N SER D 127 31.04 -49.07 -46.23
CA SER D 127 30.53 -49.66 -47.46
C SER D 127 31.55 -49.81 -48.58
N SER D 128 31.56 -51.01 -49.17
CA SER D 128 32.47 -51.39 -50.26
C SER D 128 32.67 -50.28 -51.32
N ASP D 129 33.95 -50.06 -51.66
CA ASP D 129 34.39 -49.05 -52.67
C ASP D 129 33.41 -47.93 -53.08
N LYS D 130 32.70 -47.37 -52.11
CA LYS D 130 31.82 -46.22 -52.35
C LYS D 130 32.73 -45.02 -52.29
N SER D 131 32.37 -43.94 -52.98
CA SER D 131 33.22 -42.75 -52.98
C SER D 131 32.46 -41.47 -53.17
N VAL D 132 33.21 -40.38 -53.15
CA VAL D 132 32.69 -39.06 -53.35
C VAL D 132 33.90 -38.23 -53.80
N CYS D 133 33.65 -37.12 -54.49
CA CYS D 133 34.73 -36.25 -54.95
C CYS D 133 34.75 -34.96 -54.15
N LEU D 134 35.97 -34.52 -53.78
CA LEU D 134 36.15 -33.32 -52.97
C LEU D 134 37.04 -32.24 -53.63
N PHE D 135 36.41 -31.24 -54.23
CA PHE D 135 37.14 -30.11 -54.81
C PHE D 135 37.54 -29.29 -53.62
N THR D 136 38.81 -28.88 -53.53
CA THR D 136 39.23 -28.11 -52.32
C THR D 136 40.52 -27.32 -52.43
N ASP D 137 40.65 -26.36 -51.52
CA ASP D 137 41.81 -25.46 -51.37
C ASP D 137 41.92 -24.41 -52.47
N PHE D 138 40.83 -24.22 -53.22
CA PHE D 138 40.79 -23.22 -54.29
C PHE D 138 40.46 -21.91 -53.67
N ASP D 139 40.85 -20.82 -54.33
CA ASP D 139 40.58 -19.51 -53.78
C ASP D 139 39.14 -19.06 -53.96
N SER D 140 38.77 -18.07 -53.16
CA SER D 140 37.41 -17.53 -53.14
C SER D 140 36.97 -16.95 -54.46
N GLN D 141 37.92 -16.68 -55.35
CA GLN D 141 37.59 -16.11 -56.65
C GLN D 141 36.81 -17.15 -57.49
N THR D 142 36.97 -18.44 -57.16
CA THR D 142 36.33 -19.55 -57.90
C THR D 142 34.85 -19.89 -57.54
N ASN D 143 33.99 -19.89 -58.56
CA ASN D 143 32.57 -20.21 -58.41
C ASN D 143 32.26 -21.64 -58.85
N VAL D 144 31.73 -22.44 -57.91
CA VAL D 144 31.34 -23.82 -58.20
C VAL D 144 29.94 -23.81 -58.80
N SER D 145 29.69 -24.71 -59.74
CA SER D 145 28.41 -24.77 -60.41
C SER D 145 27.76 -26.15 -60.34
N GLN D 146 26.46 -26.20 -60.60
CA GLN D 146 25.76 -27.45 -60.61
C GLN D 146 26.20 -28.27 -61.80
N SER D 147 25.82 -29.54 -61.82
CA SER D 147 26.17 -30.42 -62.92
C SER D 147 25.08 -30.41 -63.94
N LYS D 148 25.43 -30.68 -65.20
CA LYS D 148 24.44 -30.75 -66.27
C LYS D 148 23.66 -32.04 -66.20
N ASP D 149 24.25 -33.06 -65.58
CA ASP D 149 23.55 -34.34 -65.42
C ASP D 149 22.74 -34.25 -64.13
N SER D 150 21.42 -34.41 -64.26
CA SER D 150 20.51 -34.32 -63.12
C SER D 150 20.69 -35.45 -62.09
N ASP D 151 21.39 -36.52 -62.47
CA ASP D 151 21.67 -37.62 -61.54
C ASP D 151 23.06 -37.42 -60.86
N VAL D 152 23.53 -36.15 -60.81
CA VAL D 152 24.82 -35.79 -60.20
C VAL D 152 24.69 -34.62 -59.18
N TYR D 153 24.96 -34.92 -57.95
CA TYR D 153 24.79 -33.96 -56.89
C TYR D 153 26.10 -33.19 -56.54
N ILE D 154 26.02 -31.85 -56.55
CA ILE D 154 27.17 -30.97 -56.21
C ILE D 154 26.76 -29.86 -55.20
N THR D 155 27.57 -29.69 -54.13
CA THR D 155 27.33 -28.65 -53.11
C THR D 155 28.09 -27.36 -53.46
N ASP D 156 27.64 -26.22 -52.96
CA ASP D 156 28.40 -24.99 -53.20
C ASP D 156 29.65 -24.98 -52.36
N LYS D 157 30.47 -23.97 -52.58
CA LYS D 157 31.70 -23.81 -51.84
C LYS D 157 31.32 -23.62 -50.36
N CYS D 158 32.18 -24.06 -49.48
CA CYS D 158 31.92 -23.97 -48.05
C CYS D 158 33.24 -23.68 -47.33
N VAL D 159 33.30 -22.56 -46.62
CA VAL D 159 34.54 -22.15 -45.94
C VAL D 159 34.74 -22.88 -44.63
N LEU D 160 35.81 -23.64 -44.58
CA LEU D 160 36.21 -24.41 -43.41
C LEU D 160 37.22 -23.54 -42.65
N ASP D 161 37.21 -23.58 -41.32
CA ASP D 161 38.14 -22.76 -40.52
C ASP D 161 38.78 -23.57 -39.38
N MET D 162 40.11 -23.64 -39.36
CA MET D 162 40.85 -24.33 -38.31
C MET D 162 41.59 -23.26 -37.50
N ARG D 163 40.82 -22.46 -36.74
CA ARG D 163 41.39 -21.33 -35.99
C ARG D 163 42.59 -21.66 -35.11
N SER D 164 42.56 -22.81 -34.43
CA SER D 164 43.67 -23.21 -33.54
C SER D 164 45.02 -23.23 -34.29
N MET D 165 44.95 -23.37 -35.61
CA MET D 165 46.12 -23.46 -36.46
C MET D 165 46.15 -22.33 -37.51
N ASP D 166 45.22 -21.36 -37.39
CA ASP D 166 45.09 -20.25 -38.38
C ASP D 166 45.06 -20.77 -39.80
N PHE D 167 43.93 -21.31 -40.22
CA PHE D 167 43.84 -21.83 -41.56
C PHE D 167 42.44 -22.16 -41.97
N LYS D 168 41.93 -21.43 -42.95
CA LYS D 168 40.61 -21.68 -43.47
C LYS D 168 40.73 -22.09 -44.93
N SER D 169 39.81 -22.92 -45.40
CA SER D 169 39.85 -23.41 -46.78
C SER D 169 38.45 -23.60 -47.36
N ASN D 170 38.34 -23.37 -48.66
CA ASN D 170 37.06 -23.56 -49.39
C ASN D 170 36.98 -25.01 -49.89
N SER D 171 35.78 -25.56 -49.92
CA SER D 171 35.60 -26.93 -50.39
C SER D 171 34.22 -27.16 -50.93
N ALA D 172 34.13 -28.11 -51.85
CA ALA D 172 32.87 -28.49 -52.47
C ALA D 172 32.90 -29.99 -52.71
N VAL D 173 31.74 -30.65 -52.58
CA VAL D 173 31.65 -32.09 -52.75
C VAL D 173 30.67 -32.48 -53.87
N ALA D 174 30.99 -33.55 -54.58
CA ALA D 174 30.15 -34.04 -55.67
C ALA D 174 30.01 -35.58 -55.57
N TRP D 175 28.86 -36.11 -55.96
CA TRP D 175 28.67 -37.57 -55.93
C TRP D 175 27.51 -38.04 -56.83
N SER D 176 27.52 -39.36 -57.19
CA SER D 176 26.46 -39.99 -58.01
C SER D 176 26.48 -41.52 -57.89
N ASN D 177 25.37 -42.15 -58.28
CA ASN D 177 25.25 -43.61 -58.31
C ASN D 177 25.53 -44.11 -59.71
N LYS D 178 25.67 -43.18 -60.63
CA LYS D 178 25.91 -43.50 -62.02
C LYS D 178 27.35 -44.00 -62.18
N SER D 179 27.53 -45.06 -62.96
CA SER D 179 28.85 -45.68 -63.17
C SER D 179 29.70 -44.93 -64.21
N ASP D 180 29.21 -43.79 -64.66
CA ASP D 180 29.91 -42.96 -65.64
C ASP D 180 30.52 -41.77 -64.91
N PHE D 181 30.22 -41.68 -63.63
CA PHE D 181 30.69 -40.59 -62.81
C PHE D 181 32.05 -40.87 -62.19
N ALA D 182 33.03 -40.06 -62.58
CA ALA D 182 34.37 -40.13 -62.02
C ALA D 182 34.75 -38.71 -61.60
N CYS D 183 35.76 -38.59 -60.77
CA CYS D 183 36.19 -37.29 -60.32
C CYS D 183 36.73 -36.43 -61.45
N ALA D 184 37.19 -37.05 -62.54
CA ALA D 184 37.71 -36.30 -63.68
C ALA D 184 36.58 -35.57 -64.43
N ASN D 185 35.39 -36.18 -64.45
CA ASN D 185 34.20 -35.58 -65.10
C ASN D 185 33.54 -34.58 -64.19
N ALA D 186 33.45 -34.93 -62.92
CA ALA D 186 32.84 -34.09 -61.91
C ALA D 186 33.46 -32.70 -61.96
N PHE D 187 32.60 -31.68 -61.90
CA PHE D 187 33.05 -30.27 -61.92
C PHE D 187 33.37 -29.71 -63.28
N ASN D 188 33.22 -30.51 -64.34
CA ASN D 188 33.52 -30.00 -65.68
C ASN D 188 32.59 -28.85 -66.12
N ASN D 189 31.46 -28.69 -65.44
CA ASN D 189 30.53 -27.63 -65.75
C ASN D 189 30.96 -26.33 -65.05
N SER D 190 31.84 -26.48 -64.05
CA SER D 190 32.36 -25.34 -63.32
C SER D 190 33.63 -24.83 -63.98
N ILE D 191 34.00 -23.60 -63.65
CA ILE D 191 35.24 -23.02 -64.13
C ILE D 191 36.24 -23.11 -62.98
N ILE D 192 37.07 -24.14 -63.03
CA ILE D 192 38.09 -24.33 -62.01
C ILE D 192 39.41 -23.91 -62.60
N PRO D 193 40.39 -23.55 -61.74
CA PRO D 193 41.70 -23.14 -62.23
C PRO D 193 42.48 -24.31 -62.84
N GLU D 194 43.79 -24.14 -63.01
CA GLU D 194 44.65 -25.22 -63.51
C GLU D 194 45.32 -25.84 -62.27
N ASP D 195 44.58 -26.80 -61.68
CA ASP D 195 44.92 -27.46 -60.43
C ASP D 195 45.07 -29.00 -60.55
N THR D 196 45.31 -29.67 -59.41
CA THR D 196 45.67 -31.11 -59.39
C THR D 196 44.59 -32.24 -59.39
N PHE D 197 44.75 -33.17 -60.34
CA PHE D 197 43.89 -34.33 -60.50
C PHE D 197 44.74 -35.60 -60.52
N PHE D 198 44.96 -36.16 -59.34
CA PHE D 198 45.77 -37.36 -59.20
C PHE D 198 44.93 -38.60 -59.54
N PRO D 199 45.50 -39.55 -60.32
CA PRO D 199 44.74 -40.73 -60.71
C PRO D 199 44.72 -41.83 -59.66
N SER D 200 45.90 -42.17 -59.15
CA SER D 200 46.04 -43.23 -58.13
C SER D 200 47.46 -43.27 -57.56
N ASP E 1 18.58 -14.26 -18.35
CA ASP E 1 19.07 -15.10 -19.48
C ASP E 1 17.92 -16.03 -19.98
N ALA E 2 16.75 -15.88 -19.34
CA ALA E 2 15.55 -16.67 -19.70
C ALA E 2 14.67 -15.87 -20.67
N GLY E 3 14.99 -16.01 -21.97
CA GLY E 3 14.29 -15.28 -23.03
C GLY E 3 12.94 -15.86 -23.45
N VAL E 4 12.50 -15.49 -24.65
CA VAL E 4 11.22 -15.95 -25.15
C VAL E 4 11.33 -17.42 -25.46
N ILE E 5 10.31 -18.19 -25.07
CA ILE E 5 10.30 -19.63 -25.27
C ILE E 5 9.13 -20.06 -26.16
N GLN E 6 9.44 -20.51 -27.37
CA GLN E 6 8.42 -21.01 -28.29
C GLN E 6 8.41 -22.51 -28.19
N SER E 7 7.32 -23.15 -28.64
CA SER E 7 7.16 -24.60 -28.49
C SER E 7 6.14 -25.19 -29.50
N PRO E 8 6.52 -26.26 -30.22
CA PRO E 8 7.82 -26.91 -30.20
C PRO E 8 8.69 -26.20 -31.20
N ARG E 9 9.96 -26.56 -31.27
CA ARG E 9 10.84 -25.94 -32.27
C ARG E 9 10.66 -26.60 -33.64
N HIS E 10 10.34 -27.89 -33.65
CA HIS E 10 10.11 -28.62 -34.91
C HIS E 10 8.78 -29.31 -34.89
N GLU E 11 8.02 -29.16 -35.98
CA GLU E 11 6.72 -29.80 -36.09
C GLU E 11 6.48 -30.27 -37.51
N VAL E 12 6.49 -31.59 -37.69
CA VAL E 12 6.20 -32.22 -38.97
C VAL E 12 4.85 -32.92 -38.78
N THR E 13 3.85 -32.55 -39.57
CA THR E 13 2.49 -33.10 -39.39
C THR E 13 1.65 -33.22 -40.68
N GLU E 14 0.56 -33.99 -40.60
CA GLU E 14 -0.34 -34.26 -41.75
C GLU E 14 -1.53 -33.32 -41.78
N MET E 15 -1.84 -32.80 -42.96
CA MET E 15 -2.93 -31.83 -43.13
C MET E 15 -4.27 -32.32 -42.58
N GLY E 16 -5.19 -31.36 -42.44
CA GLY E 16 -6.52 -31.64 -41.93
C GLY E 16 -6.57 -31.74 -40.42
N GLN E 17 -5.52 -31.23 -39.76
CA GLN E 17 -5.45 -31.30 -38.29
C GLN E 17 -5.17 -29.96 -37.64
N GLN E 18 -5.35 -29.91 -36.32
CA GLN E 18 -5.13 -28.69 -35.55
C GLN E 18 -3.71 -28.62 -35.03
N VAL E 19 -2.92 -27.68 -35.58
CA VAL E 19 -1.56 -27.49 -35.12
C VAL E 19 -1.57 -26.38 -34.07
N THR E 20 -0.88 -26.62 -32.98
CA THR E 20 -0.83 -25.66 -31.89
C THR E 20 0.61 -25.25 -31.61
N LEU E 21 0.89 -23.97 -31.81
CA LEU E 21 2.20 -23.39 -31.55
C LEU E 21 2.07 -22.56 -30.32
N ARG E 22 2.99 -22.73 -29.39
CA ARG E 22 2.94 -22.03 -28.09
C ARG E 22 4.09 -21.04 -27.91
N CYS E 23 3.85 -20.03 -27.10
CA CYS E 23 4.89 -19.04 -26.81
C CYS E 23 4.74 -18.46 -25.42
N LYS E 24 5.87 -18.37 -24.72
CA LYS E 24 5.93 -17.83 -23.39
C LYS E 24 6.86 -16.62 -23.47
N PRO E 25 6.32 -15.40 -23.23
CA PRO E 25 7.12 -14.21 -23.36
C PRO E 25 8.04 -14.04 -22.19
N ILE E 26 8.96 -13.10 -22.29
CA ILE E 26 9.87 -12.81 -21.19
C ILE E 26 9.08 -12.20 -20.03
N SER E 27 9.17 -12.83 -18.88
CA SER E 27 8.46 -12.36 -17.71
C SER E 27 8.69 -10.85 -17.56
N GLY E 28 7.61 -10.09 -17.57
CA GLY E 28 7.69 -8.64 -17.41
C GLY E 28 7.23 -7.89 -18.64
N HIS E 29 7.37 -8.54 -19.78
CA HIS E 29 6.99 -7.97 -21.07
C HIS E 29 5.48 -8.05 -21.23
N ASP E 30 4.89 -7.00 -21.83
CA ASP E 30 3.44 -6.96 -22.01
C ASP E 30 2.96 -6.67 -23.42
N TYR E 31 3.81 -6.97 -24.39
CA TYR E 31 3.50 -6.90 -25.82
C TYR E 31 4.00 -8.22 -26.38
N LEU E 32 3.16 -8.92 -27.14
CA LEU E 32 3.57 -10.21 -27.74
C LEU E 32 3.26 -10.17 -29.21
N PHE E 33 4.21 -10.64 -30.05
CA PHE E 33 4.08 -10.60 -31.51
C PHE E 33 4.23 -11.97 -32.16
N TRP E 34 3.39 -12.26 -33.14
CA TRP E 34 3.50 -13.50 -33.91
C TRP E 34 3.90 -13.18 -35.37
N TYR E 35 4.99 -13.77 -35.83
CA TYR E 35 5.50 -13.56 -37.19
C TYR E 35 5.65 -14.88 -37.90
N ARG E 36 5.51 -14.86 -39.23
CA ARG E 36 5.82 -16.04 -40.00
C ARG E 36 6.81 -15.66 -41.13
N GLN E 37 7.63 -16.61 -41.53
CA GLN E 37 8.59 -16.37 -42.56
C GLN E 37 8.59 -17.52 -43.53
N THR E 38 7.99 -17.32 -44.71
CA THR E 38 8.00 -18.34 -45.76
C THR E 38 9.15 -17.96 -46.66
N MET E 39 10.05 -18.90 -46.97
CA MET E 39 11.22 -18.56 -47.78
C MET E 39 10.86 -17.67 -49.00
N MET E 40 9.75 -17.99 -49.66
CA MET E 40 9.29 -17.24 -50.85
C MET E 40 8.58 -15.86 -50.56
N ARG E 41 8.45 -15.46 -49.29
CA ARG E 41 7.77 -14.18 -48.95
C ARG E 41 8.42 -13.30 -47.82
N GLY E 42 9.36 -13.85 -47.06
CA GLY E 42 10.01 -13.06 -45.99
C GLY E 42 9.16 -12.96 -44.75
N LEU E 43 9.59 -12.12 -43.80
CA LEU E 43 8.86 -11.93 -42.54
C LEU E 43 7.56 -11.17 -42.65
N GLU E 44 6.52 -11.75 -42.08
CA GLU E 44 5.22 -11.15 -42.03
C GLU E 44 4.78 -11.15 -40.61
N LEU E 45 4.26 -10.02 -40.14
CA LEU E 45 3.68 -9.98 -38.83
C LEU E 45 2.28 -10.49 -38.96
N LEU E 46 1.93 -11.47 -38.16
CA LEU E 46 0.57 -11.99 -38.16
C LEU E 46 -0.31 -11.16 -37.23
N ILE E 47 0.11 -11.02 -35.97
CA ILE E 47 -0.67 -10.30 -34.97
C ILE E 47 0.17 -9.87 -33.80
N TYR E 48 -0.33 -8.89 -33.04
CA TYR E 48 0.36 -8.53 -31.79
C TYR E 48 -0.60 -8.07 -30.70
N PHE E 49 -0.27 -8.46 -29.48
CA PHE E 49 -1.06 -8.15 -28.33
C PHE E 49 -0.42 -7.11 -27.47
N ASN E 50 -1.23 -6.47 -26.63
CA ASN E 50 -0.75 -5.54 -25.61
C ASN E 50 -1.63 -5.80 -24.40
N ASN E 51 -1.01 -6.10 -23.27
CA ASN E 51 -1.77 -6.46 -22.07
C ASN E 51 -2.83 -7.51 -22.37
N ASN E 52 -2.48 -8.43 -23.28
CA ASN E 52 -3.33 -9.58 -23.65
C ASN E 52 -4.43 -9.33 -24.67
N VAL E 53 -4.60 -8.10 -25.15
CA VAL E 53 -5.66 -7.84 -26.12
C VAL E 53 -5.11 -7.64 -27.51
N PRO E 54 -5.71 -8.32 -28.51
CA PRO E 54 -5.25 -8.20 -29.88
C PRO E 54 -5.36 -6.78 -30.33
N ILE E 55 -4.22 -6.14 -30.59
CA ILE E 55 -4.22 -4.73 -31.04
C ILE E 55 -4.19 -4.57 -32.56
N ASP E 56 -3.43 -5.43 -33.23
CA ASP E 56 -3.32 -5.35 -34.69
C ASP E 56 -3.24 -6.76 -35.28
N ASP E 57 -4.22 -7.12 -36.08
CA ASP E 57 -4.25 -8.43 -36.70
C ASP E 57 -4.51 -8.38 -38.19
N SER E 58 -4.25 -7.22 -38.82
CA SER E 58 -4.40 -7.04 -40.26
C SER E 58 -3.61 -8.12 -40.99
N GLY E 59 -2.49 -8.52 -40.40
CA GLY E 59 -1.65 -9.55 -40.97
C GLY E 59 -2.27 -10.95 -40.98
N MET E 60 -3.27 -11.19 -40.13
CA MET E 60 -3.93 -12.52 -40.08
C MET E 60 -4.67 -12.89 -41.36
N PRO E 61 -4.53 -14.14 -41.81
CA PRO E 61 -5.32 -14.55 -42.95
C PRO E 61 -6.81 -14.58 -42.56
N GLU E 62 -7.65 -14.09 -43.46
CA GLU E 62 -9.09 -13.99 -43.22
C GLU E 62 -9.76 -15.14 -42.44
N ASP E 63 -9.40 -16.39 -42.74
CA ASP E 63 -10.01 -17.52 -42.01
C ASP E 63 -8.99 -18.64 -41.71
N ARG E 64 -9.43 -19.65 -40.95
CA ARG E 64 -8.59 -20.80 -40.57
C ARG E 64 -7.37 -20.50 -39.65
N PHE E 65 -7.27 -19.27 -39.16
CA PHE E 65 -6.18 -18.88 -38.22
C PHE E 65 -6.76 -18.25 -36.94
N SER E 66 -6.17 -18.58 -35.78
CA SER E 66 -6.68 -18.09 -34.48
C SER E 66 -5.62 -17.95 -33.41
N ALA E 67 -5.39 -16.73 -32.97
CA ALA E 67 -4.41 -16.47 -31.94
C ALA E 67 -5.12 -16.00 -30.68
N LYS E 68 -4.42 -16.06 -29.55
CA LYS E 68 -4.97 -15.62 -28.28
C LYS E 68 -3.99 -15.72 -27.09
N MET E 69 -4.25 -14.89 -26.07
CA MET E 69 -3.45 -14.84 -24.83
C MET E 69 -4.35 -14.87 -23.64
N PRO E 70 -4.61 -16.07 -23.10
CA PRO E 70 -5.41 -16.11 -21.94
C PRO E 70 -4.73 -15.44 -20.72
N ASN E 71 -3.40 -15.29 -20.77
CA ASN E 71 -2.65 -14.65 -19.67
C ASN E 71 -1.33 -14.00 -20.09
N ALA E 72 -0.81 -13.13 -19.22
CA ALA E 72 0.41 -12.36 -19.47
C ALA E 72 1.63 -13.20 -19.84
N SER E 73 1.64 -14.45 -19.45
CA SER E 73 2.79 -15.28 -19.76
C SER E 73 2.50 -16.48 -20.69
N PHE E 74 1.57 -16.33 -21.65
CA PHE E 74 1.23 -17.44 -22.58
C PHE E 74 0.36 -17.02 -23.76
N SER E 75 0.85 -17.25 -24.97
CA SER E 75 0.10 -16.96 -26.17
C SER E 75 -0.01 -18.21 -27.04
N THR E 76 -1.12 -18.31 -27.75
CA THR E 76 -1.40 -19.44 -28.58
C THR E 76 -1.65 -19.07 -30.03
N LEU E 77 -1.06 -19.86 -30.94
CA LEU E 77 -1.33 -19.70 -32.37
C LEU E 77 -1.86 -21.03 -32.83
N LYS E 78 -3.15 -21.08 -33.14
CA LYS E 78 -3.79 -22.31 -33.61
C LYS E 78 -4.15 -22.18 -35.07
N ILE E 79 -3.93 -23.26 -35.80
CA ILE E 79 -4.25 -23.34 -37.22
C ILE E 79 -5.07 -24.58 -37.35
N GLN E 80 -6.31 -24.42 -37.83
CA GLN E 80 -7.23 -25.53 -37.96
C GLN E 80 -8.17 -25.23 -39.13
N PRO E 81 -8.20 -26.11 -40.17
CA PRO E 81 -7.41 -27.34 -40.35
C PRO E 81 -6.08 -27.08 -41.07
N SER E 82 -5.08 -27.91 -40.79
CA SER E 82 -3.74 -27.77 -41.38
C SER E 82 -3.73 -27.91 -42.89
N GLU E 83 -2.97 -27.03 -43.55
CA GLU E 83 -2.77 -27.09 -45.01
C GLU E 83 -1.28 -26.85 -45.33
N PRO E 84 -0.82 -27.33 -46.50
CA PRO E 84 0.58 -27.17 -46.89
C PRO E 84 0.99 -25.71 -46.96
N ARG E 85 0.22 -24.92 -47.69
CA ARG E 85 0.45 -23.48 -47.85
C ARG E 85 0.70 -22.74 -46.53
N ASP E 86 0.58 -23.44 -45.39
CA ASP E 86 0.79 -22.82 -44.07
C ASP E 86 2.14 -23.18 -43.46
N SER E 87 2.82 -24.15 -44.07
CA SER E 87 4.14 -24.56 -43.60
C SER E 87 5.17 -23.42 -43.77
N ALA E 88 5.87 -23.12 -42.70
CA ALA E 88 6.83 -22.04 -42.69
C ALA E 88 7.51 -22.01 -41.34
N VAL E 89 8.16 -20.88 -41.04
CA VAL E 89 8.77 -20.70 -39.73
C VAL E 89 8.01 -19.63 -38.99
N TYR E 90 7.53 -19.97 -37.80
CA TYR E 90 6.73 -19.05 -36.98
C TYR E 90 7.51 -18.53 -35.77
N PHE E 91 7.69 -17.21 -35.69
CA PHE E 91 8.41 -16.59 -34.58
C PHE E 91 7.50 -15.84 -33.67
N CYS E 92 7.92 -15.74 -32.42
CA CYS E 92 7.21 -15.04 -31.39
C CYS E 92 8.19 -14.04 -30.81
N ALA E 93 7.67 -12.95 -30.28
CA ALA E 93 8.51 -11.94 -29.72
C ALA E 93 7.75 -11.20 -28.67
N SER E 94 8.46 -10.75 -27.64
CA SER E 94 7.84 -9.97 -26.59
C SER E 94 8.67 -8.73 -26.43
N SER E 95 8.08 -7.69 -25.84
CA SER E 95 8.81 -6.46 -25.64
C SER E 95 8.04 -5.51 -24.74
N LEU E 96 8.69 -4.41 -24.37
CA LEU E 96 8.10 -3.37 -23.49
C LEU E 96 8.04 -2.02 -24.19
N TRP E 97 7.25 -1.12 -23.65
CA TRP E 97 7.10 0.20 -24.23
C TRP E 97 8.43 0.97 -24.37
N GLU E 98 9.29 0.97 -23.34
CA GLU E 98 10.57 1.70 -23.46
C GLU E 98 11.50 1.08 -24.47
N LYS E 99 11.35 -0.23 -24.68
CA LYS E 99 12.18 -0.95 -25.64
C LYS E 99 11.67 -0.79 -27.07
N LEU E 100 10.34 -0.82 -27.23
CA LEU E 100 9.72 -0.69 -28.58
C LEU E 100 9.95 0.68 -29.18
N ALA E 101 10.10 1.69 -28.33
CA ALA E 101 10.32 3.06 -28.79
C ALA E 101 11.62 3.13 -29.52
N LYS E 102 12.44 2.09 -29.36
CA LYS E 102 13.71 2.00 -30.02
C LYS E 102 13.67 0.77 -30.93
N ASN E 103 12.47 0.26 -31.16
CA ASN E 103 12.24 -0.91 -32.01
C ASN E 103 13.09 -2.11 -31.64
N ILE E 104 13.12 -2.40 -30.34
CA ILE E 104 13.82 -3.51 -29.81
C ILE E 104 12.78 -4.57 -29.52
N GLN E 105 13.01 -5.79 -29.97
CA GLN E 105 12.09 -6.91 -29.74
C GLN E 105 12.90 -8.11 -29.41
N TYR E 106 12.43 -8.91 -28.47
CA TYR E 106 13.12 -10.13 -28.13
C TYR E 106 12.42 -11.25 -28.84
N PHE E 107 13.14 -11.92 -29.72
CA PHE E 107 12.58 -12.99 -30.53
C PHE E 107 12.83 -14.36 -29.95
N GLY E 108 11.89 -15.28 -30.19
CA GLY E 108 12.03 -16.69 -29.78
C GLY E 108 12.87 -17.45 -30.81
N ALA E 109 13.12 -18.73 -30.57
CA ALA E 109 13.92 -19.57 -31.48
C ALA E 109 13.08 -20.03 -32.69
N GLY E 110 11.79 -19.72 -32.70
CA GLY E 110 10.91 -20.08 -33.78
C GLY E 110 10.48 -21.53 -33.73
N THR E 111 9.54 -21.86 -34.60
CA THR E 111 9.01 -23.21 -34.75
C THR E 111 8.90 -23.53 -36.25
N ARG E 112 9.69 -24.51 -36.74
CA ARG E 112 9.59 -24.92 -38.16
C ARG E 112 8.37 -25.79 -38.38
N LEU E 113 7.41 -25.27 -39.10
CA LEU E 113 6.22 -26.02 -39.38
C LEU E 113 6.22 -26.52 -40.79
N SER E 114 6.25 -27.85 -40.94
CA SER E 114 6.10 -28.49 -42.25
C SER E 114 4.78 -29.28 -42.27
N VAL E 115 3.88 -28.95 -43.19
CA VAL E 115 2.60 -29.64 -43.34
C VAL E 115 2.63 -30.42 -44.64
N LEU E 116 2.38 -31.73 -44.57
CA LEU E 116 2.44 -32.60 -45.75
C LEU E 116 1.07 -33.11 -46.21
N GLU E 117 0.90 -33.25 -47.53
CA GLU E 117 -0.35 -33.79 -48.07
C GLU E 117 -0.53 -35.25 -47.67
N ASP E 118 0.59 -35.96 -47.59
CA ASP E 118 0.58 -37.37 -47.23
C ASP E 118 1.89 -37.73 -46.55
N LEU E 119 1.82 -38.61 -45.55
CA LEU E 119 2.99 -39.03 -44.76
C LEU E 119 3.80 -40.17 -45.41
N LYS E 120 3.32 -40.71 -46.52
CA LYS E 120 4.03 -41.79 -47.20
C LYS E 120 5.36 -41.32 -47.83
N ASN E 121 5.52 -39.99 -47.98
CA ASN E 121 6.75 -39.41 -48.54
C ASN E 121 7.79 -39.09 -47.46
N VAL E 122 7.42 -39.25 -46.19
CA VAL E 122 8.31 -38.95 -45.07
C VAL E 122 9.36 -40.03 -44.86
N PHE E 123 10.62 -39.67 -45.09
CA PHE E 123 11.73 -40.60 -44.92
C PHE E 123 12.83 -40.04 -44.05
N PRO E 124 13.57 -40.92 -43.35
CA PRO E 124 14.72 -40.49 -42.57
C PRO E 124 16.00 -40.53 -43.47
N PRO E 125 17.16 -40.05 -42.95
CA PRO E 125 18.38 -40.00 -43.75
C PRO E 125 19.26 -41.23 -43.70
N GLU E 126 20.03 -41.40 -44.76
CA GLU E 126 21.03 -42.45 -44.89
C GLU E 126 22.38 -41.75 -44.68
N VAL E 127 22.91 -41.81 -43.46
CA VAL E 127 24.17 -41.16 -43.14
C VAL E 127 25.38 -42.06 -43.46
N ALA E 128 26.33 -41.54 -44.21
CA ALA E 128 27.56 -42.29 -44.56
C ALA E 128 28.75 -41.36 -44.38
N VAL E 129 29.90 -41.92 -44.07
CA VAL E 129 31.09 -41.11 -43.88
C VAL E 129 32.20 -41.55 -44.83
N PHE E 130 32.88 -40.58 -45.42
CA PHE E 130 33.95 -40.89 -46.35
C PHE E 130 35.28 -40.45 -45.78
N GLU E 131 36.21 -41.40 -45.76
CA GLU E 131 37.53 -41.20 -45.19
C GLU E 131 38.40 -40.46 -46.19
N PRO E 132 39.44 -39.78 -45.70
CA PRO E 132 40.34 -39.00 -46.54
C PRO E 132 41.09 -39.80 -47.61
N SER E 133 41.59 -39.08 -48.59
CA SER E 133 42.36 -39.67 -49.65
C SER E 133 43.81 -39.66 -49.26
N GLU E 134 44.53 -40.72 -49.56
CA GLU E 134 45.94 -40.75 -49.25
C GLU E 134 46.64 -39.66 -50.08
N ALA E 135 46.06 -39.35 -51.24
CA ALA E 135 46.60 -38.32 -52.12
C ALA E 135 46.58 -36.95 -51.42
N GLU E 136 45.45 -36.61 -50.81
CA GLU E 136 45.32 -35.35 -50.05
C GLU E 136 46.29 -35.32 -48.89
N ILE E 137 46.47 -36.47 -48.26
CA ILE E 137 47.35 -36.57 -47.13
C ILE E 137 48.78 -36.12 -47.47
N SER E 138 49.45 -36.84 -48.37
CA SER E 138 50.85 -36.50 -48.70
C SER E 138 51.02 -35.25 -49.56
N HIS E 139 49.94 -34.61 -49.93
CA HIS E 139 50.03 -33.39 -50.75
C HIS E 139 49.81 -32.11 -49.94
N THR E 140 49.19 -32.23 -48.77
CA THR E 140 48.94 -31.07 -47.91
C THR E 140 49.02 -31.38 -46.40
N GLN E 141 49.45 -32.59 -46.02
CA GLN E 141 49.50 -33.01 -44.58
C GLN E 141 48.24 -32.65 -43.76
N LYS E 142 47.07 -32.87 -44.38
CA LYS E 142 45.77 -32.65 -43.73
C LYS E 142 44.76 -33.71 -44.26
N ALA E 143 43.78 -34.04 -43.45
CA ALA E 143 42.78 -35.06 -43.82
C ALA E 143 41.37 -34.55 -43.65
N THR E 144 40.59 -34.57 -44.73
CA THR E 144 39.21 -34.10 -44.70
C THR E 144 38.23 -35.27 -44.75
N LEU E 145 37.41 -35.42 -43.71
CA LEU E 145 36.36 -36.44 -43.74
C LEU E 145 35.15 -35.78 -44.32
N VAL E 146 34.26 -36.56 -44.91
CA VAL E 146 33.03 -36.01 -45.46
C VAL E 146 31.86 -36.83 -44.93
N CYS E 147 30.77 -36.14 -44.62
CA CYS E 147 29.57 -36.79 -44.13
C CYS E 147 28.53 -36.61 -45.19
N LEU E 148 27.57 -37.52 -45.22
CA LEU E 148 26.58 -37.44 -46.25
C LEU E 148 25.25 -38.04 -45.79
N ALA E 149 24.28 -37.16 -45.55
CA ALA E 149 22.92 -37.54 -45.17
C ALA E 149 22.11 -37.48 -46.44
N THR E 150 21.50 -38.59 -46.83
CA THR E 150 20.76 -38.64 -48.09
C THR E 150 19.39 -39.35 -48.06
N GLY E 151 18.46 -38.87 -48.88
CA GLY E 151 17.15 -39.47 -49.02
C GLY E 151 16.15 -39.11 -47.96
N PHE E 152 16.48 -38.12 -47.12
CA PHE E 152 15.55 -37.71 -46.08
C PHE E 152 14.53 -36.69 -46.59
N TYR E 153 13.36 -36.70 -45.96
CA TYR E 153 12.27 -35.78 -46.25
C TYR E 153 11.30 -35.79 -45.07
N PRO E 154 10.93 -34.61 -44.57
CA PRO E 154 11.31 -33.27 -45.00
C PRO E 154 12.73 -32.90 -44.54
N ASP E 155 13.09 -31.63 -44.73
CA ASP E 155 14.45 -31.15 -44.43
C ASP E 155 14.62 -30.57 -43.03
N HIS E 156 14.12 -31.28 -42.03
CA HIS E 156 14.31 -30.89 -40.65
C HIS E 156 15.49 -31.67 -40.14
N VAL E 157 16.70 -31.22 -40.41
CA VAL E 157 17.89 -31.94 -39.93
C VAL E 157 18.87 -31.05 -39.20
N GLU E 158 19.76 -31.69 -38.46
CA GLU E 158 20.78 -31.00 -37.69
C GLU E 158 21.95 -31.92 -37.61
N LEU E 159 22.93 -31.67 -38.47
CA LEU E 159 24.13 -32.49 -38.53
C LEU E 159 25.19 -31.97 -37.57
N SER E 160 25.95 -32.88 -36.98
CA SER E 160 26.98 -32.53 -36.05
C SER E 160 28.12 -33.54 -36.04
N TRP E 161 29.35 -33.04 -35.97
CA TRP E 161 30.53 -33.89 -35.93
C TRP E 161 30.94 -34.21 -34.50
N TRP E 162 31.21 -35.49 -34.24
CA TRP E 162 31.60 -35.94 -32.92
C TRP E 162 32.93 -36.65 -32.97
N VAL E 163 33.85 -36.19 -32.12
CA VAL E 163 35.18 -36.72 -32.06
C VAL E 163 35.48 -37.25 -30.68
N ASN E 164 35.98 -38.48 -30.62
CA ASN E 164 36.31 -39.08 -29.34
C ASN E 164 35.18 -38.88 -28.33
N GLY E 165 33.93 -38.98 -28.80
CA GLY E 165 32.75 -38.85 -27.94
C GLY E 165 32.34 -37.44 -27.58
N LYS E 166 33.00 -36.44 -28.19
CA LYS E 166 32.67 -35.04 -27.92
C LYS E 166 32.45 -34.25 -29.20
N GLU E 167 31.54 -33.28 -29.13
CA GLU E 167 31.22 -32.47 -30.30
C GLU E 167 32.37 -31.53 -30.60
N VAL E 168 32.50 -31.19 -31.89
CA VAL E 168 33.56 -30.29 -32.33
C VAL E 168 33.00 -29.31 -33.34
N HIS E 169 33.58 -28.11 -33.36
CA HIS E 169 33.18 -27.06 -34.29
C HIS E 169 34.35 -26.61 -35.12
N SER E 170 35.47 -26.31 -34.46
CA SER E 170 36.67 -25.92 -35.17
C SER E 170 36.93 -26.90 -36.32
N GLY E 171 37.07 -26.36 -37.53
CA GLY E 171 37.36 -27.16 -38.73
C GLY E 171 36.17 -27.89 -39.33
N VAL E 172 34.99 -27.28 -39.29
CA VAL E 172 33.79 -27.92 -39.83
C VAL E 172 32.94 -26.96 -40.66
N CYS E 173 32.43 -27.45 -41.77
CA CYS E 173 31.55 -26.68 -42.63
C CYS E 173 30.46 -27.61 -43.07
N THR E 174 29.21 -27.16 -42.96
CA THR E 174 28.09 -27.95 -43.39
C THR E 174 27.29 -27.11 -44.39
N ASP E 175 26.67 -27.75 -45.36
CA ASP E 175 25.91 -27.03 -46.37
C ASP E 175 24.83 -26.22 -45.68
N PRO E 176 24.80 -24.90 -45.94
CA PRO E 176 23.81 -24.00 -45.31
C PRO E 176 22.40 -24.55 -45.28
N GLN E 177 21.94 -25.06 -46.41
CA GLN E 177 20.61 -25.62 -46.56
C GLN E 177 20.71 -26.98 -47.22
N PRO E 178 19.85 -27.94 -46.84
CA PRO E 178 19.83 -29.21 -47.58
C PRO E 178 19.42 -28.96 -49.03
N LEU E 179 19.88 -29.79 -49.96
CA LEU E 179 19.53 -29.63 -51.37
C LEU E 179 18.50 -30.68 -51.77
N LYS E 180 17.74 -30.38 -52.82
CA LYS E 180 16.73 -31.30 -53.34
C LYS E 180 17.38 -32.23 -54.32
N GLU E 181 17.24 -33.53 -54.08
CA GLU E 181 17.82 -34.52 -54.97
C GLU E 181 17.11 -34.56 -56.31
N GLN E 182 15.93 -33.94 -56.37
CA GLN E 182 15.14 -33.86 -57.60
C GLN E 182 14.31 -32.59 -57.57
N PRO E 183 14.97 -31.43 -57.69
CA PRO E 183 14.38 -30.07 -57.65
C PRO E 183 13.07 -29.88 -58.42
N ALA E 184 12.90 -30.60 -59.53
CA ALA E 184 11.68 -30.46 -60.36
C ALA E 184 10.43 -30.97 -59.64
N LEU E 185 10.56 -32.09 -58.93
CA LEU E 185 9.44 -32.67 -58.22
C LEU E 185 9.11 -31.92 -56.92
N ASN E 186 7.82 -31.86 -56.60
CA ASN E 186 7.34 -31.18 -55.39
C ASN E 186 7.76 -31.91 -54.11
N ASP E 187 7.57 -33.23 -54.11
CA ASP E 187 7.89 -34.09 -52.94
C ASP E 187 9.38 -34.47 -52.85
N SER E 188 10.19 -33.93 -53.75
CA SER E 188 11.62 -34.21 -53.77
C SER E 188 12.21 -34.46 -52.42
N ARG E 189 13.04 -35.49 -52.32
CA ARG E 189 13.75 -35.76 -51.07
C ARG E 189 15.00 -34.89 -51.04
N TYR E 190 15.61 -34.76 -49.86
CA TYR E 190 16.76 -33.89 -49.70
C TYR E 190 18.03 -34.63 -49.35
N ALA E 191 19.14 -33.91 -49.50
CA ALA E 191 20.46 -34.41 -49.15
C ALA E 191 21.24 -33.26 -48.45
N LEU E 192 22.21 -33.63 -47.61
CA LEU E 192 23.01 -32.63 -46.87
C LEU E 192 24.43 -33.12 -46.76
N SER E 193 25.38 -32.19 -46.75
CA SER E 193 26.80 -32.52 -46.69
C SER E 193 27.54 -31.69 -45.66
N SER E 194 28.62 -32.28 -45.15
CA SER E 194 29.45 -31.62 -44.16
C SER E 194 30.85 -32.15 -44.28
N ARG E 195 31.82 -31.31 -43.93
CA ARG E 195 33.21 -31.70 -44.01
C ARG E 195 33.89 -31.42 -42.67
N LEU E 196 34.77 -32.32 -42.26
CA LEU E 196 35.55 -32.17 -41.04
C LEU E 196 36.96 -32.40 -41.46
N ARG E 197 37.85 -31.45 -41.17
CA ARG E 197 39.25 -31.59 -41.57
C ARG E 197 40.20 -31.58 -40.39
N VAL E 198 40.90 -32.70 -40.21
CA VAL E 198 41.88 -32.84 -39.13
C VAL E 198 43.26 -32.83 -39.74
N SER E 199 44.28 -32.78 -38.90
CA SER E 199 45.65 -32.78 -39.40
C SER E 199 46.00 -34.20 -39.82
N ALA E 200 47.03 -34.32 -40.65
CA ALA E 200 47.47 -35.65 -41.10
C ALA E 200 47.79 -36.53 -39.88
N THR E 201 48.58 -35.99 -38.96
CA THR E 201 48.99 -36.72 -37.77
C THR E 201 47.82 -37.17 -36.88
N PHE E 202 46.69 -36.46 -36.94
CA PHE E 202 45.54 -36.78 -36.09
C PHE E 202 44.69 -37.90 -36.66
N TRP E 203 44.55 -37.93 -37.99
CA TRP E 203 43.80 -38.99 -38.66
C TRP E 203 44.57 -40.28 -38.63
N GLN E 204 45.90 -40.15 -38.57
CA GLN E 204 46.78 -41.29 -38.54
C GLN E 204 47.01 -41.74 -37.13
N ASP E 205 45.94 -42.12 -36.46
CA ASP E 205 45.99 -42.55 -35.06
C ASP E 205 44.78 -43.47 -34.79
N PRO E 206 45.03 -44.79 -34.60
CA PRO E 206 43.96 -45.78 -34.40
C PRO E 206 43.01 -45.52 -33.22
N ARG E 207 43.43 -44.69 -32.27
CA ARG E 207 42.60 -44.37 -31.11
C ARG E 207 41.48 -43.36 -31.43
N ASN E 208 41.77 -42.42 -32.33
CA ASN E 208 40.81 -41.36 -32.69
C ASN E 208 39.55 -41.86 -33.42
N HIS E 209 38.40 -41.64 -32.79
CA HIS E 209 37.10 -42.04 -33.31
C HIS E 209 36.43 -40.82 -33.92
N PHE E 210 35.87 -41.00 -35.12
CA PHE E 210 35.18 -39.92 -35.82
C PHE E 210 33.73 -40.35 -36.06
N ARG E 211 32.79 -39.53 -35.61
CA ARG E 211 31.38 -39.83 -35.81
C ARG E 211 30.63 -38.63 -36.33
N CYS E 212 29.78 -38.89 -37.32
CA CYS E 212 28.94 -37.87 -37.90
C CYS E 212 27.55 -38.18 -37.43
N GLN E 213 26.87 -37.18 -36.88
CA GLN E 213 25.55 -37.38 -36.36
C GLN E 213 24.55 -36.44 -36.99
N VAL E 214 23.40 -36.99 -37.35
CA VAL E 214 22.34 -36.19 -37.94
C VAL E 214 21.06 -36.38 -37.18
N GLN E 215 20.57 -35.30 -36.57
CA GLN E 215 19.29 -35.33 -35.85
C GLN E 215 18.20 -35.11 -36.86
N PHE E 216 17.19 -35.97 -36.86
CA PHE E 216 16.09 -35.89 -37.80
C PHE E 216 14.80 -35.66 -37.07
N TYR E 217 13.92 -34.88 -37.69
CA TYR E 217 12.61 -34.58 -37.11
C TYR E 217 11.49 -35.11 -38.00
N GLY E 218 10.79 -36.12 -37.50
CA GLY E 218 9.73 -36.76 -38.25
C GLY E 218 8.43 -36.88 -37.49
N LEU E 219 7.88 -38.10 -37.45
CA LEU E 219 6.60 -38.34 -36.81
C LEU E 219 6.70 -38.59 -35.31
N SER E 220 5.54 -38.54 -34.65
CA SER E 220 5.45 -38.84 -33.23
C SER E 220 4.50 -40.04 -33.10
N GLU E 221 4.27 -40.48 -31.87
CA GLU E 221 3.39 -41.64 -31.62
C GLU E 221 1.97 -41.49 -32.19
N ASN E 222 1.41 -40.29 -32.06
CA ASN E 222 0.02 -40.00 -32.50
C ASN E 222 -0.27 -40.18 -34.01
N ASP E 223 0.78 -40.37 -34.80
CA ASP E 223 0.62 -40.54 -36.24
C ASP E 223 0.59 -42.01 -36.64
N GLU E 224 -0.39 -42.36 -37.48
CA GLU E 224 -0.57 -43.73 -37.94
C GLU E 224 0.51 -44.08 -38.97
N TRP E 225 0.56 -45.36 -39.36
CA TRP E 225 1.54 -45.82 -40.35
C TRP E 225 1.13 -47.20 -40.88
N THR E 226 0.39 -47.20 -41.97
CA THR E 226 -0.10 -48.45 -42.57
C THR E 226 0.83 -49.01 -43.65
N GLN E 227 2.10 -49.22 -43.30
CA GLN E 227 3.06 -49.77 -44.25
C GLN E 227 4.10 -50.66 -43.60
N ASP E 228 4.70 -51.53 -44.40
CA ASP E 228 5.72 -52.48 -43.94
C ASP E 228 7.03 -51.79 -43.49
N ARG E 229 7.37 -50.68 -44.15
CA ARG E 229 8.58 -49.92 -43.80
C ARG E 229 8.60 -49.56 -42.31
N ALA E 230 9.75 -49.09 -41.84
CA ALA E 230 9.90 -48.68 -40.44
C ALA E 230 9.22 -47.32 -40.22
N LYS E 231 8.79 -47.07 -38.99
CA LYS E 231 8.13 -45.81 -38.66
C LYS E 231 9.23 -44.69 -38.61
N PRO E 232 9.17 -43.73 -39.53
CA PRO E 232 10.18 -42.66 -39.64
C PRO E 232 10.06 -41.61 -38.53
N VAL E 233 10.22 -42.04 -37.30
CA VAL E 233 10.09 -41.15 -36.17
C VAL E 233 11.30 -40.23 -36.01
N THR E 234 11.15 -39.21 -35.18
CA THR E 234 12.23 -38.31 -34.88
C THR E 234 13.34 -39.18 -34.32
N GLN E 235 14.55 -39.04 -34.83
CA GLN E 235 15.66 -39.89 -34.41
C GLN E 235 17.02 -39.36 -34.82
N ILE E 236 18.06 -40.08 -34.42
CA ILE E 236 19.43 -39.74 -34.77
C ILE E 236 20.01 -40.89 -35.59
N VAL E 237 20.54 -40.56 -36.78
CA VAL E 237 21.19 -41.56 -37.62
C VAL E 237 22.67 -41.18 -37.68
N SER E 238 23.55 -42.14 -37.41
CA SER E 238 24.97 -41.83 -37.39
C SER E 238 25.86 -42.69 -38.25
N ALA E 239 26.98 -42.10 -38.65
CA ALA E 239 28.01 -42.79 -39.41
C ALA E 239 29.29 -42.60 -38.60
N GLU E 240 30.17 -43.58 -38.63
CA GLU E 240 31.41 -43.51 -37.86
C GLU E 240 32.61 -44.11 -38.57
N ALA E 241 33.78 -43.57 -38.28
CA ALA E 241 34.98 -44.04 -38.87
C ALA E 241 36.11 -43.91 -37.89
N TRP E 242 36.82 -45.00 -37.65
CA TRP E 242 37.98 -45.01 -36.75
C TRP E 242 39.20 -44.61 -37.52
N GLY E 243 39.87 -43.55 -37.09
CA GLY E 243 41.08 -43.09 -37.76
C GLY E 243 42.12 -44.19 -37.75
N ARG E 244 43.00 -44.19 -38.74
CA ARG E 244 44.06 -45.18 -38.79
C ARG E 244 45.30 -44.68 -39.50
N ALA E 245 46.42 -44.68 -38.78
CA ALA E 245 47.69 -44.33 -39.39
C ALA E 245 47.85 -45.32 -40.52
N ASP E 246 47.34 -46.54 -40.29
CA ASP E 246 47.32 -47.58 -41.30
C ASP E 246 48.72 -47.87 -41.81
N GLY F 1 -23.65 29.48 29.33
CA GLY F 1 -24.57 28.89 28.32
C GLY F 1 -24.13 27.50 27.92
N SER F 2 -23.90 27.28 26.63
CA SER F 2 -23.43 26.00 26.13
C SER F 2 -21.91 25.97 26.26
N HIS F 3 -21.33 24.79 26.45
CA HIS F 3 -19.88 24.68 26.63
C HIS F 3 -19.34 23.40 26.07
N SER F 4 -18.01 23.28 26.06
CA SER F 4 -17.38 22.10 25.53
C SER F 4 -15.89 22.04 25.88
N MET F 5 -15.37 20.82 25.87
CA MET F 5 -13.96 20.57 26.10
C MET F 5 -13.44 19.86 24.87
N ARG F 6 -12.21 20.16 24.51
CA ARG F 6 -11.56 19.55 23.36
C ARG F 6 -10.07 19.49 23.54
N TYR F 7 -9.46 18.47 22.96
CA TYR F 7 -8.03 18.27 22.99
C TYR F 7 -7.51 18.12 21.55
N PHE F 8 -6.43 18.82 21.24
CA PHE F 8 -5.87 18.82 19.90
C PHE F 8 -4.48 18.25 19.92
N PHE F 9 -4.25 17.25 19.09
CA PHE F 9 -2.99 16.58 19.01
C PHE F 9 -2.43 16.67 17.59
N THR F 10 -1.15 17.00 17.48
CA THR F 10 -0.45 17.09 16.19
C THR F 10 0.89 16.39 16.31
N SER F 11 1.22 15.58 15.32
CA SER F 11 2.50 14.88 15.32
C SER F 11 3.07 14.84 13.90
N VAL F 12 4.32 15.27 13.73
CA VAL F 12 4.87 15.25 12.40
C VAL F 12 6.18 14.48 12.36
N SER F 13 6.32 13.62 11.36
CA SER F 13 7.52 12.86 11.21
C SER F 13 8.58 13.77 10.71
N ARG F 14 9.80 13.47 11.09
CA ARG F 14 10.94 14.20 10.66
C ARG F 14 11.92 13.16 10.16
N PRO F 15 11.77 12.77 8.88
CA PRO F 15 12.60 11.74 8.24
C PRO F 15 14.08 11.91 8.59
N GLY F 16 14.71 10.81 8.97
CA GLY F 16 16.09 10.84 9.39
C GLY F 16 16.20 11.74 10.60
N ARG F 17 17.41 12.15 10.92
CA ARG F 17 17.65 13.07 12.03
C ARG F 17 17.22 12.50 13.41
N GLY F 18 15.92 12.44 13.71
CA GLY F 18 15.48 11.92 15.03
C GLY F 18 14.06 11.42 15.16
N GLU F 19 13.45 11.70 16.32
CA GLU F 19 12.07 11.29 16.64
C GLU F 19 11.08 12.39 16.23
N PRO F 20 9.77 12.03 16.14
CA PRO F 20 8.75 12.97 15.72
C PRO F 20 8.41 14.07 16.70
N ARG F 21 7.93 15.18 16.15
CA ARG F 21 7.45 16.32 16.93
C ARG F 21 6.06 15.99 17.41
N PHE F 22 5.77 16.27 18.68
CA PHE F 22 4.44 15.98 19.23
C PHE F 22 3.94 17.11 20.10
N ILE F 23 2.84 17.72 19.67
CA ILE F 23 2.23 18.81 20.38
C ILE F 23 0.80 18.47 20.73
N ALA F 24 0.44 18.64 22.00
CA ALA F 24 -0.91 18.40 22.48
C ALA F 24 -1.38 19.64 23.21
N VAL F 25 -2.58 20.13 22.90
CA VAL F 25 -3.14 21.29 23.61
C VAL F 25 -4.55 20.98 24.08
N GLY F 26 -4.93 21.56 25.20
CA GLY F 26 -6.27 21.38 25.77
C GLY F 26 -7.01 22.70 25.91
N TYR F 27 -8.23 22.74 25.39
CA TYR F 27 -9.06 23.93 25.45
C TYR F 27 -10.36 23.67 26.19
N VAL F 28 -11.01 24.76 26.60
CA VAL F 28 -12.33 24.72 27.23
C VAL F 28 -13.06 25.89 26.59
N ASP F 29 -14.07 25.59 25.77
CA ASP F 29 -14.74 26.64 24.99
C ASP F 29 -13.64 27.21 24.08
N ASP F 30 -13.52 28.53 24.02
CA ASP F 30 -12.50 29.17 23.17
C ASP F 30 -11.23 29.61 23.97
N THR F 31 -10.96 28.95 25.10
CA THR F 31 -9.79 29.28 25.96
C THR F 31 -8.94 28.07 26.37
N GLN F 32 -7.66 28.13 26.01
CA GLN F 32 -6.69 27.06 26.28
C GLN F 32 -6.32 26.98 27.78
N PHE F 33 -6.05 25.75 28.25
CA PHE F 33 -5.68 25.54 29.65
C PHE F 33 -4.52 24.51 29.89
N VAL F 34 -4.12 23.75 28.88
CA VAL F 34 -3.01 22.78 29.05
C VAL F 34 -2.20 22.60 27.75
N ARG F 35 -1.02 22.00 27.87
CA ARG F 35 -0.16 21.76 26.72
C ARG F 35 1.01 20.87 27.03
N PHE F 36 1.48 20.18 26.00
CA PHE F 36 2.64 19.33 26.07
C PHE F 36 3.38 19.55 24.78
N ASP F 37 4.70 19.68 24.86
CA ASP F 37 5.51 19.89 23.66
C ASP F 37 6.73 18.98 23.72
N SER F 38 6.74 17.96 22.87
CA SER F 38 7.84 17.00 22.82
C SER F 38 9.22 17.65 22.92
N ASP F 39 9.45 18.76 22.21
CA ASP F 39 10.79 19.42 22.22
C ASP F 39 11.00 20.49 23.32
N ALA F 40 10.42 20.25 24.48
CA ALA F 40 10.55 21.16 25.59
C ALA F 40 11.09 20.38 26.76
N ALA F 41 12.19 20.88 27.35
CA ALA F 41 12.85 20.24 28.52
C ALA F 41 11.84 19.63 29.47
N SER F 42 10.78 20.38 29.74
CA SER F 42 9.72 19.98 30.67
C SER F 42 9.38 18.51 30.61
N GLN F 43 8.95 18.05 29.45
CA GLN F 43 8.51 16.65 29.28
C GLN F 43 7.43 16.38 30.33
N ARG F 44 6.57 17.38 30.50
CA ARG F 44 5.47 17.34 31.44
C ARG F 44 4.34 18.11 30.84
N MET F 45 3.11 17.67 31.08
CA MET F 45 1.94 18.41 30.63
C MET F 45 1.90 19.66 31.51
N GLU F 46 2.17 20.83 30.93
CA GLU F 46 2.21 22.09 31.68
C GLU F 46 0.85 22.81 31.68
N PRO F 47 0.62 23.68 32.67
CA PRO F 47 -0.60 24.49 32.81
C PRO F 47 -0.55 25.77 31.98
N ARG F 48 -1.67 26.13 31.35
CA ARG F 48 -1.76 27.33 30.51
C ARG F 48 -2.90 28.28 30.88
N ALA F 49 -3.59 28.00 31.99
CA ALA F 49 -4.70 28.85 32.44
C ALA F 49 -4.72 28.90 33.94
N PRO F 50 -4.88 30.10 34.51
CA PRO F 50 -4.91 30.33 35.97
C PRO F 50 -5.73 29.32 36.80
N TRP F 51 -6.90 28.90 36.30
CA TRP F 51 -7.82 28.01 37.05
C TRP F 51 -7.51 26.51 37.07
N ILE F 52 -6.61 26.05 36.21
CA ILE F 52 -6.25 24.61 36.21
C ILE F 52 -5.01 24.36 37.09
N GLU F 53 -4.35 25.44 37.50
CA GLU F 53 -3.13 25.34 38.31
C GLU F 53 -3.40 24.84 39.72
N GLN F 54 -4.66 24.91 40.15
CA GLN F 54 -5.06 24.43 41.50
C GLN F 54 -4.71 22.96 41.68
N GLU F 55 -5.03 22.18 40.65
CA GLU F 55 -4.84 20.73 40.60
C GLU F 55 -3.50 20.26 41.16
N GLY F 56 -3.54 19.18 41.91
CA GLY F 56 -2.35 18.62 42.57
C GLY F 56 -1.51 17.71 41.70
N PRO F 57 -0.37 17.25 42.24
CA PRO F 57 0.58 16.39 41.51
C PRO F 57 -0.01 15.10 41.05
N GLU F 58 -1.12 14.68 41.66
CA GLU F 58 -1.78 13.47 41.25
C GLU F 58 -2.32 13.72 39.86
N TYR F 59 -2.81 14.92 39.64
CA TYR F 59 -3.37 15.31 38.36
C TYR F 59 -2.29 15.46 37.29
N TRP F 60 -1.20 16.14 37.60
CA TRP F 60 -0.16 16.37 36.61
C TRP F 60 0.60 15.11 36.23
N ASP F 61 0.85 14.24 37.20
CA ASP F 61 1.54 13.00 36.89
C ASP F 61 0.65 12.18 35.94
N GLY F 62 -0.64 12.12 36.26
CA GLY F 62 -1.60 11.38 35.45
C GLY F 62 -1.74 11.94 34.06
N GLU F 63 -1.80 13.26 33.94
CA GLU F 63 -1.88 13.88 32.64
C GLU F 63 -0.56 13.73 31.90
N THR F 64 0.55 13.84 32.63
CA THR F 64 1.87 13.68 32.03
C THR F 64 2.00 12.24 31.53
N ARG F 65 1.31 11.34 32.22
CA ARG F 65 1.38 9.92 31.87
C ARG F 65 0.58 9.66 30.61
N LYS F 66 -0.67 10.13 30.60
CA LYS F 66 -1.54 9.91 29.44
C LYS F 66 -1.00 10.60 28.15
N VAL F 67 -0.56 11.84 28.26
CA VAL F 67 -0.05 12.56 27.10
C VAL F 67 1.13 11.77 26.49
N LYS F 68 2.09 11.36 27.32
CA LYS F 68 3.22 10.55 26.85
C LYS F 68 2.67 9.34 26.06
N ALA F 69 1.60 8.72 26.58
CA ALA F 69 1.00 7.57 25.88
C ALA F 69 0.52 7.97 24.48
N HIS F 70 -0.10 9.14 24.37
CA HIS F 70 -0.57 9.67 23.09
C HIS F 70 0.59 9.88 22.14
N SER F 71 1.71 10.29 22.71
CA SER F 71 2.91 10.53 21.95
C SER F 71 3.33 9.22 21.33
N GLN F 72 3.59 8.23 22.17
CA GLN F 72 4.02 6.91 21.68
C GLN F 72 3.11 6.32 20.59
N THR F 73 1.81 6.42 20.80
CA THR F 73 0.86 5.86 19.87
C THR F 73 0.91 6.58 18.54
N HIS F 74 1.19 7.88 18.59
CA HIS F 74 1.30 8.68 17.37
C HIS F 74 2.58 8.40 16.64
N ARG F 75 3.66 8.19 17.38
CA ARG F 75 4.92 7.83 16.76
C ARG F 75 4.75 6.51 15.98
N VAL F 76 4.09 5.54 16.60
CA VAL F 76 3.84 4.24 15.97
C VAL F 76 2.93 4.43 14.75
N ASP F 77 1.87 5.20 14.94
CA ASP F 77 0.93 5.42 13.86
C ASP F 77 1.61 5.97 12.60
N LEU F 78 2.57 6.89 12.76
CA LEU F 78 3.26 7.45 11.60
C LEU F 78 3.84 6.31 10.78
N GLY F 79 4.53 5.39 11.44
CA GLY F 79 5.14 4.24 10.77
C GLY F 79 4.09 3.35 10.10
N THR F 80 3.02 3.09 10.81
CA THR F 80 1.93 2.28 10.31
C THR F 80 1.26 2.91 9.08
N LEU F 81 0.78 4.15 9.21
CA LEU F 81 0.14 4.83 8.05
C LEU F 81 1.09 4.87 6.87
N ARG F 82 2.36 5.14 7.15
N ARG F 82 2.36 5.13 7.13
CA ARG F 82 3.39 5.15 6.11
CA ARG F 82 3.38 5.15 6.09
C ARG F 82 3.34 3.84 5.32
C ARG F 82 3.32 3.83 5.32
N GLY F 83 3.21 2.72 6.06
CA GLY F 83 3.14 1.39 5.44
C GLY F 83 1.90 1.16 4.60
N TYR F 84 0.72 1.51 5.12
CA TYR F 84 -0.53 1.32 4.39
C TYR F 84 -0.52 2.04 3.03
N TYR F 85 0.05 3.24 3.00
CA TYR F 85 0.09 4.04 1.79
C TYR F 85 1.33 3.73 0.92
N ASN F 86 2.10 2.71 1.31
CA ASN F 86 3.28 2.28 0.58
C ASN F 86 4.23 3.45 0.33
N GLN F 87 4.40 4.27 1.36
CA GLN F 87 5.25 5.47 1.29
C GLN F 87 6.67 5.21 1.79
N SER F 88 7.61 6.01 1.30
CA SER F 88 9.02 5.90 1.67
C SER F 88 9.32 6.69 2.93
N GLU F 89 10.45 6.40 3.55
CA GLU F 89 10.88 7.04 4.79
C GLU F 89 11.53 8.39 4.53
N ALA F 90 11.47 8.85 3.28
CA ALA F 90 12.10 10.10 2.88
C ALA F 90 11.28 11.35 3.22
N GLY F 91 9.97 11.27 3.03
CA GLY F 91 9.10 12.41 3.25
C GLY F 91 8.47 12.49 4.61
N SER F 92 8.29 13.72 5.09
CA SER F 92 7.64 13.99 6.37
C SER F 92 6.12 13.92 6.23
N HIS F 93 5.45 13.52 7.29
CA HIS F 93 3.99 13.43 7.28
C HIS F 93 3.40 13.87 8.61
N THR F 94 2.10 14.18 8.60
CA THR F 94 1.44 14.68 9.78
C THR F 94 0.13 13.99 10.10
N VAL F 95 0.03 13.47 11.32
CA VAL F 95 -1.21 12.90 11.80
C VAL F 95 -1.76 13.92 12.79
N GLN F 96 -3.07 14.08 12.83
CA GLN F 96 -3.67 15.01 13.76
C GLN F 96 -4.89 14.34 14.40
N ARG F 97 -5.04 14.49 15.72
CA ARG F 97 -6.18 13.92 16.45
C ARG F 97 -6.92 15.02 17.17
N MET F 98 -8.23 14.83 17.33
CA MET F 98 -9.08 15.79 18.01
C MET F 98 -10.34 15.14 18.56
N TYR F 99 -10.43 15.03 19.88
CA TYR F 99 -11.62 14.50 20.53
C TYR F 99 -12.08 15.46 21.62
N GLY F 100 -13.34 15.32 22.02
CA GLY F 100 -13.93 16.21 23.03
C GLY F 100 -15.43 16.04 23.21
N CYS F 101 -16.02 16.88 24.05
CA CYS F 101 -17.45 16.77 24.32
C CYS F 101 -18.17 18.11 24.50
N ASP F 102 -19.44 18.14 24.07
CA ASP F 102 -20.29 19.34 24.19
C ASP F 102 -21.27 19.19 25.34
N VAL F 103 -21.66 20.31 25.94
CA VAL F 103 -22.63 20.32 27.03
C VAL F 103 -23.58 21.49 26.85
N GLY F 104 -24.84 21.30 27.23
CA GLY F 104 -25.86 22.34 27.09
C GLY F 104 -26.00 23.17 28.35
N SER F 105 -26.99 24.05 28.36
CA SER F 105 -27.24 24.93 29.51
C SER F 105 -27.42 24.12 30.80
N ASP F 106 -27.87 22.88 30.67
CA ASP F 106 -28.06 22.00 31.82
C ASP F 106 -26.75 21.24 32.18
N TRP F 107 -25.65 21.56 31.49
CA TRP F 107 -24.33 20.94 31.76
C TRP F 107 -24.29 19.40 31.52
N ARG F 108 -25.24 18.90 30.74
CA ARG F 108 -25.29 17.48 30.43
C ARG F 108 -24.71 17.22 29.06
N PHE F 109 -24.51 15.95 28.75
CA PHE F 109 -23.91 15.55 27.49
C PHE F 109 -24.81 15.82 26.29
N LEU F 110 -24.27 16.52 25.29
CA LEU F 110 -24.99 16.80 24.06
C LEU F 110 -24.47 15.89 22.96
N ARG F 111 -23.17 15.96 22.73
CA ARG F 111 -22.53 15.12 21.73
C ARG F 111 -21.05 15.08 21.96
N GLY F 112 -20.44 14.02 21.46
CA GLY F 112 -19.01 13.83 21.59
C GLY F 112 -18.41 13.57 20.22
N TYR F 113 -17.10 13.57 20.15
CA TYR F 113 -16.44 13.34 18.91
C TYR F 113 -15.01 12.92 19.08
N HIS F 114 -14.50 12.24 18.06
CA HIS F 114 -13.15 11.79 17.99
C HIS F 114 -12.78 11.70 16.53
N GLN F 115 -11.98 12.66 16.07
CA GLN F 115 -11.58 12.72 14.66
C GLN F 115 -10.10 12.54 14.45
N TYR F 116 -9.77 11.90 13.34
CA TYR F 116 -8.40 11.55 13.03
C TYR F 116 -8.08 11.98 11.61
N ALA F 117 -6.89 12.49 11.38
CA ALA F 117 -6.49 12.93 10.04
C ALA F 117 -5.04 12.55 9.73
N TYR F 118 -4.74 12.46 8.45
CA TYR F 118 -3.40 12.17 8.01
C TYR F 118 -3.08 13.11 6.85
N ASP F 119 -1.99 13.87 6.99
CA ASP F 119 -1.59 14.85 5.97
C ASP F 119 -2.69 15.83 5.64
N GLY F 120 -3.33 16.37 6.68
CA GLY F 120 -4.37 17.39 6.55
C GLY F 120 -5.72 16.91 6.06
N LYS F 121 -5.88 15.60 5.86
CA LYS F 121 -7.17 15.04 5.34
C LYS F 121 -7.82 14.08 6.31
N ASP F 122 -9.14 14.01 6.25
CA ASP F 122 -9.88 13.09 7.08
C ASP F 122 -9.33 11.71 6.89
N TYR F 123 -9.26 10.97 7.99
CA TYR F 123 -8.83 9.60 7.93
C TYR F 123 -10.01 8.80 8.48
N ILE F 124 -10.08 8.61 9.77
CA ILE F 124 -11.20 7.91 10.36
C ILE F 124 -11.88 8.89 11.31
N ALA F 125 -13.09 8.58 11.73
CA ALA F 125 -13.80 9.48 12.62
C ALA F 125 -14.94 8.76 13.30
N LEU F 126 -15.18 9.10 14.55
CA LEU F 126 -16.26 8.50 15.30
C LEU F 126 -17.54 9.17 14.88
N LYS F 127 -18.57 8.39 14.63
CA LYS F 127 -19.85 8.94 14.21
C LYS F 127 -20.66 9.44 15.40
N GLU F 128 -21.67 10.27 15.11
CA GLU F 128 -22.55 10.87 16.13
C GLU F 128 -23.02 9.88 17.22
N ASP F 129 -23.42 8.68 16.81
CA ASP F 129 -23.89 7.66 17.78
C ASP F 129 -22.77 7.17 18.73
N LEU F 130 -21.52 7.40 18.36
CA LEU F 130 -20.37 6.99 19.17
C LEU F 130 -20.23 5.46 19.25
N ARG F 131 -20.66 4.75 18.20
CA ARG F 131 -20.56 3.29 18.15
C ARG F 131 -20.03 2.78 16.79
N SER F 132 -20.01 3.62 15.78
CA SER F 132 -19.57 3.23 14.45
C SER F 132 -18.51 4.19 13.93
N TRP F 133 -17.93 3.88 12.77
CA TRP F 133 -16.85 4.69 12.21
C TRP F 133 -17.00 5.03 10.74
N THR F 134 -16.34 6.11 10.35
CA THR F 134 -16.30 6.53 8.98
C THR F 134 -14.85 6.58 8.60
N ALA F 135 -14.49 5.84 7.56
CA ALA F 135 -13.10 5.81 7.05
C ALA F 135 -13.04 6.56 5.72
N ALA F 136 -12.01 7.40 5.58
CA ALA F 136 -11.83 8.21 4.39
C ALA F 136 -11.43 7.40 3.15
N ASP F 137 -10.72 6.30 3.36
CA ASP F 137 -10.26 5.48 2.23
C ASP F 137 -9.92 4.04 2.65
N MET F 138 -9.31 3.27 1.74
CA MET F 138 -8.96 1.89 2.02
C MET F 138 -7.96 1.76 3.18
N ALA F 139 -7.12 2.75 3.37
CA ALA F 139 -6.20 2.70 4.48
C ALA F 139 -6.98 2.78 5.78
N ALA F 140 -7.87 3.77 5.86
CA ALA F 140 -8.69 3.99 7.04
C ALA F 140 -9.64 2.82 7.29
N GLN F 141 -9.89 2.02 6.27
CA GLN F 141 -10.77 0.90 6.42
C GLN F 141 -10.05 -0.23 7.19
N THR F 142 -8.70 -0.23 7.14
CA THR F 142 -7.89 -1.21 7.88
C THR F 142 -7.96 -0.89 9.37
N THR F 143 -7.74 0.38 9.70
CA THR F 143 -7.83 0.87 11.08
C THR F 143 -9.25 0.72 11.61
N LYS F 144 -10.24 0.95 10.75
CA LYS F 144 -11.63 0.80 11.15
C LYS F 144 -11.86 -0.64 11.65
N HIS F 145 -11.53 -1.63 10.81
CA HIS F 145 -11.67 -3.03 11.20
C HIS F 145 -10.93 -3.33 12.52
N LYS F 146 -9.70 -2.86 12.58
CA LYS F 146 -8.84 -3.08 13.73
C LYS F 146 -9.47 -2.44 15.00
N TRP F 147 -10.01 -1.24 14.86
CA TRP F 147 -10.65 -0.53 15.96
C TRP F 147 -11.96 -1.11 16.39
N GLU F 148 -12.72 -1.64 15.44
CA GLU F 148 -14.02 -2.21 15.77
C GLU F 148 -13.85 -3.61 16.39
N ALA F 149 -12.77 -4.30 16.02
CA ALA F 149 -12.45 -5.61 16.59
C ALA F 149 -11.91 -5.46 18.02
N ALA F 150 -11.33 -4.30 18.33
CA ALA F 150 -10.78 -4.05 19.66
C ALA F 150 -11.77 -3.26 20.52
N HIS F 151 -13.02 -3.14 20.03
CA HIS F 151 -14.10 -2.42 20.72
C HIS F 151 -13.67 -1.03 21.20
N VAL F 152 -12.91 -0.33 20.35
CA VAL F 152 -12.37 1.01 20.69
C VAL F 152 -13.46 2.02 20.90
N ALA F 153 -14.47 2.00 20.04
CA ALA F 153 -15.59 2.94 20.14
C ALA F 153 -16.18 2.92 21.53
N GLU F 154 -16.28 1.73 22.10
CA GLU F 154 -16.87 1.58 23.42
C GLU F 154 -16.12 2.35 24.47
N GLN F 155 -14.80 2.35 24.38
CA GLN F 155 -13.97 3.03 25.34
C GLN F 155 -14.17 4.53 25.23
N LEU F 156 -14.12 5.05 24.01
CA LEU F 156 -14.36 6.46 23.82
C LEU F 156 -15.80 6.80 24.26
N ARG F 157 -16.75 5.98 23.82
CA ARG F 157 -18.16 6.13 24.15
C ARG F 157 -18.31 6.34 25.65
N ALA F 158 -17.54 5.58 26.43
CA ALA F 158 -17.57 5.67 27.88
C ALA F 158 -16.78 6.87 28.41
N TYR F 159 -15.81 7.34 27.64
CA TYR F 159 -14.98 8.46 28.04
C TYR F 159 -15.66 9.78 27.73
N LEU F 160 -16.03 9.95 26.46
CA LEU F 160 -16.68 11.17 25.98
C LEU F 160 -17.86 11.50 26.89
N GLU F 161 -18.58 10.47 27.30
CA GLU F 161 -19.64 10.66 28.28
C GLU F 161 -18.92 10.37 29.63
N GLY F 162 -19.43 10.90 30.70
CA GLY F 162 -18.80 10.67 31.98
C GLY F 162 -17.47 11.40 32.07
N THR F 163 -16.37 10.66 32.08
CA THR F 163 -15.05 11.25 32.24
C THR F 163 -14.90 12.63 31.57
N CYS F 164 -15.13 12.71 30.26
CA CYS F 164 -15.00 14.00 29.54
C CYS F 164 -15.99 15.03 30.09
N VAL F 165 -17.24 14.61 30.27
CA VAL F 165 -18.28 15.50 30.77
C VAL F 165 -17.98 15.96 32.19
N GLU F 166 -17.80 15.01 33.11
CA GLU F 166 -17.50 15.33 34.50
C GLU F 166 -16.37 16.33 34.65
N TRP F 167 -15.23 16.11 34.00
CA TRP F 167 -14.11 17.04 34.13
C TRP F 167 -14.42 18.42 33.63
N LEU F 168 -15.22 18.52 32.57
CA LEU F 168 -15.64 19.82 32.06
C LEU F 168 -16.43 20.53 33.15
N ARG F 169 -17.44 19.84 33.69
CA ARG F 169 -18.28 20.39 34.75
C ARG F 169 -17.40 20.86 35.91
N ARG F 170 -16.32 20.14 36.18
CA ARG F 170 -15.39 20.49 37.25
C ARG F 170 -14.64 21.75 36.93
N TYR F 171 -14.02 21.80 35.73
CA TYR F 171 -13.24 22.97 35.32
C TYR F 171 -14.10 24.24 35.29
N LEU F 172 -15.32 24.14 34.76
CA LEU F 172 -16.22 25.29 34.71
C LEU F 172 -16.51 25.84 36.10
N GLU F 173 -16.51 24.95 37.09
CA GLU F 173 -16.74 25.36 38.46
C GLU F 173 -15.45 25.99 39.02
N ASN F 174 -14.32 25.38 38.67
CA ASN F 174 -13.00 25.86 39.11
C ASN F 174 -12.62 27.21 38.54
N GLY F 175 -13.18 27.53 37.37
CA GLY F 175 -12.91 28.81 36.72
C GLY F 175 -14.19 29.56 36.42
N LYS F 176 -15.20 29.35 37.25
CA LYS F 176 -16.50 29.98 37.06
C LYS F 176 -16.39 31.46 36.67
N GLU F 177 -15.40 32.14 37.22
CA GLU F 177 -15.21 33.57 36.96
C GLU F 177 -14.80 33.85 35.51
N THR F 178 -13.71 33.24 35.08
CA THR F 178 -13.16 33.47 33.73
C THR F 178 -13.90 32.76 32.57
N LEU F 179 -14.41 31.55 32.81
CA LEU F 179 -15.09 30.75 31.77
C LEU F 179 -16.59 31.02 31.54
N GLN F 180 -17.27 31.62 32.51
CA GLN F 180 -18.70 31.88 32.35
C GLN F 180 -19.04 33.35 32.16
N ARG F 181 -18.16 34.07 31.45
CA ARG F 181 -18.37 35.49 31.18
C ARG F 181 -18.84 35.69 29.77
N THR F 182 -19.65 36.72 29.57
CA THR F 182 -20.18 37.06 28.25
C THR F 182 -19.78 38.49 27.92
N ASP F 183 -18.49 38.70 27.62
CA ASP F 183 -17.98 40.04 27.27
C ASP F 183 -18.53 40.50 25.93
N ALA F 184 -19.43 41.47 25.95
CA ALA F 184 -19.99 42.01 24.72
C ALA F 184 -18.88 42.70 23.91
N PRO F 185 -19.04 42.74 22.57
CA PRO F 185 -18.00 43.39 21.76
C PRO F 185 -18.07 44.93 21.79
N LYS F 186 -16.92 45.58 21.61
CA LYS F 186 -16.85 47.03 21.52
C LYS F 186 -16.86 47.37 20.02
N THR F 187 -18.04 47.65 19.49
CA THR F 187 -18.23 47.89 18.07
C THR F 187 -18.06 49.32 17.65
N HIS F 188 -17.75 49.50 16.36
CA HIS F 188 -17.65 50.83 15.73
C HIS F 188 -17.47 50.71 14.20
N MET F 189 -17.24 51.82 13.52
CA MET F 189 -17.15 51.80 12.07
C MET F 189 -16.14 52.83 11.56
N THR F 190 -15.37 52.47 10.54
CA THR F 190 -14.34 53.35 9.96
C THR F 190 -14.57 53.60 8.45
N HIS F 191 -14.41 54.86 8.03
CA HIS F 191 -14.61 55.27 6.62
C HIS F 191 -13.28 55.52 5.91
N HIS F 192 -13.14 54.98 4.70
CA HIS F 192 -11.91 55.14 3.93
C HIS F 192 -12.22 55.36 2.44
N ALA F 193 -11.54 56.32 1.82
CA ALA F 193 -11.76 56.61 0.41
C ALA F 193 -10.93 55.66 -0.44
N VAL F 194 -11.60 54.75 -1.15
CA VAL F 194 -10.93 53.77 -2.03
C VAL F 194 -10.61 54.37 -3.43
N SER F 195 -11.40 55.37 -3.82
CA SER F 195 -11.20 56.07 -5.11
C SER F 195 -12.03 57.35 -5.11
N ASP F 196 -11.79 58.23 -6.08
CA ASP F 196 -12.50 59.52 -6.15
C ASP F 196 -14.05 59.43 -6.27
N HIS F 197 -14.60 58.21 -6.39
CA HIS F 197 -16.07 58.01 -6.48
C HIS F 197 -16.59 56.85 -5.59
N GLU F 198 -15.72 56.30 -4.73
CA GLU F 198 -16.11 55.19 -3.85
C GLU F 198 -15.41 55.24 -2.50
N ALA F 199 -15.99 54.57 -1.50
CA ALA F 199 -15.45 54.55 -0.14
C ALA F 199 -15.74 53.22 0.56
N THR F 200 -14.85 52.83 1.48
CA THR F 200 -14.98 51.57 2.24
C THR F 200 -15.57 51.82 3.63
N LEU F 201 -16.56 51.01 3.98
CA LEU F 201 -17.18 51.06 5.30
C LEU F 201 -16.81 49.78 5.99
N ARG F 202 -16.03 49.87 7.06
CA ARG F 202 -15.62 48.69 7.83
C ARG F 202 -16.18 48.70 9.25
N CYS F 203 -17.00 47.71 9.56
CA CYS F 203 -17.62 47.56 10.89
C CYS F 203 -16.64 46.80 11.78
N TRP F 204 -16.53 47.20 13.05
CA TRP F 204 -15.59 46.55 14.00
C TRP F 204 -16.26 45.88 15.19
N ALA F 205 -15.54 44.91 15.76
CA ALA F 205 -15.96 44.17 16.96
C ALA F 205 -14.68 43.71 17.67
N LEU F 206 -14.46 44.21 18.89
CA LEU F 206 -13.26 43.85 19.68
C LEU F 206 -13.61 43.45 21.10
N SER F 207 -12.62 42.94 21.82
CA SER F 207 -12.77 42.54 23.22
C SER F 207 -13.99 41.67 23.50
N PHE F 208 -14.34 40.76 22.59
CA PHE F 208 -15.49 39.90 22.83
C PHE F 208 -15.15 38.44 23.16
N TYR F 209 -16.03 37.81 23.93
CA TYR F 209 -15.89 36.41 24.32
C TYR F 209 -17.28 35.85 24.51
N PRO F 210 -17.54 34.62 24.02
CA PRO F 210 -16.60 33.74 23.28
C PRO F 210 -16.39 34.16 21.83
N ALA F 211 -15.44 33.53 21.15
CA ALA F 211 -15.10 33.87 19.76
C ALA F 211 -16.29 33.94 18.80
N GLU F 212 -17.30 33.10 19.00
CA GLU F 212 -18.48 33.10 18.15
C GLU F 212 -19.09 34.51 18.01
N ILE F 213 -19.44 34.88 16.79
CA ILE F 213 -20.01 36.21 16.52
C ILE F 213 -20.40 36.32 15.04
N THR F 214 -21.55 36.93 14.76
CA THR F 214 -22.03 37.05 13.39
C THR F 214 -22.20 38.53 12.95
N LEU F 215 -21.37 38.97 12.01
CA LEU F 215 -21.41 40.34 11.49
C LEU F 215 -22.13 40.40 10.13
N THR F 216 -23.20 41.20 10.06
CA THR F 216 -23.98 41.32 8.81
C THR F 216 -24.07 42.78 8.32
N TRP F 217 -24.42 42.94 7.04
CA TRP F 217 -24.56 44.27 6.43
C TRP F 217 -25.97 44.58 5.95
N GLN F 218 -26.67 45.41 6.71
CA GLN F 218 -28.02 45.83 6.37
C GLN F 218 -27.98 47.10 5.53
N ARG F 219 -28.76 47.09 4.46
CA ARG F 219 -28.89 48.24 3.59
C ARG F 219 -30.29 48.09 2.99
N ASP F 220 -31.21 48.97 3.39
CA ASP F 220 -32.60 48.90 2.91
C ASP F 220 -33.25 47.56 3.29
N GLY F 221 -32.89 47.02 4.44
CA GLY F 221 -33.41 45.73 4.89
C GLY F 221 -32.86 44.59 4.05
N GLU F 222 -31.60 44.72 3.63
CA GLU F 222 -30.93 43.70 2.80
C GLU F 222 -29.72 43.08 3.51
N ASP F 223 -29.24 41.97 2.95
CA ASP F 223 -28.08 41.26 3.47
C ASP F 223 -27.16 40.91 2.30
N GLN F 224 -26.71 41.93 1.56
CA GLN F 224 -25.87 41.73 0.38
C GLN F 224 -24.41 41.52 0.74
N THR F 225 -24.11 40.39 1.36
CA THR F 225 -22.74 40.04 1.72
C THR F 225 -21.99 39.60 0.45
N GLN F 226 -22.74 39.26 -0.60
CA GLN F 226 -22.16 38.84 -1.86
C GLN F 226 -21.46 40.05 -2.50
N ASP F 227 -20.14 40.08 -2.37
CA ASP F 227 -19.29 41.17 -2.90
C ASP F 227 -18.88 42.10 -1.73
N THR F 228 -18.34 41.49 -0.66
CA THR F 228 -17.85 42.22 0.54
C THR F 228 -16.70 41.40 1.18
N GLU F 229 -16.16 41.87 2.31
CA GLU F 229 -15.09 41.14 3.01
C GLU F 229 -15.40 40.81 4.46
N LEU F 230 -14.75 39.76 4.93
CA LEU F 230 -14.90 39.25 6.28
C LEU F 230 -13.62 38.49 6.63
N VAL F 231 -12.99 38.85 7.75
CA VAL F 231 -11.74 38.20 8.19
C VAL F 231 -12.03 37.17 9.27
N GLU F 232 -11.34 36.04 9.23
CA GLU F 232 -11.57 35.02 10.24
C GLU F 232 -11.29 35.62 11.63
N THR F 233 -12.14 35.29 12.60
CA THR F 233 -11.98 35.78 13.97
C THR F 233 -10.56 35.54 14.43
N ARG F 234 -10.04 36.47 15.21
CA ARG F 234 -8.67 36.42 15.68
C ARG F 234 -8.58 36.84 17.13
N PRO F 235 -7.60 36.29 17.87
CA PRO F 235 -7.43 36.61 19.29
C PRO F 235 -6.69 37.93 19.54
N ALA F 236 -7.29 38.81 20.34
CA ALA F 236 -6.66 40.09 20.69
C ALA F 236 -5.68 39.79 21.79
N GLY F 237 -4.42 39.57 21.41
CA GLY F 237 -3.42 39.15 22.37
C GLY F 237 -4.00 37.87 22.89
N ASP F 238 -4.46 37.87 24.14
CA ASP F 238 -5.17 36.71 24.68
C ASP F 238 -6.17 37.02 25.78
N GLY F 239 -7.27 36.28 25.73
CA GLY F 239 -8.39 36.46 26.61
C GLY F 239 -9.57 36.69 25.70
N THR F 240 -9.54 37.82 25.00
CA THR F 240 -10.61 38.22 24.10
C THR F 240 -10.29 37.93 22.63
N PHE F 241 -11.24 38.27 21.74
CA PHE F 241 -11.10 38.10 20.29
C PHE F 241 -11.54 39.36 19.53
N GLN F 242 -11.21 39.40 18.24
CA GLN F 242 -11.52 40.57 17.41
C GLN F 242 -12.10 40.15 16.07
N LYS F 243 -12.85 41.05 15.43
CA LYS F 243 -13.43 40.75 14.13
C LYS F 243 -13.97 41.99 13.46
N TRP F 244 -13.92 42.03 12.14
CA TRP F 244 -14.47 43.16 11.41
C TRP F 244 -15.04 42.73 10.08
N ALA F 245 -16.16 43.35 9.71
CA ALA F 245 -16.80 43.11 8.43
C ALA F 245 -16.88 44.45 7.71
N ALA F 246 -16.56 44.45 6.41
CA ALA F 246 -16.56 45.69 5.62
C ALA F 246 -17.12 45.50 4.21
N VAL F 247 -17.75 46.56 3.68
CA VAL F 247 -18.34 46.54 2.32
C VAL F 247 -17.88 47.73 1.49
N VAL F 248 -18.17 47.68 0.19
CA VAL F 248 -17.81 48.75 -0.75
C VAL F 248 -19.06 49.49 -1.18
N VAL F 249 -19.06 50.81 -0.97
CA VAL F 249 -20.20 51.65 -1.34
C VAL F 249 -19.75 52.79 -2.26
N PRO F 250 -20.72 53.48 -2.92
CA PRO F 250 -20.35 54.60 -3.78
C PRO F 250 -20.16 55.89 -2.97
N SER F 251 -19.36 56.80 -3.50
CA SER F 251 -19.09 58.08 -2.83
C SER F 251 -20.37 58.76 -2.40
N GLY F 252 -20.41 59.17 -1.13
CA GLY F 252 -21.57 59.84 -0.57
C GLY F 252 -21.80 59.41 0.87
N GLN F 253 -22.63 60.17 1.58
CA GLN F 253 -22.97 59.85 2.97
C GLN F 253 -23.98 58.70 2.93
N GLU F 254 -23.46 57.49 2.71
CA GLU F 254 -24.30 56.29 2.60
C GLU F 254 -24.84 55.78 3.92
N GLN F 255 -25.82 56.51 4.46
CA GLN F 255 -26.53 56.10 5.65
C GLN F 255 -27.54 55.07 5.18
N ARG F 256 -27.48 54.79 3.87
CA ARG F 256 -28.32 53.81 3.23
C ARG F 256 -27.61 52.46 3.38
N TYR F 257 -26.99 52.29 4.56
CA TYR F 257 -26.27 51.07 4.95
C TYR F 257 -26.24 50.97 6.47
N THR F 258 -26.10 49.75 6.99
CA THR F 258 -26.04 49.50 8.43
C THR F 258 -25.45 48.13 8.77
N CYS F 259 -24.74 48.07 9.90
CA CYS F 259 -24.07 46.87 10.36
C CYS F 259 -24.93 46.13 11.41
N HIS F 260 -24.51 44.92 11.78
CA HIS F 260 -25.21 44.11 12.82
C HIS F 260 -24.28 43.15 13.54
N VAL F 261 -24.44 43.06 14.85
CA VAL F 261 -23.62 42.18 15.67
C VAL F 261 -24.51 41.39 16.63
N GLN F 262 -24.49 40.06 16.49
CA GLN F 262 -25.27 39.18 17.38
C GLN F 262 -24.31 38.31 18.17
N HIS F 263 -24.26 38.55 19.47
CA HIS F 263 -23.36 37.86 20.37
C HIS F 263 -24.12 37.64 21.69
N GLU F 264 -23.63 36.72 22.54
CA GLU F 264 -24.30 36.40 23.82
C GLU F 264 -24.63 37.62 24.72
N GLY F 265 -23.85 38.70 24.61
CA GLY F 265 -24.07 39.90 25.42
C GLY F 265 -25.38 40.63 25.11
N LEU F 266 -25.49 41.17 23.91
CA LEU F 266 -26.68 41.91 23.50
C LEU F 266 -27.82 40.94 23.12
N PRO F 267 -29.03 41.18 23.65
CA PRO F 267 -30.18 40.33 23.31
C PRO F 267 -30.71 40.60 21.90
N LYS F 268 -30.81 41.87 21.53
CA LYS F 268 -31.29 42.27 20.21
C LYS F 268 -30.11 42.77 19.37
N PRO F 269 -29.85 42.11 18.22
CA PRO F 269 -28.73 42.50 17.36
C PRO F 269 -28.64 44.00 17.15
N LEU F 270 -27.44 44.57 17.32
CA LEU F 270 -27.24 46.01 17.14
C LEU F 270 -27.42 46.40 15.68
N THR F 271 -27.77 47.66 15.44
CA THR F 271 -27.99 48.18 14.08
C THR F 271 -27.13 49.45 13.90
N LEU F 272 -25.80 49.28 13.88
CA LEU F 272 -24.89 50.43 13.77
C LEU F 272 -24.85 51.12 12.41
N ARG F 273 -25.05 52.45 12.44
CA ARG F 273 -24.98 53.30 11.27
C ARG F 273 -23.83 54.25 11.51
N TRP F 274 -22.89 54.33 10.57
CA TRP F 274 -21.73 55.21 10.72
C TRP F 274 -22.07 56.69 10.77
N GLU F 275 -21.27 57.44 11.50
CA GLU F 275 -21.45 58.89 11.67
C GLU F 275 -20.16 59.65 11.29
N PRO F 276 -20.26 60.60 10.34
CA PRO F 276 -19.08 61.39 9.95
C PRO F 276 -18.76 62.48 10.98
N MET G 1 -1.67 15.11 0.25
CA MET G 1 -0.55 16.07 0.54
C MET G 1 -1.00 17.50 0.20
N ILE G 2 -2.29 17.81 0.42
CA ILE G 2 -2.83 19.15 0.12
C ILE G 2 -2.21 20.21 1.04
N GLN G 3 -1.69 21.26 0.43
CA GLN G 3 -1.05 22.34 1.14
C GLN G 3 -1.88 23.61 1.02
N ARG G 4 -2.35 24.14 2.14
CA ARG G 4 -3.11 25.39 2.13
C ARG G 4 -2.18 26.54 2.40
N THR G 5 -2.61 27.74 1.97
CA THR G 5 -1.81 28.97 2.13
C THR G 5 -2.17 29.71 3.43
N PRO G 6 -1.16 30.17 4.17
CA PRO G 6 -1.41 30.90 5.42
C PRO G 6 -2.05 32.29 5.21
N LYS G 7 -3.15 32.52 5.91
CA LYS G 7 -3.86 33.77 5.87
C LYS G 7 -3.30 34.64 7.00
N ILE G 8 -2.45 35.59 6.62
CA ILE G 8 -1.74 36.47 7.59
C ILE G 8 -2.52 37.71 7.99
N GLN G 9 -2.44 38.07 9.27
CA GLN G 9 -3.08 39.26 9.78
C GLN G 9 -2.17 39.92 10.82
N VAL G 10 -1.99 41.24 10.71
CA VAL G 10 -1.19 41.96 11.66
C VAL G 10 -2.04 43.03 12.33
N TYR G 11 -1.96 43.11 13.64
CA TYR G 11 -2.75 44.07 14.38
C TYR G 11 -2.23 44.22 15.80
N SER G 12 -2.81 45.17 16.51
CA SER G 12 -2.45 45.44 17.88
C SER G 12 -3.49 44.81 18.79
N ARG G 13 -3.03 44.29 19.92
CA ARG G 13 -3.91 43.68 20.90
C ARG G 13 -5.03 44.64 21.29
N HIS G 14 -4.65 45.87 21.63
CA HIS G 14 -5.60 46.90 22.02
C HIS G 14 -5.47 48.11 21.10
N PRO G 15 -6.52 48.95 21.02
CA PRO G 15 -6.46 50.15 20.18
C PRO G 15 -5.21 50.96 20.54
N ALA G 16 -4.20 50.88 19.69
CA ALA G 16 -2.93 51.54 19.95
C ALA G 16 -2.95 53.06 19.86
N GLU G 17 -1.98 53.67 20.54
CA GLU G 17 -1.78 55.11 20.55
C GLU G 17 -0.28 55.33 20.76
N ASN G 18 0.24 56.40 20.19
CA ASN G 18 1.66 56.67 20.31
C ASN G 18 2.07 56.92 21.76
N GLY G 19 3.03 56.14 22.23
CA GLY G 19 3.54 56.27 23.59
C GLY G 19 2.82 55.46 24.68
N LYS G 20 2.02 54.47 24.28
CA LYS G 20 1.32 53.62 25.26
C LYS G 20 1.49 52.14 24.99
N SER G 21 2.31 51.50 25.83
CA SER G 21 2.64 50.06 25.71
C SER G 21 1.49 49.21 25.17
N ASN G 22 1.82 48.30 24.26
CA ASN G 22 0.81 47.46 23.65
C ASN G 22 1.48 46.16 23.13
N PHE G 23 0.74 45.35 22.37
CA PHE G 23 1.29 44.08 21.82
C PHE G 23 1.04 43.93 20.33
N LEU G 24 2.14 43.75 19.57
CA LEU G 24 2.08 43.57 18.12
C LEU G 24 1.81 42.12 17.85
N ASN G 25 0.69 41.84 17.17
CA ASN G 25 0.27 40.47 16.88
C ASN G 25 0.39 40.13 15.42
N CYS G 26 0.67 38.85 15.14
CA CYS G 26 0.70 38.36 13.77
C CYS G 26 0.06 36.98 13.76
N TYR G 27 -1.25 36.98 13.58
CA TYR G 27 -2.02 35.76 13.58
C TYR G 27 -2.06 35.16 12.21
N VAL G 28 -1.44 33.99 12.05
CA VAL G 28 -1.47 33.26 10.76
C VAL G 28 -2.45 32.11 10.90
N SER G 29 -3.22 31.84 9.85
CA SER G 29 -4.20 30.77 9.92
C SER G 29 -4.61 30.22 8.57
N GLY G 30 -4.95 28.92 8.55
CA GLY G 30 -5.42 28.24 7.34
C GLY G 30 -4.35 27.54 6.53
N PHE G 31 -3.19 27.31 7.13
CA PHE G 31 -2.08 26.67 6.42
C PHE G 31 -1.82 25.25 6.83
N HIS G 32 -1.11 24.54 5.96
CA HIS G 32 -0.76 23.16 6.18
C HIS G 32 0.30 22.79 5.15
N PRO G 33 1.37 22.06 5.55
CA PRO G 33 1.72 21.50 6.87
C PRO G 33 1.95 22.53 7.95
N SER G 34 2.35 22.05 9.13
CA SER G 34 2.58 22.93 10.29
C SER G 34 3.81 23.77 10.12
N ASP G 35 4.92 23.14 9.77
CA ASP G 35 6.18 23.85 9.62
C ASP G 35 5.96 25.25 8.99
N ILE G 36 6.40 26.31 9.68
CA ILE G 36 6.20 27.67 9.17
C ILE G 36 7.18 28.67 9.79
N GLU G 37 7.59 29.66 8.99
CA GLU G 37 8.52 30.73 9.42
C GLU G 37 7.77 32.08 9.58
N VAL G 38 7.79 32.63 10.80
CA VAL G 38 7.12 33.89 11.05
C VAL G 38 7.94 34.83 11.89
N ASP G 39 8.22 36.02 11.36
CA ASP G 39 8.97 37.06 12.07
C ASP G 39 8.22 38.35 12.10
N LEU G 40 8.55 39.19 13.07
CA LEU G 40 7.95 40.50 13.21
C LEU G 40 9.03 41.52 12.92
N LEU G 41 8.68 42.56 12.17
CA LEU G 41 9.63 43.59 11.81
C LEU G 41 9.37 44.93 12.45
N LYS G 42 10.46 45.60 12.79
CA LYS G 42 10.42 46.96 13.26
C LYS G 42 11.36 47.71 12.31
N ASN G 43 10.78 48.53 11.43
CA ASN G 43 11.57 49.31 10.44
C ASN G 43 12.41 48.41 9.54
N GLY G 44 11.85 47.25 9.14
CA GLY G 44 12.58 46.31 8.29
C GLY G 44 13.36 45.22 9.03
N GLU G 45 13.99 45.57 10.15
CA GLU G 45 14.75 44.58 10.92
C GLU G 45 13.82 43.74 11.77
N ARG G 46 14.13 42.46 11.96
CA ARG G 46 13.28 41.59 12.76
C ARG G 46 13.51 41.79 14.27
N ILE G 47 12.45 41.59 15.03
CA ILE G 47 12.48 41.72 16.49
C ILE G 47 12.95 40.40 17.12
N GLU G 48 13.97 40.47 17.98
CA GLU G 48 14.56 39.26 18.61
C GLU G 48 13.61 38.54 19.58
N LYS G 49 13.07 39.29 20.54
CA LYS G 49 12.18 38.69 21.55
C LYS G 49 10.74 38.59 21.10
N VAL G 50 10.36 37.44 20.56
CA VAL G 50 8.97 37.20 20.17
C VAL G 50 8.53 35.86 20.66
N GLU G 51 7.31 35.79 21.18
CA GLU G 51 6.77 34.54 21.67
C GLU G 51 5.75 34.05 20.65
N HIS G 52 5.17 32.89 20.91
CA HIS G 52 4.16 32.33 20.03
C HIS G 52 3.33 31.31 20.76
N SER G 53 2.06 31.25 20.39
CA SER G 53 1.14 30.32 20.98
C SER G 53 1.40 28.91 20.58
N ASP G 54 0.96 28.00 21.41
CA ASP G 54 1.08 26.59 21.15
C ASP G 54 0.28 26.26 19.90
N LEU G 55 0.87 25.46 19.01
CA LEU G 55 0.21 25.05 17.75
C LEU G 55 -1.14 24.41 17.96
N SER G 56 -2.10 24.74 17.09
CA SER G 56 -3.45 24.13 17.15
C SER G 56 -4.16 24.23 15.76
N PHE G 57 -5.40 23.75 15.64
CA PHE G 57 -6.07 23.77 14.34
C PHE G 57 -7.58 23.82 14.34
N SER G 58 -8.14 24.25 13.20
CA SER G 58 -9.59 24.37 13.02
C SER G 58 -10.18 23.08 12.46
N LYS G 59 -11.50 23.03 12.30
CA LYS G 59 -12.20 21.81 11.85
C LYS G 59 -11.77 21.30 10.46
N ASP G 60 -11.15 22.15 9.67
CA ASP G 60 -10.66 21.74 8.34
C ASP G 60 -9.22 21.21 8.44
N TRP G 61 -8.74 21.05 9.68
CA TRP G 61 -7.37 20.55 9.99
C TRP G 61 -6.24 21.56 9.74
N SER G 62 -6.56 22.76 9.26
CA SER G 62 -5.53 23.76 8.98
C SER G 62 -5.03 24.38 10.29
N PHE G 63 -3.74 24.67 10.36
CA PHE G 63 -3.16 25.21 11.58
C PHE G 63 -3.35 26.69 11.74
N TYR G 64 -3.08 27.15 12.94
CA TYR G 64 -3.10 28.55 13.22
C TYR G 64 -2.16 28.80 14.39
N LEU G 65 -1.43 29.90 14.30
CA LEU G 65 -0.46 30.33 15.33
C LEU G 65 -0.54 31.82 15.54
N LEU G 66 -0.24 32.25 16.76
CA LEU G 66 -0.20 33.66 17.07
C LEU G 66 1.20 34.00 17.50
N TYR G 67 1.77 35.04 16.91
CA TYR G 67 3.07 35.55 17.29
C TYR G 67 2.85 36.96 17.85
N TYR G 68 3.46 37.25 19.00
CA TYR G 68 3.28 38.56 19.63
C TYR G 68 4.52 38.97 20.39
N THR G 69 4.64 40.29 20.61
CA THR G 69 5.77 40.85 21.37
C THR G 69 5.38 42.22 21.98
N GLU G 70 6.03 42.56 23.08
CA GLU G 70 5.77 43.83 23.72
C GLU G 70 6.35 44.92 22.83
N PHE G 71 5.67 46.05 22.74
CA PHE G 71 6.19 47.17 21.96
C PHE G 71 5.34 48.40 22.20
N THR G 72 5.97 49.56 22.05
CA THR G 72 5.29 50.82 22.21
C THR G 72 5.31 51.52 20.86
N PRO G 73 4.16 51.58 20.19
CA PRO G 73 4.14 52.24 18.88
C PRO G 73 4.39 53.74 19.01
N THR G 74 4.97 54.33 17.97
CA THR G 74 5.27 55.76 17.97
C THR G 74 5.15 56.34 16.55
N GLU G 75 4.89 57.64 16.47
CA GLU G 75 4.77 58.37 15.19
C GLU G 75 5.83 57.99 14.15
N LYS G 76 7.06 57.75 14.61
CA LYS G 76 8.17 57.46 13.72
C LYS G 76 8.77 56.07 13.86
N ASP G 77 7.94 55.05 13.55
CA ASP G 77 8.31 53.62 13.57
C ASP G 77 7.26 52.81 12.80
N GLU G 78 7.70 51.95 11.87
CA GLU G 78 6.80 51.10 11.07
C GLU G 78 6.91 49.66 11.49
N TYR G 79 5.80 48.94 11.43
CA TYR G 79 5.78 47.56 11.81
C TYR G 79 5.12 46.68 10.76
N ALA G 80 5.61 45.45 10.64
CA ALA G 80 5.08 44.49 9.67
C ALA G 80 5.41 43.06 10.10
N CYS G 81 4.90 42.09 9.36
CA CYS G 81 5.14 40.67 9.64
C CYS G 81 5.80 40.03 8.39
N ARG G 82 6.62 38.99 8.59
CA ARG G 82 7.32 38.30 7.47
C ARG G 82 7.14 36.81 7.59
N VAL G 83 6.11 36.31 6.91
CA VAL G 83 5.73 34.92 6.95
C VAL G 83 6.26 34.12 5.75
N ASN G 84 6.78 32.93 6.01
CA ASN G 84 7.27 32.07 4.94
C ASN G 84 6.73 30.62 5.14
N HIS G 85 6.54 29.90 4.03
CA HIS G 85 5.96 28.57 4.06
C HIS G 85 6.22 27.83 2.72
N VAL G 86 6.09 26.51 2.71
CA VAL G 86 6.33 25.73 1.50
C VAL G 86 5.38 26.12 0.33
N THR G 87 4.17 26.58 0.68
CA THR G 87 3.19 26.98 -0.33
C THR G 87 3.57 28.33 -0.96
N LEU G 88 4.35 29.13 -0.23
CA LEU G 88 4.81 30.41 -0.73
C LEU G 88 6.10 30.23 -1.51
N SER G 89 6.17 30.85 -2.71
CA SER G 89 7.37 30.79 -3.55
C SER G 89 8.50 31.62 -2.96
N GLN G 90 8.15 32.46 -1.98
CA GLN G 90 9.10 33.34 -1.31
C GLN G 90 8.37 34.11 -0.20
N PRO G 91 9.10 34.50 0.87
CA PRO G 91 8.49 35.18 2.00
C PRO G 91 7.45 36.23 1.61
N LYS G 92 6.52 36.49 2.52
CA LYS G 92 5.42 37.45 2.30
C LYS G 92 5.43 38.47 3.43
N ILE G 93 5.71 39.72 3.09
CA ILE G 93 5.80 40.79 4.10
C ILE G 93 4.54 41.66 4.11
N VAL G 94 3.85 41.68 5.24
CA VAL G 94 2.61 42.45 5.40
C VAL G 94 2.77 43.51 6.47
N LYS G 95 2.62 44.77 6.08
CA LYS G 95 2.77 45.89 7.01
C LYS G 95 1.59 45.94 7.98
N TRP G 96 1.82 46.55 9.14
CA TRP G 96 0.77 46.75 10.13
C TRP G 96 0.10 48.08 9.84
N ASP G 97 -1.09 48.00 9.25
CA ASP G 97 -1.86 49.17 8.93
C ASP G 97 -2.74 49.50 10.11
N ARG G 98 -2.22 50.36 10.98
CA ARG G 98 -2.90 50.78 12.20
C ARG G 98 -4.22 51.55 11.97
N ASP G 99 -4.19 52.54 11.08
CA ASP G 99 -5.38 53.36 10.80
C ASP G 99 -6.41 52.66 9.89
N MET G 100 -7.05 51.61 10.42
CA MET G 100 -8.09 50.89 9.68
C MET G 100 -9.08 50.26 10.64
N ALA H 1 -9.25 16.52 31.47
CA ALA H 1 -8.46 15.25 31.60
C ALA H 1 -8.47 14.45 30.30
N LEU H 2 -7.30 13.96 29.92
CA LEU H 2 -7.15 13.15 28.71
C LEU H 2 -7.81 11.81 28.82
N TRP H 3 -7.94 11.17 27.68
CA TRP H 3 -8.47 9.82 27.62
C TRP H 3 -7.28 8.89 27.96
N GLY H 4 -7.55 7.80 28.66
CA GLY H 4 -6.50 6.91 29.04
C GLY H 4 -6.95 5.55 29.49
N PRO H 5 -6.01 4.73 29.94
CA PRO H 5 -4.57 5.05 30.07
C PRO H 5 -3.87 5.41 28.76
N ASP H 6 -4.26 4.78 27.66
CA ASP H 6 -3.67 5.08 26.36
C ASP H 6 -4.64 4.78 25.21
N PRO H 7 -4.43 5.43 24.06
CA PRO H 7 -5.31 5.20 22.90
C PRO H 7 -4.95 3.96 22.07
N ALA H 8 -5.89 3.51 21.26
CA ALA H 8 -5.68 2.35 20.40
C ALA H 8 -4.74 2.73 19.28
N ALA H 9 -3.85 1.82 18.94
CA ALA H 9 -2.93 2.02 17.85
C ALA H 9 -3.69 1.86 16.54
N ALA H 10 -3.44 2.75 15.58
CA ALA H 10 -4.14 2.72 14.31
C ALA H 10 -3.64 1.55 13.42
N LYS I 1 -4.18 6.19 46.94
CA LYS I 1 -4.22 4.84 46.28
C LYS I 1 -4.02 3.68 47.29
N GLU I 2 -4.99 3.50 48.21
CA GLU I 2 -4.97 2.43 49.23
C GLU I 2 -6.36 1.84 49.41
N VAL I 3 -6.40 0.53 49.58
CA VAL I 3 -7.66 -0.20 49.70
C VAL I 3 -7.71 -0.96 51.02
N GLU I 4 -8.82 -0.81 51.74
CA GLU I 4 -9.00 -1.47 53.02
C GLU I 4 -9.79 -2.77 52.78
N GLN I 5 -9.35 -3.87 53.39
CA GLN I 5 -10.03 -5.18 53.23
C GLN I 5 -9.82 -6.06 54.46
N ASP I 6 -10.92 -6.60 54.99
CA ASP I 6 -10.87 -7.46 56.16
C ASP I 6 -10.22 -8.80 55.76
N PRO I 7 -9.12 -9.18 56.43
CA PRO I 7 -8.39 -10.40 56.05
C PRO I 7 -9.10 -11.71 56.37
N GLY I 8 -10.21 -11.63 57.10
CA GLY I 8 -10.92 -12.83 57.50
C GLY I 8 -10.10 -13.53 58.57
N PRO I 9 -10.14 -14.87 58.61
CA PRO I 9 -10.90 -15.71 57.72
C PRO I 9 -12.33 -15.69 58.10
N LEU I 10 -13.23 -15.85 57.13
CA LEU I 10 -14.64 -15.89 57.49
C LEU I 10 -15.21 -17.22 56.99
N SER I 11 -15.90 -17.94 57.88
CA SER I 11 -16.49 -19.24 57.56
C SER I 11 -17.99 -19.15 57.39
N VAL I 12 -18.49 -19.76 56.34
CA VAL I 12 -19.92 -19.81 56.11
C VAL I 12 -20.27 -21.23 55.78
N PRO I 13 -21.45 -21.67 56.20
CA PRO I 13 -21.82 -23.03 55.88
C PRO I 13 -22.16 -23.17 54.40
N GLU I 14 -21.82 -24.31 53.84
CA GLU I 14 -22.09 -24.65 52.46
C GLU I 14 -23.55 -24.32 52.12
N GLY I 15 -23.76 -23.46 51.12
CA GLY I 15 -25.10 -23.11 50.70
C GLY I 15 -25.57 -21.70 51.05
N ALA I 16 -24.89 -21.07 52.02
CA ALA I 16 -25.24 -19.71 52.44
C ALA I 16 -24.58 -18.70 51.56
N ILE I 17 -25.09 -17.47 51.62
CA ILE I 17 -24.52 -16.36 50.84
C ILE I 17 -23.27 -15.94 51.54
N VAL I 18 -22.33 -15.41 50.80
CA VAL I 18 -21.12 -14.93 51.36
C VAL I 18 -20.94 -13.52 50.86
N SER I 19 -20.50 -12.66 51.75
CA SER I 19 -20.34 -11.30 51.44
C SER I 19 -18.89 -10.86 51.66
N LEU I 20 -18.21 -10.59 50.56
CA LEU I 20 -16.84 -10.07 50.59
C LEU I 20 -16.91 -8.61 50.16
N ASN I 21 -15.94 -7.81 50.57
CA ASN I 21 -15.93 -6.39 50.20
C ASN I 21 -14.65 -5.66 50.53
N CYS I 22 -14.45 -4.56 49.83
CA CYS I 22 -13.35 -3.70 50.04
C CYS I 22 -13.83 -2.30 50.09
N THR I 23 -13.04 -1.45 50.73
CA THR I 23 -13.34 -0.05 50.81
C THR I 23 -12.10 0.70 50.27
N TYR I 24 -12.29 1.87 49.70
CA TYR I 24 -11.15 2.67 49.19
C TYR I 24 -11.43 4.13 49.46
N SER I 25 -10.49 4.99 49.13
CA SER I 25 -10.69 6.40 49.39
C SER I 25 -10.24 7.33 48.27
N ASN I 26 -9.66 6.79 47.21
CA ASN I 26 -9.22 7.63 46.10
C ASN I 26 -10.31 7.75 45.03
N SER I 27 -10.84 8.97 44.87
CA SER I 27 -11.90 9.24 43.88
C SER I 27 -11.51 8.83 42.45
N ALA I 28 -10.21 8.84 42.18
CA ALA I 28 -9.72 8.52 40.88
C ALA I 28 -10.09 7.08 40.45
N PHE I 29 -10.09 6.11 41.38
CA PHE I 29 -10.41 4.72 41.00
C PHE I 29 -11.73 4.70 40.24
N GLN I 30 -11.72 4.10 39.05
CA GLN I 30 -12.88 4.06 38.16
C GLN I 30 -13.22 2.57 37.75
N TYR I 31 -12.21 1.68 37.80
CA TYR I 31 -12.40 0.27 37.42
C TYR I 31 -12.20 -0.64 38.65
N PHE I 32 -13.11 -1.58 38.84
CA PHE I 32 -13.06 -2.44 40.02
C PHE I 32 -13.25 -3.90 39.67
N MET I 33 -12.34 -4.75 40.15
CA MET I 33 -12.45 -6.17 39.88
C MET I 33 -12.03 -7.07 41.03
N TRP I 34 -12.52 -8.31 40.98
CA TRP I 34 -12.26 -9.30 42.00
C TRP I 34 -11.61 -10.53 41.43
N TYR I 35 -10.59 -10.99 42.12
CA TYR I 35 -9.90 -12.18 41.73
C TYR I 35 -10.08 -13.27 42.80
N ARG I 36 -9.79 -14.50 42.42
CA ARG I 36 -9.85 -15.63 43.33
C ARG I 36 -8.51 -16.24 43.25
N GLN I 37 -8.08 -16.87 44.32
CA GLN I 37 -6.77 -17.46 44.34
C GLN I 37 -6.64 -18.56 45.35
N TYR I 38 -6.40 -19.78 44.86
CA TYR I 38 -6.20 -20.91 45.71
C TYR I 38 -4.75 -20.90 46.19
N SER I 39 -4.52 -21.46 47.37
CA SER I 39 -3.19 -21.46 48.00
C SER I 39 -2.05 -21.98 47.11
N ARG I 40 -1.03 -21.13 46.93
CA ARG I 40 0.15 -21.45 46.11
C ARG I 40 -0.21 -21.62 44.64
N LYS I 41 -1.03 -20.70 44.16
CA LYS I 41 -1.44 -20.73 42.79
C LYS I 41 -1.75 -19.29 42.38
N GLY I 42 -1.98 -19.06 41.09
CA GLY I 42 -2.21 -17.71 40.57
C GLY I 42 -3.61 -17.19 40.75
N PRO I 43 -3.80 -15.88 40.55
CA PRO I 43 -5.09 -15.21 40.65
C PRO I 43 -5.93 -15.34 39.39
N GLU I 44 -7.22 -15.57 39.56
CA GLU I 44 -8.11 -15.71 38.41
C GLU I 44 -9.25 -14.68 38.47
N LEU I 45 -9.29 -13.80 37.46
CA LEU I 45 -10.30 -12.75 37.39
C LEU I 45 -11.71 -13.32 37.36
N LEU I 46 -12.57 -12.83 38.25
CA LEU I 46 -13.95 -13.31 38.32
C LEU I 46 -14.93 -12.33 37.78
N MET I 47 -14.84 -11.11 38.27
CA MET I 47 -15.75 -10.06 37.91
C MET I 47 -15.00 -8.78 37.76
N TYR I 48 -15.54 -7.88 36.95
CA TYR I 48 -14.98 -6.55 36.75
C TYR I 48 -16.14 -5.59 36.56
N THR I 49 -15.98 -4.36 37.05
CA THR I 49 -17.01 -3.36 36.93
C THR I 49 -16.38 -2.04 36.55
N TYR I 50 -17.18 -1.15 36.02
CA TYR I 50 -16.72 0.17 35.62
C TYR I 50 -17.55 1.28 36.26
N SER I 51 -16.91 2.05 37.13
CA SER I 51 -17.51 3.19 37.84
C SER I 51 -18.63 2.89 38.86
N SER I 52 -19.71 2.24 38.43
CA SER I 52 -20.86 1.99 39.34
C SER I 52 -21.73 0.75 38.99
N GLY I 53 -22.86 0.62 39.71
CA GLY I 53 -23.86 -0.44 39.44
C GLY I 53 -23.63 -1.84 39.98
N ASN I 54 -24.61 -2.71 39.74
CA ASN I 54 -24.55 -4.11 40.16
C ASN I 54 -24.35 -4.95 38.92
N LYS I 55 -23.62 -6.05 39.05
CA LYS I 55 -23.36 -6.93 37.91
C LYS I 55 -23.52 -8.38 38.38
N GLU I 56 -24.02 -9.24 37.50
CA GLU I 56 -24.27 -10.65 37.84
C GLU I 56 -23.69 -11.63 36.81
N ASP I 57 -23.12 -12.72 37.34
CA ASP I 57 -22.49 -13.77 36.52
C ASP I 57 -22.52 -15.07 37.31
N GLY I 58 -23.24 -16.05 36.82
CA GLY I 58 -23.33 -17.32 37.49
C GLY I 58 -23.86 -17.14 38.89
N ARG I 59 -23.07 -17.54 39.86
CA ARG I 59 -23.45 -17.42 41.25
C ARG I 59 -22.85 -16.12 41.86
N PHE I 60 -21.96 -15.46 41.13
CA PHE I 60 -21.30 -14.25 41.62
C PHE I 60 -22.06 -12.98 41.30
N THR I 61 -21.98 -12.02 42.21
CA THR I 61 -22.57 -10.71 42.00
C THR I 61 -21.55 -9.67 42.43
N ALA I 62 -21.20 -8.77 41.51
CA ALA I 62 -20.26 -7.72 41.77
C ALA I 62 -21.05 -6.47 41.92
N GLN I 63 -20.65 -5.64 42.87
CA GLN I 63 -21.34 -4.39 43.10
C GLN I 63 -20.35 -3.29 43.47
N VAL I 64 -20.71 -2.06 43.11
CA VAL I 64 -19.89 -0.91 43.42
C VAL I 64 -20.73 0.34 43.59
N ASP I 65 -20.51 1.04 44.70
CA ASP I 65 -21.22 2.29 45.01
C ASP I 65 -20.21 3.43 45.13
N LYS I 66 -20.21 4.33 44.15
CA LYS I 66 -19.28 5.48 44.13
C LYS I 66 -19.31 6.30 45.40
N SER I 67 -20.47 6.84 45.74
CA SER I 67 -20.61 7.71 46.91
C SER I 67 -19.93 7.18 48.15
N SER I 68 -20.01 5.87 48.36
CA SER I 68 -19.47 5.28 49.57
C SER I 68 -18.15 4.56 49.41
N LYS I 69 -17.55 4.64 48.21
CA LYS I 69 -16.30 3.93 47.93
C LYS I 69 -16.33 2.51 48.52
N TYR I 70 -17.38 1.76 48.22
CA TYR I 70 -17.57 0.42 48.81
C TYR I 70 -17.87 -0.62 47.73
N ILE I 71 -16.92 -1.53 47.54
CA ILE I 71 -17.03 -2.59 46.54
C ILE I 71 -17.53 -3.82 47.27
N SER I 72 -18.32 -4.65 46.62
CA SER I 72 -18.73 -5.90 47.24
C SER I 72 -18.94 -7.06 46.22
N LEU I 73 -18.64 -8.27 46.68
CA LEU I 73 -18.77 -9.47 45.88
C LEU I 73 -19.54 -10.49 46.68
N PHE I 74 -20.64 -10.97 46.11
CA PHE I 74 -21.47 -11.96 46.77
C PHE I 74 -21.35 -13.30 46.09
N ILE I 75 -21.17 -14.35 46.87
CA ILE I 75 -21.15 -15.70 46.31
C ILE I 75 -22.35 -16.43 46.85
N ARG I 76 -23.30 -16.73 45.96
CA ARG I 76 -24.51 -17.43 46.37
C ARG I 76 -24.37 -18.95 46.30
N ASP I 77 -25.23 -19.66 47.05
CA ASP I 77 -25.20 -21.13 47.08
C ASP I 77 -23.75 -21.63 47.12
N SER I 78 -23.03 -21.20 48.14
CA SER I 78 -21.63 -21.54 48.33
C SER I 78 -21.35 -23.02 48.37
N GLN I 79 -20.22 -23.39 47.80
CA GLN I 79 -19.78 -24.75 47.72
C GLN I 79 -18.42 -24.78 48.35
N PRO I 80 -18.03 -25.95 48.89
CA PRO I 80 -16.70 -26.07 49.51
C PRO I 80 -15.56 -25.70 48.55
N SER I 81 -15.75 -25.92 47.25
CA SER I 81 -14.70 -25.62 46.26
C SER I 81 -14.42 -24.12 46.13
N ASP I 82 -15.25 -23.30 46.78
CA ASP I 82 -15.05 -21.85 46.75
C ASP I 82 -14.02 -21.39 47.79
N SER I 83 -13.63 -22.30 48.67
CA SER I 83 -12.65 -21.97 49.69
C SER I 83 -11.34 -21.48 49.06
N ALA I 84 -11.03 -20.19 49.26
CA ALA I 84 -9.82 -19.58 48.72
C ALA I 84 -9.71 -18.14 49.18
N THR I 85 -8.62 -17.46 48.79
CA THR I 85 -8.45 -16.04 49.11
C THR I 85 -8.97 -15.21 47.97
N TYR I 86 -9.87 -14.28 48.27
CA TYR I 86 -10.44 -13.41 47.25
C TYR I 86 -9.78 -12.03 47.36
N LEU I 87 -9.35 -11.49 46.22
CA LEU I 87 -8.68 -10.20 46.18
C LEU I 87 -9.43 -9.23 45.34
N CYS I 88 -9.55 -8.00 45.82
CA CYS I 88 -10.16 -6.95 45.03
C CYS I 88 -9.02 -6.16 44.46
N ALA I 89 -9.24 -5.58 43.31
CA ALA I 89 -8.20 -4.77 42.67
C ALA I 89 -8.88 -3.66 41.94
N MET I 90 -8.27 -2.49 41.96
CA MET I 90 -8.87 -1.32 41.33
C MET I 90 -7.82 -0.36 40.79
N ARG I 91 -8.23 0.48 39.84
CA ARG I 91 -7.33 1.46 39.25
C ARG I 91 -8.06 2.66 38.64
N GLY I 92 -7.26 3.64 38.22
CA GLY I 92 -7.77 4.83 37.54
C GLY I 92 -7.53 4.75 36.03
N ASP I 93 -7.71 5.87 35.35
CA ASP I 93 -7.58 5.94 33.90
C ASP I 93 -6.24 6.45 33.38
N SER I 94 -5.21 6.49 34.22
CA SER I 94 -3.89 7.02 33.77
C SER I 94 -2.81 5.96 33.73
N SER I 95 -3.14 4.77 34.19
CA SER I 95 -2.18 3.71 34.21
C SER I 95 -2.91 2.37 34.27
N TYR I 96 -2.30 1.35 33.69
CA TYR I 96 -2.85 0.01 33.78
C TYR I 96 -2.34 -0.61 35.03
N LYS I 97 -1.74 0.19 35.91
CA LYS I 97 -1.22 -0.30 37.17
C LYS I 97 -2.39 -0.56 38.05
N LEU I 98 -2.40 -1.75 38.63
CA LEU I 98 -3.51 -2.22 39.42
C LEU I 98 -3.08 -2.19 40.86
N ILE I 99 -3.98 -1.78 41.75
CA ILE I 99 -3.72 -1.73 43.19
C ILE I 99 -4.67 -2.70 43.85
N PHE I 100 -4.11 -3.70 44.54
CA PHE I 100 -4.90 -4.77 45.19
C PHE I 100 -5.01 -4.67 46.70
N GLY I 101 -6.12 -5.11 47.23
CA GLY I 101 -6.30 -5.24 48.67
C GLY I 101 -5.51 -6.47 49.15
N SER I 102 -5.44 -6.69 50.45
CA SER I 102 -4.70 -7.83 50.97
C SER I 102 -5.44 -9.17 50.88
N GLY I 103 -6.68 -9.13 50.41
CA GLY I 103 -7.47 -10.31 50.23
C GLY I 103 -8.06 -10.86 51.51
N THR I 104 -9.19 -11.52 51.35
CA THR I 104 -9.93 -12.08 52.44
C THR I 104 -9.99 -13.58 52.26
N ARG I 105 -9.56 -14.35 53.26
CA ARG I 105 -9.65 -15.81 53.18
C ARG I 105 -11.08 -16.27 53.41
N LEU I 106 -11.57 -17.12 52.54
CA LEU I 106 -12.92 -17.62 52.67
C LEU I 106 -12.88 -19.10 52.90
N LEU I 107 -13.66 -19.58 53.85
CA LEU I 107 -13.72 -21.00 54.14
C LEU I 107 -15.17 -21.45 54.21
N VAL I 108 -15.64 -22.10 53.16
CA VAL I 108 -16.98 -22.60 53.14
C VAL I 108 -16.95 -24.01 53.71
N ARG I 109 -17.66 -24.21 54.81
CA ARG I 109 -17.68 -25.49 55.52
C ARG I 109 -18.71 -26.43 54.92
N PRO I 110 -18.35 -27.70 54.72
CA PRO I 110 -19.25 -28.68 54.11
C PRO I 110 -20.30 -29.23 55.07
N ASP I 111 -21.39 -29.75 54.50
CA ASP I 111 -22.44 -30.44 55.26
C ASP I 111 -22.06 -31.87 55.44
N ILE I 112 -21.98 -32.29 56.68
CA ILE I 112 -21.65 -33.67 56.98
C ILE I 112 -22.96 -34.37 57.35
N GLN I 113 -23.33 -35.34 56.52
CA GLN I 113 -24.60 -36.05 56.68
C GLN I 113 -24.73 -36.70 58.06
N ASN I 114 -23.99 -37.78 58.29
CA ASN I 114 -24.06 -38.48 59.56
C ASN I 114 -22.75 -38.39 60.33
N PRO I 115 -22.61 -37.35 61.17
CA PRO I 115 -21.40 -37.14 61.98
C PRO I 115 -21.19 -38.25 62.99
N ASP I 116 -19.93 -38.55 63.28
CA ASP I 116 -19.58 -39.63 64.20
C ASP I 116 -18.17 -39.36 64.77
N PRO I 117 -18.03 -38.28 65.56
CA PRO I 117 -16.75 -37.85 66.08
C PRO I 117 -16.00 -38.91 66.85
N ALA I 118 -14.73 -39.00 66.59
CA ALA I 118 -13.91 -39.96 67.23
C ALA I 118 -12.45 -39.57 67.06
N VAL I 119 -11.62 -40.12 67.93
CA VAL I 119 -10.20 -39.91 67.86
C VAL I 119 -9.53 -41.27 67.83
N TYR I 120 -8.78 -41.55 66.74
CA TYR I 120 -8.09 -42.85 66.56
C TYR I 120 -6.60 -42.70 66.53
N GLN I 121 -5.90 -43.67 67.12
CA GLN I 121 -4.43 -43.72 67.08
C GLN I 121 -4.02 -44.61 65.92
N LEU I 122 -3.14 -44.10 65.05
CA LEU I 122 -2.66 -44.85 63.87
C LEU I 122 -1.17 -45.08 63.95
N ARG I 123 -0.73 -46.33 63.85
CA ARG I 123 0.68 -46.62 63.93
C ARG I 123 1.39 -46.45 62.59
N ASP I 124 2.67 -46.13 62.66
CA ASP I 124 3.52 -46.01 61.50
C ASP I 124 3.90 -47.40 61.07
N SER I 125 3.77 -47.68 59.80
CA SER I 125 4.18 -48.96 59.29
C SER I 125 5.68 -48.86 59.14
N LYS I 126 6.38 -49.99 59.01
CA LYS I 126 7.82 -49.90 58.80
C LYS I 126 8.36 -48.84 59.76
N SER I 127 8.30 -49.13 61.06
CA SER I 127 8.64 -48.13 62.04
C SER I 127 9.14 -48.62 63.37
N SER I 128 9.21 -47.64 64.28
CA SER I 128 9.47 -47.86 65.67
C SER I 128 8.03 -47.82 66.15
N ASP I 129 7.79 -47.61 67.43
CA ASP I 129 6.42 -47.45 67.89
C ASP I 129 6.10 -45.95 67.87
N LYS I 130 5.94 -45.45 66.64
CA LYS I 130 5.59 -44.07 66.35
C LYS I 130 4.13 -44.03 65.98
N SER I 131 3.40 -43.07 66.52
CA SER I 131 1.99 -42.97 66.24
C SER I 131 1.51 -41.55 65.96
N VAL I 132 0.29 -41.47 65.48
CA VAL I 132 -0.33 -40.24 65.14
C VAL I 132 -1.80 -40.34 65.57
N CYS I 133 -2.36 -39.26 66.08
CA CYS I 133 -3.74 -39.25 66.53
C CYS I 133 -4.63 -38.55 65.49
N LEU I 134 -5.70 -39.23 65.10
CA LEU I 134 -6.63 -38.73 64.06
C LEU I 134 -8.00 -38.37 64.64
N PHE I 135 -8.32 -37.10 64.65
CA PHE I 135 -9.63 -36.65 65.08
C PHE I 135 -10.40 -36.56 63.80
N THR I 136 -11.41 -37.40 63.64
CA THR I 136 -12.15 -37.43 62.39
C THR I 136 -13.66 -37.57 62.60
N ASP I 137 -14.40 -37.48 61.49
CA ASP I 137 -15.84 -37.68 61.46
C ASP I 137 -16.69 -36.69 62.31
N PHE I 138 -16.10 -35.56 62.69
CA PHE I 138 -16.81 -34.54 63.46
C PHE I 138 -17.45 -33.55 62.51
N ASP I 139 -18.54 -32.92 62.94
CA ASP I 139 -19.24 -31.97 62.07
C ASP I 139 -18.53 -30.63 61.97
N SER I 140 -18.86 -29.90 60.92
CA SER I 140 -18.25 -28.59 60.62
C SER I 140 -18.48 -27.55 61.71
N GLN I 141 -19.25 -27.92 62.70
CA GLN I 141 -19.56 -27.02 63.78
C GLN I 141 -18.31 -26.83 64.63
N THR I 142 -17.59 -27.94 64.83
CA THR I 142 -16.38 -27.97 65.66
C THR I 142 -15.19 -27.24 65.03
N ASN I 143 -14.36 -26.65 65.91
CA ASN I 143 -13.16 -25.92 65.53
C ASN I 143 -11.96 -26.52 66.25
N VAL I 144 -10.93 -26.91 65.51
CA VAL I 144 -9.72 -27.49 66.13
C VAL I 144 -8.72 -26.40 66.43
N SER I 145 -8.29 -26.35 67.67
CA SER I 145 -7.39 -25.31 68.11
C SER I 145 -5.96 -25.79 68.05
N GLN I 146 -5.03 -24.86 68.22
CA GLN I 146 -3.63 -25.17 68.25
C GLN I 146 -3.23 -25.34 69.70
N SER I 147 -2.34 -26.28 69.96
CA SER I 147 -1.85 -26.50 71.31
C SER I 147 -0.74 -25.47 71.56
N LYS I 148 -0.84 -24.73 72.67
CA LYS I 148 0.16 -23.67 72.97
C LYS I 148 1.51 -24.17 73.50
N ASP I 149 1.77 -25.47 73.33
CA ASP I 149 3.05 -26.05 73.70
C ASP I 149 3.70 -26.58 72.42
N SER I 150 4.65 -25.80 71.88
CA SER I 150 5.33 -26.12 70.59
C SER I 150 5.88 -27.56 70.48
N ASP I 151 5.84 -28.29 71.57
CA ASP I 151 6.32 -29.64 71.60
C ASP I 151 5.35 -30.52 70.76
N VAL I 152 4.08 -30.10 70.72
CA VAL I 152 2.99 -30.86 70.06
C VAL I 152 2.47 -30.18 68.76
N TYR I 153 2.17 -30.98 67.75
CA TYR I 153 1.71 -30.46 66.45
C TYR I 153 0.27 -30.87 66.10
N ILE I 154 -0.55 -29.87 65.75
CA ILE I 154 -1.95 -30.09 65.36
C ILE I 154 -2.29 -29.31 64.09
N THR I 155 -2.89 -30.01 63.13
CA THR I 155 -3.32 -29.39 61.86
C THR I 155 -4.80 -28.98 61.93
N ASP I 156 -5.22 -28.06 61.08
CA ASP I 156 -6.63 -27.67 61.03
C ASP I 156 -7.49 -28.74 60.38
N LYS I 157 -8.80 -28.54 60.47
CA LYS I 157 -9.73 -29.44 59.89
C LYS I 157 -9.46 -29.47 58.40
N CYS I 158 -9.67 -30.62 57.78
CA CYS I 158 -9.44 -30.80 56.37
C CYS I 158 -10.61 -31.65 55.84
N VAL I 159 -11.24 -31.20 54.75
CA VAL I 159 -12.41 -31.92 54.18
C VAL I 159 -12.00 -33.00 53.20
N LEU I 160 -12.36 -34.21 53.53
CA LEU I 160 -12.07 -35.38 52.71
C LEU I 160 -13.36 -35.66 51.92
N ASP I 161 -13.24 -36.17 50.69
CA ASP I 161 -14.42 -36.45 49.85
C ASP I 161 -14.27 -37.76 49.08
N MET I 162 -15.07 -38.78 49.45
CA MET I 162 -15.02 -40.10 48.78
C MET I 162 -16.13 -40.14 47.74
N ARG I 163 -15.79 -39.64 46.55
CA ARG I 163 -16.74 -39.49 45.45
C ARG I 163 -17.71 -40.66 45.14
N SER I 164 -17.21 -41.88 45.01
CA SER I 164 -18.07 -43.02 44.63
C SER I 164 -19.11 -43.42 45.72
N MET I 165 -18.88 -43.00 46.96
CA MET I 165 -19.81 -43.28 48.05
C MET I 165 -20.59 -42.03 48.43
N ASP I 166 -20.38 -40.95 47.68
CA ASP I 166 -21.04 -39.68 47.94
C ASP I 166 -20.90 -39.37 49.43
N PHE I 167 -19.69 -39.54 49.94
CA PHE I 167 -19.40 -39.35 51.35
C PHE I 167 -18.21 -38.40 51.56
N LYS I 168 -18.33 -37.49 52.53
CA LYS I 168 -17.23 -36.60 52.85
C LYS I 168 -17.08 -36.43 54.36
N SER I 169 -15.82 -36.36 54.83
CA SER I 169 -15.54 -36.23 56.28
C SER I 169 -14.43 -35.24 56.61
N ASN I 170 -14.57 -34.59 57.77
CA ASN I 170 -13.55 -33.66 58.31
C ASN I 170 -12.54 -34.43 59.13
N SER I 171 -11.29 -33.96 59.14
CA SER I 171 -10.26 -34.62 59.94
C SER I 171 -9.17 -33.67 60.31
N ALA I 172 -8.43 -34.06 61.34
CA ALA I 172 -7.34 -33.28 61.84
C ALA I 172 -6.44 -34.27 62.48
N VAL I 173 -5.13 -34.01 62.39
CA VAL I 173 -4.12 -34.90 62.95
C VAL I 173 -3.25 -34.17 63.97
N ALA I 174 -2.75 -34.91 64.95
CA ALA I 174 -1.87 -34.35 65.96
C ALA I 174 -0.79 -35.38 66.32
N TRP I 175 0.41 -34.89 66.60
CA TRP I 175 1.52 -35.78 66.95
C TRP I 175 2.59 -35.04 67.72
N SER I 176 3.43 -35.81 68.42
CA SER I 176 4.56 -35.30 69.22
C SER I 176 5.48 -36.45 69.52
N ASN I 177 6.79 -36.21 69.50
CA ASN I 177 7.77 -37.27 69.82
C ASN I 177 7.96 -37.35 71.32
N LYS I 178 7.32 -36.42 72.04
CA LYS I 178 7.36 -36.38 73.48
C LYS I 178 6.45 -37.49 74.00
N SER I 179 7.03 -38.47 74.69
CA SER I 179 6.28 -39.65 75.19
C SER I 179 5.24 -39.38 76.31
N ASP I 180 5.08 -38.12 76.72
CA ASP I 180 4.07 -37.76 77.74
C ASP I 180 2.75 -37.43 77.01
N PHE I 181 2.74 -37.71 75.71
CA PHE I 181 1.62 -37.41 74.85
C PHE I 181 0.86 -38.69 74.48
N ALA I 182 -0.47 -38.58 74.44
CA ALA I 182 -1.35 -39.67 74.09
C ALA I 182 -2.62 -39.09 73.53
N CYS I 183 -3.34 -39.87 72.73
CA CYS I 183 -4.57 -39.40 72.10
C CYS I 183 -5.61 -38.82 73.08
N ALA I 184 -5.86 -39.49 74.18
CA ALA I 184 -6.81 -38.96 75.16
C ALA I 184 -6.36 -37.56 75.59
N ASN I 185 -5.04 -37.35 75.54
CA ASN I 185 -4.42 -36.08 75.91
C ASN I 185 -4.54 -35.05 74.79
N ALA I 186 -4.19 -35.45 73.58
CA ALA I 186 -4.26 -34.58 72.40
C ALA I 186 -5.66 -34.00 72.24
N PHE I 187 -5.72 -32.76 71.76
CA PHE I 187 -6.98 -32.06 71.52
C PHE I 187 -7.70 -31.56 72.78
N ASN I 188 -7.01 -31.56 73.93
CA ASN I 188 -7.62 -31.02 75.17
C ASN I 188 -7.83 -29.52 75.09
N ASN I 189 -7.10 -28.87 74.17
CA ASN I 189 -7.21 -27.43 73.99
C ASN I 189 -8.33 -27.08 73.02
N SER I 190 -9.03 -28.10 72.54
CA SER I 190 -10.13 -27.93 71.59
C SER I 190 -11.46 -28.36 72.21
N ILE I 191 -12.53 -27.60 71.94
CA ILE I 191 -13.86 -27.99 72.39
C ILE I 191 -14.38 -29.00 71.37
N ILE I 192 -14.37 -30.27 71.75
CA ILE I 192 -14.82 -31.31 70.85
C ILE I 192 -16.12 -31.85 71.40
N PRO I 193 -17.00 -32.35 70.52
CA PRO I 193 -18.30 -32.88 70.95
C PRO I 193 -18.21 -33.89 72.09
N GLU I 194 -18.82 -33.55 73.21
CA GLU I 194 -18.85 -34.39 74.41
C GLU I 194 -18.93 -35.92 74.14
N ASP I 195 -19.74 -36.31 73.17
CA ASP I 195 -19.92 -37.73 72.86
C ASP I 195 -18.89 -38.29 71.87
N THR I 196 -17.75 -37.61 71.74
CA THR I 196 -16.69 -38.07 70.84
C THR I 196 -16.26 -39.46 71.26
N PHE I 197 -15.96 -40.32 70.29
CA PHE I 197 -15.55 -41.69 70.61
C PHE I 197 -14.04 -41.79 70.92
N PHE I 198 -13.72 -42.50 72.00
CA PHE I 198 -12.30 -42.68 72.45
C PHE I 198 -12.01 -44.10 72.86
N PRO I 199 -11.62 -44.94 71.90
CA PRO I 199 -11.20 -46.30 72.24
C PRO I 199 -9.74 -46.28 72.76
N SER I 200 -9.26 -47.37 73.38
CA SER I 200 -7.83 -47.42 73.84
C SER I 200 -7.28 -48.83 74.12
N PRO I 201 -7.60 -49.82 73.25
CA PRO I 201 -7.14 -51.21 73.47
C PRO I 201 -5.88 -51.34 74.33
N ASP J 1 -3.03 -24.64 23.10
CA ASP J 1 -2.50 -23.27 22.88
C ASP J 1 -1.56 -22.92 24.04
N ALA J 2 -0.52 -22.14 23.76
CA ALA J 2 0.50 -21.80 24.80
C ALA J 2 0.26 -20.47 25.52
N GLY J 3 0.26 -20.55 26.84
CA GLY J 3 0.09 -19.37 27.68
C GLY J 3 1.44 -18.72 28.02
N VAL J 4 1.40 -17.75 28.95
CA VAL J 4 2.62 -17.08 29.42
C VAL J 4 3.49 -18.12 30.09
N ILE J 5 4.77 -18.12 29.77
CA ILE J 5 5.70 -19.07 30.38
C ILE J 5 6.74 -18.38 31.29
N GLN J 6 6.82 -18.83 32.55
CA GLN J 6 7.80 -18.30 33.50
C GLN J 6 8.81 -19.35 33.82
N SER J 7 10.03 -18.90 34.04
CA SER J 7 11.12 -19.74 34.38
C SER J 7 11.91 -19.02 35.45
N PRO J 8 12.26 -19.72 36.55
CA PRO J 8 11.94 -21.09 36.82
C PRO J 8 10.71 -21.16 37.72
N ARG J 9 10.19 -22.35 37.96
CA ARG J 9 9.01 -22.49 38.79
C ARG J 9 9.36 -22.29 40.26
N HIS J 10 10.50 -22.87 40.66
CA HIS J 10 11.00 -22.75 42.01
C HIS J 10 12.44 -22.31 41.99
N GLU J 11 12.78 -21.41 42.90
CA GLU J 11 14.15 -20.92 43.02
C GLU J 11 14.51 -20.70 44.46
N VAL J 12 15.37 -21.58 44.97
CA VAL J 12 15.88 -21.54 46.31
C VAL J 12 17.36 -21.25 46.19
N THR J 13 17.79 -20.04 46.50
CA THR J 13 19.20 -19.69 46.35
C THR J 13 19.82 -19.00 47.58
N GLU J 14 21.15 -18.99 47.62
CA GLU J 14 21.94 -18.37 48.70
C GLU J 14 22.03 -16.87 48.48
N MET J 15 21.76 -16.09 49.53
CA MET J 15 21.77 -14.61 49.41
C MET J 15 23.10 -14.06 48.88
N GLY J 16 23.03 -12.87 48.29
CA GLY J 16 24.21 -12.22 47.72
C GLY J 16 24.60 -12.90 46.44
N GLN J 17 23.62 -13.02 45.54
CA GLN J 17 23.81 -13.70 44.27
C GLN J 17 22.85 -13.04 43.29
N GLN J 18 23.00 -13.32 42.01
CA GLN J 18 22.12 -12.73 41.01
C GLN J 18 20.96 -13.70 40.65
N VAL J 19 19.73 -13.31 40.98
CA VAL J 19 18.58 -14.12 40.63
C VAL J 19 18.02 -13.52 39.36
N THR J 20 17.56 -14.36 38.46
CA THR J 20 17.05 -13.90 37.20
C THR J 20 15.76 -14.61 36.87
N LEU J 21 14.65 -13.90 37.01
CA LEU J 21 13.36 -14.46 36.69
C LEU J 21 13.11 -14.18 35.22
N ARG J 22 12.63 -15.18 34.49
CA ARG J 22 12.37 -15.01 33.04
C ARG J 22 10.89 -15.19 32.75
N CYS J 23 10.40 -14.45 31.78
CA CYS J 23 9.04 -14.52 31.39
C CYS J 23 8.90 -14.28 29.91
N LYS J 24 8.15 -15.17 29.26
CA LYS J 24 7.86 -15.09 27.82
C LYS J 24 6.32 -14.96 27.67
N PRO J 25 5.86 -13.86 27.08
CA PRO J 25 4.44 -13.68 27.00
C PRO J 25 3.79 -14.46 25.87
N ILE J 26 2.46 -14.40 25.81
CA ILE J 26 1.70 -15.02 24.72
C ILE J 26 2.01 -14.22 23.44
N SER J 27 2.55 -14.87 22.41
CA SER J 27 2.95 -14.15 21.20
C SER J 27 1.85 -13.20 20.71
N GLY J 28 2.26 -11.99 20.32
CA GLY J 28 1.32 -11.00 19.86
C GLY J 28 0.92 -10.03 20.95
N HIS J 29 1.08 -10.43 22.21
CA HIS J 29 0.78 -9.55 23.34
C HIS J 29 1.89 -8.53 23.43
N ASP J 30 1.53 -7.26 23.55
CA ASP J 30 2.53 -6.20 23.63
C ASP J 30 2.65 -5.55 24.99
N TYR J 31 1.80 -5.95 25.95
CA TYR J 31 1.91 -5.44 27.32
C TYR J 31 2.41 -6.60 28.13
N LEU J 32 3.39 -6.33 28.98
CA LEU J 32 3.91 -7.34 29.87
C LEU J 32 4.07 -6.72 31.28
N PHE J 33 3.49 -7.38 32.27
CA PHE J 33 3.51 -6.91 33.63
C PHE J 33 4.29 -7.86 34.55
N TRP J 34 4.94 -7.31 35.56
CA TRP J 34 5.60 -8.12 36.57
C TRP J 34 4.99 -7.79 37.94
N TYR J 35 4.64 -8.81 38.72
CA TYR J 35 4.08 -8.58 40.08
C TYR J 35 4.86 -9.34 41.14
N ARG J 36 4.71 -8.93 42.41
CA ARG J 36 5.32 -9.67 43.51
C ARG J 36 4.18 -9.96 44.46
N GLN J 37 4.34 -11.00 45.25
CA GLN J 37 3.38 -11.31 46.24
C GLN J 37 4.04 -12.06 47.37
N THR J 38 4.14 -11.41 48.53
CA THR J 38 4.62 -12.07 49.72
C THR J 38 3.28 -12.43 50.30
N MET J 39 3.02 -13.73 50.49
CA MET J 39 1.67 -14.18 50.89
C MET J 39 0.99 -13.58 52.11
N MET J 40 -0.34 -13.47 51.97
CA MET J 40 -1.23 -12.80 52.91
C MET J 40 -1.14 -11.30 52.65
N ARG J 41 -0.54 -11.00 51.50
CA ARG J 41 -0.41 -9.67 50.94
C ARG J 41 -1.11 -9.79 49.62
N GLY J 42 -1.58 -8.68 49.08
CA GLY J 42 -2.15 -8.70 47.77
C GLY J 42 -0.97 -8.68 46.83
N LEU J 43 -1.22 -8.50 45.56
CA LEU J 43 -0.17 -8.42 44.63
C LEU J 43 0.26 -6.98 44.60
N GLU J 44 1.47 -6.74 44.11
CA GLU J 44 1.97 -5.39 43.94
C GLU J 44 2.58 -5.36 42.59
N LEU J 45 2.26 -4.36 41.80
CA LEU J 45 2.87 -4.27 40.48
C LEU J 45 4.25 -3.68 40.66
N LEU J 46 5.23 -4.34 40.07
CA LEU J 46 6.60 -3.88 40.09
C LEU J 46 6.84 -2.99 38.89
N ILE J 47 6.38 -3.42 37.71
CA ILE J 47 6.58 -2.66 36.44
C ILE J 47 5.77 -3.25 35.31
N TYR J 48 5.42 -2.43 34.33
CA TYR J 48 4.80 -2.97 33.12
C TYR J 48 5.33 -2.29 31.90
N PHE J 49 5.58 -3.08 30.88
CA PHE J 49 6.06 -2.59 29.62
C PHE J 49 4.93 -2.60 28.58
N ASN J 50 5.11 -1.77 27.53
CA ASN J 50 4.23 -1.73 26.36
C ASN J 50 5.16 -1.59 25.19
N ASN J 51 5.04 -2.45 24.19
CA ASN J 51 5.96 -2.42 23.05
C ASN J 51 7.40 -2.36 23.53
N ASN J 52 7.68 -3.07 24.60
CA ASN J 52 9.05 -3.17 25.15
C ASN J 52 9.58 -1.96 25.92
N VAL J 53 8.75 -0.98 26.22
CA VAL J 53 9.22 0.20 26.92
C VAL J 53 8.58 0.33 28.27
N PRO J 54 9.39 0.57 29.31
CA PRO J 54 8.84 0.70 30.61
C PRO J 54 7.88 1.87 30.65
N ILE J 55 6.69 1.66 31.16
CA ILE J 55 5.68 2.69 31.21
C ILE J 55 5.46 3.17 32.64
N ASP J 56 5.27 2.23 33.54
CA ASP J 56 5.02 2.54 34.94
C ASP J 56 5.86 1.62 35.78
N ASP J 57 6.97 2.14 36.29
CA ASP J 57 7.85 1.36 37.15
C ASP J 57 7.81 1.90 38.60
N SER J 58 6.69 2.53 38.96
CA SER J 58 6.54 3.13 40.30
C SER J 58 6.65 2.11 41.43
N GLY J 59 6.38 0.83 41.12
CA GLY J 59 6.43 -0.23 42.10
C GLY J 59 7.80 -0.81 42.31
N MET J 60 8.76 -0.46 41.46
CA MET J 60 10.12 -0.98 41.57
C MET J 60 10.86 -0.41 42.75
N PRO J 61 11.44 -1.27 43.57
CA PRO J 61 12.25 -0.77 44.67
C PRO J 61 13.64 -0.36 44.16
N GLU J 62 14.57 -0.04 45.07
CA GLU J 62 15.94 0.31 44.68
C GLU J 62 16.95 -0.79 45.01
N ASP J 63 16.61 -1.72 45.95
CA ASP J 63 17.50 -2.86 46.20
C ASP J 63 17.70 -3.16 44.77
N ARG J 64 18.92 -3.32 44.32
CA ARG J 64 19.09 -3.45 42.90
C ARG J 64 18.16 -4.46 42.25
N PHE J 65 17.01 -3.92 41.84
CA PHE J 65 16.00 -4.60 41.06
C PHE J 65 16.10 -3.94 39.71
N SER J 66 16.00 -4.73 38.66
CA SER J 66 16.10 -4.23 37.29
C SER J 66 15.23 -5.06 36.42
N ALA J 67 14.51 -4.42 35.52
CA ALA J 67 13.61 -5.16 34.62
C ALA J 67 13.76 -4.68 33.21
N LYS J 68 13.80 -5.59 32.25
CA LYS J 68 13.91 -5.20 30.88
C LYS J 68 13.28 -6.15 29.87
N MET J 69 13.04 -5.62 28.67
CA MET J 69 12.49 -6.38 27.54
C MET J 69 13.32 -6.08 26.35
N PRO J 70 14.40 -6.85 26.16
CA PRO J 70 15.21 -6.67 25.00
C PRO J 70 14.40 -6.91 23.70
N ASN J 71 13.35 -7.76 23.76
CA ASN J 71 12.52 -8.04 22.56
C ASN J 71 11.11 -8.33 22.95
N ALA J 72 10.21 -8.27 21.97
CA ALA J 72 8.75 -8.43 22.20
C ALA J 72 8.32 -9.76 22.78
N SER J 73 9.22 -10.73 22.80
CA SER J 73 8.90 -12.08 23.29
C SER J 73 9.71 -12.50 24.53
N PHE J 74 10.23 -11.53 25.30
CA PHE J 74 11.07 -11.86 26.47
C PHE J 74 11.29 -10.64 27.41
N SER J 75 11.07 -10.88 28.70
CA SER J 75 11.32 -9.88 29.74
C SER J 75 12.10 -10.53 30.85
N THR J 76 12.81 -9.72 31.62
CA THR J 76 13.62 -10.25 32.71
C THR J 76 13.56 -9.36 33.93
N LEU J 77 13.48 -10.00 35.09
CA LEU J 77 13.52 -9.29 36.36
C LEU J 77 14.77 -9.81 37.06
N LYS J 78 15.72 -8.92 37.31
CA LYS J 78 16.92 -9.29 38.00
C LYS J 78 16.99 -8.63 39.38
N ILE J 79 17.64 -9.32 40.32
CA ILE J 79 17.81 -8.83 41.69
C ILE J 79 19.23 -9.11 42.07
N GLN J 80 20.04 -8.05 42.15
CA GLN J 80 21.45 -8.18 42.45
C GLN J 80 21.80 -7.08 43.43
N PRO J 81 22.22 -7.43 44.65
CA PRO J 81 22.37 -8.76 45.21
C PRO J 81 21.08 -9.24 45.91
N SER J 82 20.84 -10.54 45.86
CA SER J 82 19.66 -11.11 46.46
C SER J 82 19.75 -11.06 47.99
N GLU J 83 18.58 -10.89 48.62
CA GLU J 83 18.49 -10.83 50.09
C GLU J 83 17.17 -11.54 50.48
N PRO J 84 17.11 -12.14 51.71
CA PRO J 84 15.92 -12.85 52.25
C PRO J 84 14.64 -12.07 52.09
N ARG J 85 14.66 -10.81 52.47
CA ARG J 85 13.52 -9.91 52.31
C ARG J 85 12.92 -9.97 50.90
N ASP J 86 13.77 -10.17 49.90
CA ASP J 86 13.34 -10.22 48.49
C ASP J 86 12.47 -11.42 48.15
N SER J 87 12.49 -12.46 49.00
CA SER J 87 11.70 -13.69 48.71
C SER J 87 10.17 -13.49 48.69
N ALA J 88 9.52 -14.21 47.78
CA ALA J 88 8.09 -14.12 47.55
C ALA J 88 7.78 -14.89 46.27
N VAL J 89 6.54 -14.77 45.81
CA VAL J 89 6.16 -15.36 44.56
C VAL J 89 6.10 -14.18 43.58
N TYR J 90 6.74 -14.29 42.42
CA TYR J 90 6.67 -13.21 41.43
C TYR J 90 5.87 -13.68 40.24
N PHE J 91 4.99 -12.80 39.74
CA PHE J 91 4.15 -13.14 38.58
C PHE J 91 4.41 -12.27 37.37
N CYS J 92 4.18 -12.86 36.22
CA CYS J 92 4.31 -12.18 34.95
C CYS J 92 2.99 -12.30 34.27
N ALA J 93 2.45 -11.19 33.83
CA ALA J 93 1.19 -11.18 33.13
C ALA J 93 1.41 -10.59 31.75
N SER J 94 0.54 -10.92 30.83
CA SER J 94 0.67 -10.47 29.47
C SER J 94 -0.71 -10.04 29.01
N SER J 95 -0.79 -9.08 28.08
CA SER J 95 -2.11 -8.65 27.57
C SER J 95 -2.05 -7.79 26.30
N LEU J 96 -3.25 -7.35 25.89
CA LEU J 96 -3.44 -6.51 24.72
C LEU J 96 -4.37 -5.37 25.10
N TRP J 97 -4.42 -4.34 24.28
CA TRP J 97 -5.24 -3.19 24.55
C TRP J 97 -6.73 -3.57 24.64
N GLU J 98 -7.16 -4.49 23.78
CA GLU J 98 -8.58 -4.94 23.80
C GLU J 98 -8.93 -5.77 25.04
N LYS J 99 -7.94 -6.38 25.66
CA LYS J 99 -8.16 -7.17 26.86
C LYS J 99 -8.10 -6.30 28.14
N LEU J 100 -7.20 -5.31 28.16
CA LEU J 100 -7.05 -4.43 29.32
C LEU J 100 -8.22 -3.40 29.44
N ALA J 101 -9.06 -3.32 28.40
CA ALA J 101 -10.23 -2.43 28.42
C ALA J 101 -11.26 -3.04 29.32
N LYS J 102 -11.14 -4.36 29.50
CA LYS J 102 -12.03 -5.13 30.36
C LYS J 102 -11.19 -5.76 31.48
N ASN J 103 -10.00 -5.19 31.68
CA ASN J 103 -9.05 -5.62 32.69
C ASN J 103 -8.72 -7.10 32.71
N ILE J 104 -8.51 -7.67 31.52
CA ILE J 104 -8.09 -9.06 31.43
C ILE J 104 -6.58 -9.16 31.22
N GLN J 105 -5.94 -9.96 32.04
CA GLN J 105 -4.51 -10.20 31.90
C GLN J 105 -4.30 -11.69 31.93
N TYR J 106 -3.28 -12.12 31.24
CA TYR J 106 -2.95 -13.51 31.18
C TYR J 106 -1.71 -13.65 32.00
N PHE J 107 -1.84 -14.38 33.10
CA PHE J 107 -0.75 -14.60 34.05
C PHE J 107 0.03 -15.84 33.78
N GLY J 108 1.29 -15.82 34.14
CA GLY J 108 2.12 -17.03 34.08
C GLY J 108 1.87 -17.78 35.37
N ALA J 109 2.46 -18.96 35.53
CA ALA J 109 2.26 -19.75 36.77
C ALA J 109 3.09 -19.23 37.97
N GLY J 110 3.84 -18.15 37.78
CA GLY J 110 4.63 -17.56 38.85
C GLY J 110 5.89 -18.31 39.21
N THR J 111 6.75 -17.66 39.98
CA THR J 111 8.00 -18.27 40.43
C THR J 111 8.12 -18.10 41.92
N ARG J 112 8.29 -19.20 42.66
CA ARG J 112 8.50 -19.09 44.12
C ARG J 112 9.94 -18.87 44.35
N LEU J 113 10.26 -17.74 44.98
CA LEU J 113 11.62 -17.39 45.26
C LEU J 113 11.90 -17.50 46.72
N SER J 114 12.90 -18.30 47.07
CA SER J 114 13.37 -18.41 48.47
C SER J 114 14.83 -18.06 48.50
N VAL J 115 15.14 -16.88 49.05
CA VAL J 115 16.52 -16.43 49.21
C VAL J 115 16.88 -16.74 50.65
N LEU J 116 17.84 -17.64 50.83
CA LEU J 116 18.26 -18.05 52.18
C LEU J 116 19.52 -17.31 52.59
N GLU J 117 19.81 -17.34 53.89
CA GLU J 117 21.05 -16.73 54.39
C GLU J 117 22.14 -17.78 54.24
N ASP J 118 21.78 -19.03 54.50
CA ASP J 118 22.71 -20.13 54.45
C ASP J 118 22.02 -21.41 53.95
N LEU J 119 22.63 -22.03 52.94
CA LEU J 119 22.10 -23.24 52.34
C LEU J 119 22.11 -24.49 53.23
N LYS J 120 23.02 -24.55 54.21
CA LYS J 120 23.07 -25.72 55.11
C LYS J 120 21.78 -25.88 55.94
N ASN J 121 20.97 -24.81 55.99
CA ASN J 121 19.67 -24.86 56.65
C ASN J 121 18.65 -25.62 55.82
N VAL J 122 19.03 -25.96 54.59
CA VAL J 122 18.15 -26.67 53.66
C VAL J 122 18.11 -28.14 53.92
N PHE J 123 16.90 -28.70 54.00
CA PHE J 123 16.71 -30.13 54.27
C PHE J 123 15.52 -30.69 53.53
N PRO J 124 15.66 -31.89 52.95
CA PRO J 124 14.54 -32.49 52.27
C PRO J 124 13.63 -33.08 53.33
N PRO J 125 12.41 -33.48 52.96
CA PRO J 125 11.54 -34.04 53.95
C PRO J 125 11.75 -35.52 54.21
N GLU J 126 11.43 -35.93 55.42
CA GLU J 126 11.40 -37.34 55.80
C GLU J 126 9.90 -37.64 55.60
N VAL J 127 9.56 -38.79 55.03
CA VAL J 127 8.12 -39.09 54.82
C VAL J 127 7.70 -40.40 55.50
N ALA J 128 6.54 -40.37 56.20
CA ALA J 128 6.01 -41.56 56.90
C ALA J 128 4.54 -41.76 56.64
N VAL J 129 4.16 -43.02 56.45
CA VAL J 129 2.76 -43.41 56.22
C VAL J 129 2.27 -44.13 57.45
N PHE J 130 1.13 -43.71 57.98
CA PHE J 130 0.56 -44.34 59.17
C PHE J 130 -0.67 -45.15 58.80
N GLU J 131 -0.71 -46.39 59.23
CA GLU J 131 -1.79 -47.30 58.88
C GLU J 131 -3.09 -47.06 59.65
N PRO J 132 -4.24 -47.42 59.06
CA PRO J 132 -5.56 -47.30 59.67
C PRO J 132 -5.73 -48.10 60.94
N SER J 133 -6.48 -47.53 61.87
CA SER J 133 -6.80 -48.15 63.16
C SER J 133 -7.88 -49.22 62.93
N GLU J 134 -7.82 -50.35 63.67
CA GLU J 134 -8.88 -51.36 63.50
C GLU J 134 -10.13 -50.79 64.15
N ALA J 135 -9.92 -49.95 65.17
CA ALA J 135 -11.00 -49.28 65.86
C ALA J 135 -11.81 -48.44 64.87
N GLU J 136 -11.13 -47.84 63.90
CA GLU J 136 -11.80 -47.07 62.88
C GLU J 136 -12.46 -48.00 61.85
N ILE J 137 -11.79 -49.09 61.51
CA ILE J 137 -12.29 -50.02 60.52
C ILE J 137 -13.55 -50.75 60.93
N SER J 138 -13.56 -51.33 62.12
CA SER J 138 -14.71 -52.07 62.59
C SER J 138 -15.81 -51.14 63.15
N HIS J 139 -15.52 -49.84 63.27
CA HIS J 139 -16.52 -48.89 63.76
C HIS J 139 -17.13 -48.05 62.64
N THR J 140 -16.44 -47.98 61.50
CA THR J 140 -16.92 -47.19 60.37
C THR J 140 -16.78 -47.88 59.01
N GLN J 141 -16.23 -49.09 58.98
CA GLN J 141 -16.02 -49.81 57.71
C GLN J 141 -15.26 -48.95 56.70
N LYS J 142 -14.44 -48.03 57.22
CA LYS J 142 -13.60 -47.18 56.39
C LYS J 142 -12.21 -47.13 57.04
N ALA J 143 -11.19 -46.94 56.22
CA ALA J 143 -9.82 -46.92 56.69
C ALA J 143 -9.13 -45.63 56.27
N THR J 144 -8.62 -44.90 57.25
CA THR J 144 -7.94 -43.67 56.99
C THR J 144 -6.43 -43.82 57.15
N LEU J 145 -5.69 -43.55 56.07
CA LEU J 145 -4.23 -43.59 56.12
C LEU J 145 -3.78 -42.18 56.24
N VAL J 146 -2.73 -41.95 57.04
CA VAL J 146 -2.17 -40.62 57.22
C VAL J 146 -0.72 -40.59 56.76
N CYS J 147 -0.38 -39.59 55.98
CA CYS J 147 0.96 -39.39 55.54
C CYS J 147 1.45 -38.15 56.19
N LEU J 148 2.64 -38.23 56.77
CA LEU J 148 3.22 -37.12 57.43
C LEU J 148 4.62 -36.86 56.78
N ALA J 149 4.86 -35.60 56.38
CA ALA J 149 6.16 -35.19 55.85
C ALA J 149 6.82 -34.32 56.95
N THR J 150 8.08 -34.61 57.29
CA THR J 150 8.74 -33.82 58.39
C THR J 150 10.19 -33.38 58.16
N GLY J 151 10.56 -32.32 58.89
CA GLY J 151 11.92 -31.76 58.88
C GLY J 151 12.44 -31.20 57.57
N PHE J 152 11.59 -30.56 56.78
CA PHE J 152 12.05 -29.99 55.52
C PHE J 152 12.20 -28.49 55.56
N TYR J 153 13.06 -27.99 54.69
CA TYR J 153 13.33 -26.57 54.58
C TYR J 153 14.02 -26.27 53.24
N PRO J 154 13.52 -25.26 52.51
CA PRO J 154 12.36 -24.43 52.82
C PRO J 154 11.07 -25.20 52.56
N ASP J 155 9.92 -24.51 52.55
CA ASP J 155 8.62 -25.17 52.42
C ASP J 155 8.05 -25.31 50.99
N HIS J 156 8.90 -25.68 50.03
CA HIS J 156 8.47 -25.88 48.66
C HIS J 156 8.12 -27.37 48.50
N VAL J 157 6.89 -27.79 48.82
CA VAL J 157 6.53 -29.20 48.68
C VAL J 157 5.18 -29.45 48.04
N GLU J 158 5.03 -30.62 47.40
CA GLU J 158 3.80 -31.02 46.73
C GLU J 158 3.55 -32.47 47.03
N LEU J 159 2.53 -32.76 47.82
CA LEU J 159 2.28 -34.13 48.26
C LEU J 159 1.23 -34.79 47.38
N SER J 160 1.40 -36.09 47.14
CA SER J 160 0.49 -36.85 46.27
C SER J 160 0.38 -38.28 46.73
N TRP J 161 -0.80 -38.85 46.55
CA TRP J 161 -1.05 -40.22 46.91
C TRP J 161 -1.08 -41.07 45.69
N TRP J 162 -0.62 -42.32 45.81
CA TRP J 162 -0.58 -43.24 44.69
C TRP J 162 -1.10 -44.62 45.07
N VAL J 163 -2.11 -45.07 44.32
CA VAL J 163 -2.74 -46.35 44.57
C VAL J 163 -2.52 -47.28 43.41
N ASN J 164 -1.72 -48.31 43.64
CA ASN J 164 -1.41 -49.32 42.61
C ASN J 164 -0.58 -48.75 41.44
N GLY J 165 -0.03 -47.54 41.62
CA GLY J 165 0.79 -46.90 40.60
C GLY J 165 0.12 -45.72 39.91
N LYS J 166 -1.04 -45.30 40.41
CA LYS J 166 -1.78 -44.18 39.82
C LYS J 166 -2.23 -43.17 40.88
N GLU J 167 -2.01 -41.89 40.60
CA GLU J 167 -2.37 -40.82 41.54
C GLU J 167 -3.87 -40.79 41.75
N VAL J 168 -4.28 -40.77 43.02
CA VAL J 168 -5.71 -40.70 43.38
C VAL J 168 -6.01 -39.35 43.96
N HIS J 169 -7.12 -38.76 43.54
CA HIS J 169 -7.52 -37.43 44.03
C HIS J 169 -8.77 -37.48 44.90
N SER J 170 -9.48 -38.60 44.83
CA SER J 170 -10.68 -38.81 45.63
C SER J 170 -10.27 -39.34 47.00
N GLY J 171 -11.00 -38.91 48.03
CA GLY J 171 -10.76 -39.35 49.42
C GLY J 171 -9.44 -38.89 49.99
N VAL J 172 -8.93 -37.78 49.48
CA VAL J 172 -7.64 -37.24 49.90
C VAL J 172 -7.79 -35.83 50.35
N CYS J 173 -7.03 -35.47 51.40
CA CYS J 173 -7.05 -34.12 51.95
C CYS J 173 -5.64 -33.81 52.36
N THR J 174 -5.17 -32.65 52.00
CA THR J 174 -3.82 -32.24 52.37
C THR J 174 -3.89 -30.87 52.95
N ASP J 175 -3.13 -30.64 54.01
CA ASP J 175 -3.15 -29.34 54.69
C ASP J 175 -2.94 -28.18 53.74
N PRO J 176 -3.68 -27.09 53.96
CA PRO J 176 -3.53 -25.90 53.13
C PRO J 176 -2.08 -25.40 53.02
N GLN J 177 -1.36 -25.45 54.15
CA GLN J 177 0.03 -24.97 54.24
C GLN J 177 0.84 -25.80 55.24
N PRO J 178 2.16 -25.92 55.02
CA PRO J 178 3.01 -26.63 55.97
C PRO J 178 3.11 -25.85 57.28
N LEU J 179 3.34 -26.53 58.38
CA LEU J 179 3.45 -25.83 59.65
C LEU J 179 4.88 -25.88 60.19
N LYS J 180 5.25 -24.81 60.90
CA LYS J 180 6.57 -24.68 61.50
C LYS J 180 6.71 -25.61 62.68
N GLU J 181 7.78 -26.40 62.68
CA GLU J 181 8.05 -27.29 63.79
C GLU J 181 8.47 -26.49 65.02
N GLN J 182 9.00 -25.29 64.80
CA GLN J 182 9.44 -24.42 65.88
C GLN J 182 9.18 -22.93 65.55
N PRO J 183 8.00 -22.42 65.95
CA PRO J 183 7.60 -21.02 65.70
C PRO J 183 8.59 -19.97 66.21
N ALA J 184 9.24 -20.24 67.32
CA ALA J 184 10.20 -19.31 67.89
C ALA J 184 11.39 -19.07 66.92
N LEU J 185 11.68 -20.06 66.07
CA LEU J 185 12.81 -19.93 65.13
C LEU J 185 12.42 -19.44 63.75
N ASN J 186 13.06 -18.35 63.34
CA ASN J 186 12.84 -17.72 62.04
C ASN J 186 13.08 -18.71 60.92
N ASP J 187 14.11 -19.55 61.10
CA ASP J 187 14.47 -20.55 60.09
C ASP J 187 13.96 -21.95 60.44
N SER J 188 12.85 -22.01 61.16
CA SER J 188 12.25 -23.28 61.55
C SER J 188 11.98 -24.19 60.36
N ARG J 189 12.15 -25.50 60.57
CA ARG J 189 11.82 -26.46 59.53
C ARG J 189 10.33 -26.65 59.55
N TYR J 190 9.82 -27.32 58.52
CA TYR J 190 8.39 -27.51 58.38
C TYR J 190 7.97 -28.98 58.37
N ALA J 191 6.68 -29.19 58.70
CA ALA J 191 6.07 -30.52 58.64
C ALA J 191 4.76 -30.37 57.84
N LEU J 192 4.31 -31.44 57.20
CA LEU J 192 3.06 -31.40 56.42
C LEU J 192 2.33 -32.72 56.54
N SER J 193 1.00 -32.65 56.47
CA SER J 193 0.15 -33.81 56.67
C SER J 193 -0.88 -34.00 55.57
N SER J 194 -1.23 -35.25 55.30
CA SER J 194 -2.27 -35.55 54.31
C SER J 194 -2.99 -36.79 54.73
N ARG J 195 -4.26 -36.93 54.33
CA ARG J 195 -5.04 -38.11 54.67
C ARG J 195 -5.61 -38.72 53.42
N LEU J 196 -5.71 -40.04 53.42
CA LEU J 196 -6.35 -40.77 52.34
C LEU J 196 -7.22 -41.82 53.01
N ARG J 197 -8.54 -41.67 52.88
CA ARG J 197 -9.45 -42.64 53.46
C ARG J 197 -9.98 -43.50 52.33
N VAL J 198 -10.04 -44.80 52.56
CA VAL J 198 -10.56 -45.74 51.59
C VAL J 198 -11.45 -46.67 52.36
N SER J 199 -12.23 -47.48 51.66
CA SER J 199 -13.15 -48.41 52.35
C SER J 199 -12.33 -49.43 53.11
N ALA J 200 -12.90 -49.93 54.20
CA ALA J 200 -12.23 -50.92 55.02
C ALA J 200 -11.83 -52.10 54.18
N THR J 201 -12.79 -52.60 53.42
CA THR J 201 -12.56 -53.75 52.55
C THR J 201 -11.35 -53.52 51.59
N PHE J 202 -11.32 -52.36 50.93
CA PHE J 202 -10.21 -52.03 50.00
C PHE J 202 -8.84 -52.12 50.69
N TRP J 203 -8.76 -51.67 51.93
CA TRP J 203 -7.52 -51.72 52.73
C TRP J 203 -7.14 -53.17 53.16
N GLN J 204 -8.15 -54.02 53.35
CA GLN J 204 -7.93 -55.41 53.77
C GLN J 204 -7.41 -56.35 52.66
N ASP J 205 -7.03 -55.78 51.51
CA ASP J 205 -6.57 -56.58 50.38
C ASP J 205 -5.07 -56.35 50.14
N PRO J 206 -4.24 -57.41 50.30
CA PRO J 206 -2.79 -57.26 50.09
C PRO J 206 -2.45 -56.91 48.65
N ARG J 207 -3.41 -57.07 47.75
CA ARG J 207 -3.21 -56.71 46.35
C ARG J 207 -2.94 -55.21 46.26
N ASN J 208 -3.63 -54.44 47.10
CA ASN J 208 -3.53 -52.98 47.09
C ASN J 208 -2.29 -52.38 47.72
N HIS J 209 -1.67 -51.49 46.96
CA HIS J 209 -0.47 -50.79 47.35
C HIS J 209 -0.79 -49.33 47.54
N PHE J 210 -0.27 -48.73 48.61
CA PHE J 210 -0.48 -47.32 48.91
C PHE J 210 0.85 -46.65 49.02
N ARG J 211 0.99 -45.49 48.36
CA ARG J 211 2.25 -44.76 48.40
C ARG J 211 2.03 -43.29 48.56
N CYS J 212 2.72 -42.72 49.54
CA CYS J 212 2.69 -41.29 49.74
C CYS J 212 3.94 -40.70 49.08
N GLN J 213 3.76 -39.60 48.41
CA GLN J 213 4.85 -38.96 47.73
C GLN J 213 4.90 -37.47 48.03
N VAL J 214 6.14 -36.96 48.20
CA VAL J 214 6.35 -35.54 48.45
C VAL J 214 7.45 -34.97 47.57
N GLN J 215 7.07 -34.21 46.55
CA GLN J 215 8.05 -33.52 45.72
C GLN J 215 8.63 -32.37 46.55
N PHE J 216 9.93 -32.18 46.47
CA PHE J 216 10.61 -31.15 47.23
C PHE J 216 11.53 -30.41 46.32
N TYR J 217 11.47 -29.09 46.40
CA TYR J 217 12.31 -28.25 45.58
C TYR J 217 13.39 -27.66 46.46
N GLY J 218 14.63 -27.93 46.10
CA GLY J 218 15.75 -27.48 46.86
C GLY J 218 16.88 -27.04 46.00
N LEU J 219 18.04 -27.64 46.22
CA LEU J 219 19.24 -27.26 45.51
C LEU J 219 19.35 -27.90 44.15
N SER J 220 20.30 -27.40 43.37
CA SER J 220 20.61 -27.89 42.06
C SER J 220 22.12 -28.10 41.99
N GLU J 221 22.59 -28.64 40.86
CA GLU J 221 24.02 -28.93 40.69
C GLU J 221 24.95 -27.69 40.79
N ASN J 222 24.47 -26.52 40.33
CA ASN J 222 25.29 -25.29 40.37
C ASN J 222 25.64 -24.88 41.82
N ASP J 223 24.81 -25.31 42.77
CA ASP J 223 25.00 -24.98 44.18
C ASP J 223 26.13 -25.78 44.79
N GLU J 224 27.00 -25.08 45.54
CA GLU J 224 28.13 -25.70 46.23
C GLU J 224 27.65 -26.61 47.34
N TRP J 225 28.36 -27.72 47.55
CA TRP J 225 28.07 -28.62 48.65
C TRP J 225 29.36 -29.27 49.14
N THR J 226 29.71 -28.95 50.38
CA THR J 226 30.95 -29.46 50.98
C THR J 226 30.73 -30.39 52.16
N GLN J 227 29.52 -30.37 52.72
CA GLN J 227 29.20 -31.22 53.87
C GLN J 227 28.90 -32.66 53.47
N ASP J 228 28.91 -33.56 54.45
CA ASP J 228 28.68 -34.97 54.18
C ASP J 228 27.22 -35.36 54.37
N ARG J 229 26.36 -34.66 53.65
CA ARG J 229 24.93 -34.91 53.63
C ARG J 229 24.53 -34.96 52.19
N ALA J 230 23.84 -36.02 51.78
CA ALA J 230 23.40 -36.08 50.41
C ALA J 230 22.90 -34.66 50.07
N LYS J 231 23.38 -34.10 48.97
CA LYS J 231 22.94 -32.75 48.56
C LYS J 231 21.44 -32.62 48.70
N PRO J 232 20.96 -31.63 49.49
CA PRO J 232 19.52 -31.42 49.62
C PRO J 232 18.91 -30.85 48.31
N VAL J 233 19.04 -31.61 47.24
CA VAL J 233 18.54 -31.22 45.90
C VAL J 233 17.07 -31.50 45.72
N THR J 234 16.50 -30.99 44.65
CA THR J 234 15.12 -31.27 44.31
C THR J 234 15.00 -32.79 44.18
N GLN J 235 14.08 -33.40 44.90
CA GLN J 235 13.94 -34.84 44.89
C GLN J 235 12.59 -35.31 45.35
N ILE J 236 12.29 -36.57 45.10
CA ILE J 236 11.04 -37.18 45.56
C ILE J 236 11.36 -38.11 46.73
N VAL J 237 10.50 -38.10 47.73
CA VAL J 237 10.67 -38.96 48.91
C VAL J 237 9.33 -39.62 49.08
N SER J 238 9.35 -40.91 49.38
CA SER J 238 8.10 -41.65 49.51
C SER J 238 8.10 -42.61 50.66
N ALA J 239 6.90 -42.98 51.07
CA ALA J 239 6.68 -43.98 52.09
C ALA J 239 5.49 -44.77 51.61
N GLU J 240 5.50 -46.08 51.83
CA GLU J 240 4.45 -46.94 51.32
C GLU J 240 3.96 -47.96 52.32
N ALA J 241 2.90 -48.67 51.93
CA ALA J 241 2.30 -49.72 52.76
C ALA J 241 1.31 -50.54 51.95
N TRP J 242 1.33 -51.86 52.17
CA TRP J 242 0.39 -52.78 51.50
C TRP J 242 -0.75 -53.08 52.46
N GLY J 243 -1.95 -53.24 51.92
CA GLY J 243 -3.11 -53.56 52.73
C GLY J 243 -2.89 -54.79 53.61
N ARG J 244 -3.23 -54.70 54.90
CA ARG J 244 -3.10 -55.83 55.80
C ARG J 244 -4.25 -56.78 55.55
N ALA J 245 -3.93 -58.05 55.34
CA ALA J 245 -4.94 -59.08 55.10
C ALA J 245 -6.03 -58.99 56.17
N ASP J 246 -5.63 -58.86 57.43
CA ASP J 246 -6.58 -58.78 58.54
C ASP J 246 -7.05 -57.35 58.81
S SO4 K . 9.71 21.85 -43.58
O1 SO4 K . 10.81 21.10 -42.97
O2 SO4 K . 10.20 22.62 -44.73
O3 SO4 K . 8.68 20.92 -44.03
O4 SO4 K . 9.14 22.78 -42.59
S SO4 L . 25.40 -4.87 -33.27
O1 SO4 L . 25.88 -6.08 -33.93
O2 SO4 L . 26.54 -4.10 -32.76
O3 SO4 L . 24.52 -5.26 -32.15
O4 SO4 L . 24.63 -4.05 -34.21
S SO4 M . -15.51 33.68 9.68
O1 SO4 M . -16.75 34.07 9.01
O2 SO4 M . -14.38 33.88 8.77
O3 SO4 M . -15.59 32.27 10.09
O4 SO4 M . -15.32 34.49 10.88
C1 GOL N . 5.49 8.82 33.06
O1 GOL N . 6.50 9.64 33.59
C2 GOL N . 6.01 7.43 32.61
O2 GOL N . 5.46 7.08 31.34
C3 GOL N . 7.57 7.33 32.60
O3 GOL N . 8.02 6.06 33.09
#